data_8VQ2
#
_entry.id   8VQ2
#
_cell.length_a   180.628
_cell.length_b   180.628
_cell.length_c   231.875
_cell.angle_alpha   90.00
_cell.angle_beta   90.00
_cell.angle_gamma   90.00
#
_symmetry.space_group_name_H-M   'P 41'
#
loop_
_entity.id
_entity.type
_entity.pdbx_description
1 polymer 'DNA polymerase'
2 polymer "DNA (5'-D(P*TP*GP*GP*TP*AP*GP*GP*GP*GP*AP*AP*GP*GP*AP*T)-3')"
3 polymer "DNA (5'-D(P*AP*TP*CP*CP*TP*TP*CP*CP*CP*CP*TP*AP*C)-3')"
4 non-polymer 2-(4-bromophenyl)-N-(3-methoxy-4-{[(4S)-2-oxo-1,3-oxazolidin-4-yl]methyl}phenyl)acetamide
#
loop_
_entity_poly.entity_id
_entity_poly.type
_entity_poly.pdbx_seq_one_letter_code
_entity_poly.pdbx_strand_id
1 'polypeptide(L)'
;LEVLFQGPNFYNPYLAPVGTQQKPTGPTQRHTYYSECDEFRFIAPRVLDEDAPPEKRAGVHDGHLKRAPKVYCGGDERDV
LRVGSGGFWPRRSRLWGGVDHAPAGFNPTVTVFHVYDILENVEHAYGMRAAQFHARFMDAITPTGTVITLLGLTPEGHRV
AVHVYGTRQYFYMNKEEVDRHLQCRAPRDLCERMAAALRESPGASFRGISADHFEAEVVERTDVYYYETRPALFYRVYVR
SGRVLSYLCDNFCPAIKKYEGGVDATTRFILDNPGFVTFGWYRLKPGRNNTLAQPRAPMAFGTSSDVEFNCTADNLAIEG
GMSDLPAYKLMCFDIACKAGGEDELAFPVAGHPEDLVIQISCLLYDLSTTALEHVLLFSLGSCDLPESHLNELAARGLPT
PVVLEFDSEFEMLLAFMTLVKQYGPEFVTGYNIINFDWPFLLAKLTDIYKVPLDGYGRMNGRGVFRVWDIGQSHFQKRSK
IKVNGMVNIDMYGIITDKIKLSSYKLNAVAEAVLKDKKKDLSYRDIPAYYAAGPAQRGVIGEYCIQDSLLVGQLFFKFLP
HLELSAVARLAGINITRTIYDGQQIRVFTCLLRLADQKGFILPDTQGRFRGAGGEAPKRPAAAREDEERPEEEGEDEDER
EEGGGEREPEGARETAGRHVGYQGARVHDPTSGFHVNPVVGFDFASLYPSIIQAHNLCFSTLSLRADAVAHLEAGKDYLE
IEVGGRRLFFVKAHVRESLLSILLRDWLAMRKQIRSRIPQSSPEEAVLLDKQQAAIKVVCNSVYGFTGVQHGLLPCLHVA
ATVTTIGREMLLATREYVHARWAAFEQLLADFPEAADMRAPGPYSMRIIYGDTDSIFVLCRGLTAAGLTAMGDKMASHIS
RALFLPPIKLECEKTFTKLLLIAKKKYIGVIYGGKMLIKGVDLVRKNNCAFINRTSRALVDLLFYDDTVSGAAAALAERP
AEEWLARPLPEGLQAFGAVLVDAHRRITDPERDIQDFVLTAELSRHPRAYTNKRLAHLTVYYKLMARRAQVPSIKDRIPY
VIVAQTREVEETVARLAALRELDAAAPGDEPAPPAALPSPAKRPRETPSHADPPGGASKPRKLLVSELAEDPAYAIAHGV
ALNTDYYFSHLLGAACVTFKALFGNNAKITESLLKRFIPEVWH
;
A,B
2 'polydeoxyribonucleotide' (DT)(DG)(DG)(DT)(DA)(DG)(DG)(DG)(DG)(DA)(DA)(DG)(DG)(DA)(DT) C,E
3 'polydeoxyribonucleotide' (DA)(DT)(DC)(DC)(DT)(DT)(DC)(DC)(DC)(DC)(DT)(DA)(DC) D,F
#
# COMPACT_ATOMS: atom_id res chain seq x y z
N THR A 25 -23.41 24.78 29.67
CA THR A 25 -23.05 26.18 29.60
C THR A 25 -23.70 26.83 28.39
N GLY A 26 -23.89 26.03 27.34
CA GLY A 26 -24.37 26.54 26.07
C GLY A 26 -23.35 26.29 24.97
N PRO A 27 -23.74 26.48 23.72
CA PRO A 27 -22.81 26.26 22.62
C PRO A 27 -21.68 27.28 22.63
N THR A 28 -20.53 26.86 22.11
CA THR A 28 -19.41 27.78 21.95
C THR A 28 -19.39 28.43 20.57
N GLN A 29 -19.97 27.78 19.57
CA GLN A 29 -20.09 28.32 18.22
C GLN A 29 -21.59 28.39 17.90
N ARG A 30 -22.12 29.61 17.85
CA ARG A 30 -23.57 29.80 17.79
C ARG A 30 -24.17 29.11 16.58
N HIS A 31 -25.14 28.23 16.84
CA HIS A 31 -25.85 27.55 15.76
C HIS A 31 -26.81 28.51 15.08
N THR A 32 -26.63 28.73 13.78
CA THR A 32 -27.41 29.71 13.04
C THR A 32 -28.55 29.10 12.23
N TYR A 33 -28.62 27.77 12.15
CA TYR A 33 -29.78 27.15 11.52
C TYR A 33 -30.99 27.29 12.42
N TYR A 34 -32.15 27.55 11.82
CA TYR A 34 -33.36 27.80 12.60
C TYR A 34 -33.77 26.53 13.35
N SER A 35 -33.78 26.63 14.67
CA SER A 35 -34.34 25.60 15.55
C SER A 35 -35.58 26.07 16.29
N GLU A 36 -35.82 27.38 16.35
CA GLU A 36 -37.01 27.95 16.93
C GLU A 36 -37.61 28.97 15.97
N CYS A 37 -38.94 29.03 15.94
CA CYS A 37 -39.62 30.02 15.11
C CYS A 37 -41.00 30.28 15.69
N ASP A 38 -41.36 31.57 15.78
CA ASP A 38 -42.64 31.99 16.35
C ASP A 38 -43.49 32.82 15.39
N GLU A 39 -42.91 33.36 14.32
CA GLU A 39 -43.66 34.22 13.41
C GLU A 39 -42.93 34.27 12.07
N PHE A 40 -43.68 34.22 10.98
CA PHE A 40 -43.10 34.14 9.66
C PHE A 40 -44.02 34.76 8.63
N ARG A 41 -43.48 34.96 7.43
CA ARG A 41 -44.24 35.46 6.29
C ARG A 41 -44.98 34.29 5.64
N PHE A 42 -46.31 34.36 5.66
CA PHE A 42 -47.17 33.30 5.13
C PHE A 42 -47.56 33.68 3.70
N ILE A 43 -47.24 32.82 2.75
CA ILE A 43 -47.63 32.97 1.35
C ILE A 43 -48.14 31.62 0.86
N ALA A 44 -49.33 31.62 0.25
CA ALA A 44 -49.95 30.38 -0.22
C ALA A 44 -51.04 30.73 -1.20
N PRO A 45 -51.32 29.87 -2.18
CA PRO A 45 -52.32 30.22 -3.20
C PRO A 45 -53.74 30.06 -2.67
N ARG A 46 -54.58 31.06 -2.99
CA ARG A 46 -55.99 31.01 -2.57
C ARG A 46 -56.75 29.88 -3.25
N VAL A 47 -56.21 29.32 -4.35
CA VAL A 47 -56.88 28.25 -5.06
C VAL A 47 -57.01 27.00 -4.19
N LEU A 48 -56.27 26.91 -3.09
CA LEU A 48 -56.34 25.77 -2.19
C LEU A 48 -57.42 25.93 -1.12
N ASP A 49 -58.11 27.07 -1.07
CA ASP A 49 -59.15 27.32 -0.09
C ASP A 49 -60.50 26.94 -0.68
N GLU A 50 -61.11 25.88 -0.17
CA GLU A 50 -62.37 25.40 -0.72
C GLU A 50 -63.56 26.16 -0.15
N ASP A 51 -63.54 26.48 1.14
CA ASP A 51 -64.64 27.21 1.75
C ASP A 51 -64.75 28.65 1.24
N ALA A 52 -63.72 29.15 0.54
CA ALA A 52 -63.82 30.43 -0.13
C ALA A 52 -64.60 30.27 -1.43
N PRO A 53 -65.30 31.30 -1.88
CA PRO A 53 -66.05 31.21 -3.13
C PRO A 53 -65.12 31.00 -4.30
N PRO A 54 -65.50 30.20 -5.30
CA PRO A 54 -64.64 29.98 -6.46
C PRO A 54 -64.26 31.26 -7.21
N GLU A 55 -64.75 32.41 -6.77
CA GLU A 55 -64.36 33.70 -7.33
C GLU A 55 -63.31 34.42 -6.51
N LYS A 56 -63.31 34.24 -5.18
CA LYS A 56 -62.29 34.83 -4.31
C LYS A 56 -61.15 33.86 -4.03
N ARG A 57 -60.72 33.11 -5.06
CA ARG A 57 -59.66 32.12 -4.91
C ARG A 57 -58.56 32.25 -5.94
N ALA A 58 -58.61 33.29 -6.78
CA ALA A 58 -57.62 33.43 -7.85
C ALA A 58 -56.28 33.92 -7.30
N GLY A 59 -56.30 34.96 -6.48
CA GLY A 59 -55.08 35.55 -5.95
C GLY A 59 -54.28 34.63 -5.06
N VAL A 60 -53.32 35.19 -4.33
CA VAL A 60 -52.43 34.41 -3.47
C VAL A 60 -52.27 35.12 -2.14
N HIS A 61 -52.64 34.45 -1.05
CA HIS A 61 -52.46 34.98 0.29
C HIS A 61 -50.99 35.30 0.55
N ASP A 62 -50.73 36.54 0.99
CA ASP A 62 -49.40 37.00 1.37
C ASP A 62 -49.53 37.91 2.57
N GLY A 63 -48.82 37.60 3.65
CA GLY A 63 -48.86 38.44 4.82
C GLY A 63 -48.22 37.83 6.04
N HIS A 64 -47.87 38.67 7.01
CA HIS A 64 -47.22 38.20 8.22
C HIS A 64 -48.18 37.37 9.08
N LEU A 65 -47.62 36.41 9.81
CA LEU A 65 -48.38 35.56 10.70
C LEU A 65 -47.51 35.22 11.91
N LYS A 66 -48.15 35.00 13.05
CA LYS A 66 -47.45 34.74 14.31
C LYS A 66 -47.91 33.40 14.89
N ARG A 67 -47.45 32.31 14.26
CA ARG A 67 -47.77 30.95 14.68
C ARG A 67 -46.55 30.07 14.47
N ALA A 68 -46.40 29.05 15.31
CA ALA A 68 -45.26 28.14 15.20
C ALA A 68 -45.37 27.32 13.92
N PRO A 69 -44.31 27.24 13.12
CA PRO A 69 -44.38 26.45 11.89
C PRO A 69 -44.68 24.98 12.16
N LYS A 70 -45.56 24.40 11.35
CA LYS A 70 -46.03 23.05 11.56
C LYS A 70 -46.08 22.30 10.23
N VAL A 71 -46.13 20.98 10.33
CA VAL A 71 -46.17 20.09 9.17
C VAL A 71 -47.15 18.95 9.47
N TYR A 72 -47.96 18.61 8.46
CA TYR A 72 -48.98 17.58 8.55
C TYR A 72 -48.52 16.34 7.80
N CYS A 73 -48.68 15.18 8.43
CA CYS A 73 -48.36 13.90 7.81
C CYS A 73 -49.35 12.86 8.31
N GLY A 74 -50.05 12.22 7.37
CA GLY A 74 -50.97 11.14 7.67
C GLY A 74 -51.96 11.42 8.78
N GLY A 75 -52.62 12.57 8.71
CA GLY A 75 -53.59 12.96 9.72
C GLY A 75 -53.02 13.51 11.01
N ASP A 76 -51.75 13.24 11.29
CA ASP A 76 -51.11 13.79 12.47
C ASP A 76 -50.34 15.07 12.11
N GLU A 77 -50.04 15.87 13.13
CA GLU A 77 -49.35 17.12 12.89
C GLU A 77 -48.25 17.31 13.94
N ARG A 78 -47.15 17.92 13.52
CA ARG A 78 -46.06 18.21 14.43
C ARG A 78 -45.35 19.48 13.98
N ASP A 79 -44.78 20.20 14.93
CA ASP A 79 -44.01 21.39 14.58
C ASP A 79 -42.82 20.99 13.72
N VAL A 80 -42.46 21.88 12.79
CA VAL A 80 -41.36 21.60 11.86
C VAL A 80 -40.06 21.42 12.63
N LEU A 81 -39.69 22.43 13.41
CA LEU A 81 -38.46 22.42 14.18
C LEU A 81 -38.58 21.63 15.48
N ARG A 82 -39.57 20.75 15.57
CA ARG A 82 -39.70 19.83 16.69
C ARG A 82 -38.94 18.55 16.36
N VAL A 83 -38.05 18.15 17.27
CA VAL A 83 -37.15 17.04 17.05
C VAL A 83 -37.26 16.07 18.21
N GLY A 84 -37.50 14.79 17.91
CA GLY A 84 -37.51 13.78 18.94
C GLY A 84 -38.46 12.64 18.71
N SER A 85 -39.21 12.30 19.76
CA SER A 85 -40.09 11.13 19.85
C SER A 85 -40.68 10.70 18.51
N GLY A 86 -41.49 11.57 17.91
CA GLY A 86 -42.12 11.24 16.64
C GLY A 86 -41.66 12.12 15.50
N GLY A 87 -41.01 11.52 14.50
CA GLY A 87 -40.59 12.25 13.33
C GLY A 87 -41.22 11.73 12.05
N PHE A 88 -41.33 12.59 11.04
CA PHE A 88 -41.89 12.19 9.75
C PHE A 88 -40.80 11.81 8.74
N TRP A 89 -39.65 12.45 8.83
CA TRP A 89 -38.47 12.19 8.01
C TRP A 89 -37.39 11.53 8.87
N PRO A 90 -36.41 10.87 8.24
CA PRO A 90 -35.31 10.29 9.04
C PRO A 90 -34.33 11.36 9.48
N ARG A 91 -33.67 11.10 10.61
CA ARG A 91 -32.77 12.06 11.22
C ARG A 91 -31.46 11.39 11.59
N ARG A 92 -30.35 12.04 11.20
CA ARG A 92 -29.01 11.59 11.57
C ARG A 92 -28.30 12.61 12.44
N SER A 93 -29.05 13.51 13.08
CA SER A 93 -28.47 14.57 13.88
C SER A 93 -28.28 14.12 15.32
N ARG A 94 -27.33 14.78 15.99
CA ARG A 94 -27.18 14.64 17.43
C ARG A 94 -27.56 15.95 18.10
N LEU A 95 -26.69 16.95 18.01
CA LEU A 95 -27.02 18.27 18.53
C LEU A 95 -28.11 18.91 17.69
N TRP A 96 -29.06 19.54 18.36
CA TRP A 96 -30.05 20.40 17.70
C TRP A 96 -30.37 21.55 18.65
N GLY A 97 -29.66 22.66 18.47
CA GLY A 97 -29.85 23.82 19.31
C GLY A 97 -29.49 23.58 20.76
N GLY A 98 -28.26 23.15 21.01
CA GLY A 98 -27.81 22.96 22.38
C GLY A 98 -28.49 21.84 23.12
N VAL A 99 -29.19 20.95 22.42
CA VAL A 99 -29.82 19.77 23.02
C VAL A 99 -29.07 18.55 22.55
N ASP A 100 -28.68 17.69 23.50
CA ASP A 100 -27.90 16.50 23.18
C ASP A 100 -28.86 15.33 23.00
N HIS A 101 -29.38 15.18 21.78
CA HIS A 101 -30.32 14.11 21.47
C HIS A 101 -29.60 12.78 21.24
N ALA A 102 -28.74 12.38 22.18
CA ALA A 102 -27.97 11.16 22.07
C ALA A 102 -28.13 10.35 23.36
N PRO A 103 -28.38 9.05 23.26
CA PRO A 103 -28.54 8.23 24.47
C PRO A 103 -27.33 8.31 25.36
N ALA A 104 -27.53 8.78 26.59
CA ALA A 104 -26.44 8.93 27.55
C ALA A 104 -25.62 7.66 27.63
N GLY A 105 -24.30 7.84 27.79
CA GLY A 105 -23.39 6.72 27.62
C GLY A 105 -23.04 6.46 26.18
N PHE A 106 -23.11 7.48 25.34
CA PHE A 106 -22.78 7.37 23.92
C PHE A 106 -21.35 7.86 23.75
N ASN A 107 -20.39 6.95 23.92
CA ASN A 107 -18.97 7.25 23.78
C ASN A 107 -18.34 6.20 22.87
N PRO A 108 -18.70 6.17 21.60
CA PRO A 108 -18.11 5.18 20.68
C PRO A 108 -16.65 5.51 20.46
N THR A 109 -15.78 4.54 20.74
CA THR A 109 -14.35 4.72 20.55
C THR A 109 -14.05 4.60 19.06
N VAL A 110 -13.53 5.67 18.48
CA VAL A 110 -13.24 5.73 17.05
C VAL A 110 -11.78 5.38 16.83
N THR A 111 -11.54 4.47 15.87
CA THR A 111 -10.19 4.14 15.45
C THR A 111 -9.96 4.53 13.99
N VAL A 112 -10.73 3.99 13.06
CA VAL A 112 -10.61 4.34 11.65
C VAL A 112 -11.85 5.11 11.22
N PHE A 113 -11.70 5.86 10.14
CA PHE A 113 -12.80 6.67 9.61
C PHE A 113 -12.47 7.07 8.18
N HIS A 114 -13.51 7.18 7.37
CA HIS A 114 -13.36 7.60 5.98
C HIS A 114 -13.61 9.11 5.86
N VAL A 115 -12.88 9.74 4.94
CA VAL A 115 -12.91 11.17 4.73
C VAL A 115 -13.27 11.45 3.27
N TYR A 116 -14.25 12.33 3.07
CA TYR A 116 -14.75 12.67 1.74
C TYR A 116 -14.58 14.13 1.37
N ASP A 117 -14.72 15.05 2.32
CA ASP A 117 -14.45 16.45 2.08
C ASP A 117 -13.65 17.01 3.25
N ILE A 118 -12.99 18.14 3.01
CA ILE A 118 -12.12 18.77 3.99
C ILE A 118 -12.45 20.25 4.07
N LEU A 119 -12.60 20.77 5.28
CA LEU A 119 -12.93 22.17 5.54
C LEU A 119 -11.69 22.91 6.04
N GLU A 120 -11.57 24.17 5.64
CA GLU A 120 -10.42 24.99 5.99
C GLU A 120 -10.96 26.25 6.67
N ASN A 121 -10.82 26.33 7.98
CA ASN A 121 -11.39 27.47 8.70
C ASN A 121 -10.35 28.05 9.65
N VAL A 122 -10.75 29.10 10.35
CA VAL A 122 -9.89 29.79 11.30
C VAL A 122 -10.54 29.72 12.67
N GLU A 123 -9.72 29.50 13.71
CA GLU A 123 -10.19 29.48 15.08
C GLU A 123 -9.24 30.31 15.93
N HIS A 124 -9.81 31.14 16.80
CA HIS A 124 -9.05 31.99 17.72
C HIS A 124 -9.16 31.44 19.13
N ALA A 125 -8.06 31.55 19.89
CA ALA A 125 -8.06 31.01 21.24
C ALA A 125 -9.05 31.75 22.14
N TYR A 126 -9.06 33.08 22.09
CA TYR A 126 -9.97 33.87 22.91
C TYR A 126 -11.41 33.37 22.75
N GLY A 127 -11.79 32.98 21.54
CA GLY A 127 -13.10 32.41 21.33
C GLY A 127 -13.28 31.06 22.00
N MET A 128 -12.29 30.18 21.85
CA MET A 128 -12.42 28.80 22.31
C MET A 128 -12.04 28.59 23.77
N ARG A 129 -11.66 29.65 24.50
CA ARG A 129 -11.29 29.45 25.90
C ARG A 129 -12.43 28.83 26.70
N ALA A 130 -13.67 29.03 26.27
CA ALA A 130 -14.81 28.34 26.87
C ALA A 130 -14.67 26.83 26.74
N ALA A 131 -14.52 26.35 25.50
CA ALA A 131 -14.37 24.91 25.28
C ALA A 131 -13.13 24.40 25.99
N GLN A 132 -13.23 23.17 26.52
CA GLN A 132 -12.16 22.57 27.31
C GLN A 132 -11.17 21.84 26.43
N PHE A 133 -10.50 22.61 25.56
CA PHE A 133 -9.49 22.05 24.68
C PHE A 133 -8.18 21.84 25.43
N HIS A 134 -7.38 20.90 24.93
CA HIS A 134 -6.05 20.69 25.48
C HIS A 134 -5.14 21.88 25.18
N ALA A 135 -4.04 21.97 25.94
CA ALA A 135 -3.11 23.08 25.77
C ALA A 135 -2.54 23.14 24.36
N ARG A 136 -2.27 21.98 23.76
CA ARG A 136 -1.63 21.94 22.45
C ARG A 136 -2.40 22.75 21.42
N PHE A 137 -3.72 22.57 21.37
CA PHE A 137 -4.51 23.23 20.34
C PHE A 137 -4.65 24.73 20.59
N MET A 138 -4.80 25.14 21.86
CA MET A 138 -4.82 26.57 22.16
C MET A 138 -3.51 27.23 21.77
N ASP A 139 -2.39 26.54 21.99
CA ASP A 139 -1.12 27.03 21.46
C ASP A 139 -1.13 27.07 19.94
N ALA A 140 -1.83 26.14 19.29
CA ALA A 140 -1.88 26.11 17.83
C ALA A 140 -2.72 27.24 17.26
N ILE A 141 -3.70 27.73 18.02
CA ILE A 141 -4.56 28.81 17.55
C ILE A 141 -4.53 29.96 18.57
N THR A 142 -3.32 30.32 19.02
CA THR A 142 -3.14 31.42 19.98
C THR A 142 -3.84 32.67 19.46
N PRO A 143 -3.19 33.55 18.65
CA PRO A 143 -3.98 34.72 18.23
C PRO A 143 -5.06 34.23 17.29
N THR A 144 -4.62 33.52 16.27
CA THR A 144 -5.50 32.87 15.32
C THR A 144 -4.75 31.70 14.71
N GLY A 145 -5.47 30.64 14.42
CA GLY A 145 -4.87 29.45 13.82
C GLY A 145 -5.79 28.85 12.78
N THR A 146 -5.19 28.27 11.75
CA THR A 146 -5.94 27.62 10.70
C THR A 146 -6.19 26.16 11.07
N VAL A 147 -7.45 25.76 11.06
CA VAL A 147 -7.86 24.41 11.44
C VAL A 147 -8.37 23.68 10.20
N ILE A 148 -7.93 22.43 10.05
CA ILE A 148 -8.29 21.59 8.90
C ILE A 148 -9.23 20.50 9.40
N THR A 149 -10.48 20.56 8.98
CA THR A 149 -11.51 19.65 9.45
C THR A 149 -11.72 18.55 8.42
N LEU A 150 -11.43 17.31 8.80
CA LEU A 150 -11.75 16.15 7.98
C LEU A 150 -13.16 15.68 8.35
N LEU A 151 -14.01 15.53 7.33
CA LEU A 151 -15.40 15.15 7.51
C LEU A 151 -15.64 13.76 6.93
N GLY A 152 -16.44 12.96 7.63
CA GLY A 152 -16.77 11.65 7.09
C GLY A 152 -17.55 10.78 8.05
N LEU A 153 -17.30 9.47 7.97
CA LEU A 153 -18.03 8.48 8.73
C LEU A 153 -17.07 7.44 9.31
N THR A 154 -17.55 6.77 10.35
CA THR A 154 -16.88 5.58 10.88
C THR A 154 -17.44 4.35 10.18
N PRO A 155 -16.86 3.17 10.42
CA PRO A 155 -17.46 1.95 9.83
C PRO A 155 -18.84 1.64 10.41
N GLU A 156 -19.06 1.95 11.70
CA GLU A 156 -20.37 1.73 12.30
C GLU A 156 -21.44 2.54 11.56
N GLY A 157 -21.13 3.77 11.19
CA GLY A 157 -22.06 4.64 10.50
C GLY A 157 -22.11 6.04 11.08
N HIS A 158 -21.37 6.24 12.18
CA HIS A 158 -21.40 7.51 12.89
C HIS A 158 -20.84 8.64 12.04
N ARG A 159 -21.52 9.78 12.08
CA ARG A 159 -20.98 10.99 11.46
C ARG A 159 -19.84 11.53 12.32
N VAL A 160 -18.73 11.87 11.66
CA VAL A 160 -17.51 12.20 12.38
C VAL A 160 -16.81 13.36 11.69
N ALA A 161 -16.14 14.18 12.50
CA ALA A 161 -15.31 15.28 12.03
C ALA A 161 -14.10 15.37 12.94
N VAL A 162 -12.91 15.35 12.37
CA VAL A 162 -11.66 15.44 13.14
C VAL A 162 -10.98 16.75 12.77
N HIS A 163 -10.60 17.51 13.79
CA HIS A 163 -10.03 18.83 13.61
C HIS A 163 -8.52 18.74 13.75
N VAL A 164 -7.80 19.12 12.69
CA VAL A 164 -6.35 19.02 12.64
C VAL A 164 -5.79 20.41 12.84
N TYR A 165 -5.09 20.59 13.96
CA TYR A 165 -4.43 21.83 14.32
C TYR A 165 -2.96 21.77 13.95
N GLY A 166 -2.39 22.92 13.62
CA GLY A 166 -0.97 23.06 13.34
C GLY A 166 -0.63 23.34 11.90
N THR A 167 -1.55 23.05 10.97
CA THR A 167 -1.30 23.33 9.56
C THR A 167 -1.05 24.82 9.35
N ARG A 168 0.07 25.15 8.71
CA ARG A 168 0.44 26.53 8.48
C ARG A 168 0.68 26.78 7.01
N GLN A 169 0.09 27.85 6.48
CA GLN A 169 0.44 28.22 5.13
C GLN A 169 1.83 28.84 5.13
N TYR A 170 2.47 28.87 3.96
CA TYR A 170 3.77 29.50 3.89
C TYR A 170 4.11 29.83 2.46
N PHE A 171 4.90 30.89 2.29
CA PHE A 171 5.31 31.35 0.97
C PHE A 171 6.73 31.86 1.04
N TYR A 172 7.37 31.98 -0.13
CA TYR A 172 8.79 32.34 -0.21
C TYR A 172 8.96 33.65 -0.98
N MET A 173 10.00 34.41 -0.60
CA MET A 173 10.44 35.60 -1.33
C MET A 173 11.96 35.59 -1.40
N ASN A 174 12.52 36.12 -2.49
CA ASN A 174 13.97 36.11 -2.64
C ASN A 174 14.64 36.97 -1.57
N LYS A 175 15.63 36.41 -0.87
CA LYS A 175 16.27 37.16 0.20
C LYS A 175 17.09 38.32 -0.35
N GLU A 176 17.94 38.07 -1.34
CA GLU A 176 18.75 39.15 -1.90
C GLU A 176 17.89 40.28 -2.43
N GLU A 177 16.66 39.97 -2.86
CA GLU A 177 15.75 40.96 -3.41
C GLU A 177 14.97 41.68 -2.32
N VAL A 178 14.65 40.99 -1.21
CA VAL A 178 13.89 41.61 -0.13
C VAL A 178 14.80 42.43 0.78
N ASP A 179 15.95 41.87 1.15
CA ASP A 179 16.90 42.56 2.02
C ASP A 179 17.22 43.95 1.51
N ARG A 180 17.51 44.05 0.22
CA ARG A 180 17.88 45.35 -0.34
C ARG A 180 16.66 46.25 -0.56
N HIS A 181 15.51 45.68 -0.92
CA HIS A 181 14.35 46.52 -1.23
C HIS A 181 13.71 47.06 0.05
N LEU A 182 13.62 46.25 1.10
CA LEU A 182 12.99 46.65 2.34
C LEU A 182 13.99 47.16 3.37
N GLN A 183 15.24 47.40 2.97
CA GLN A 183 16.26 47.95 3.86
C GLN A 183 16.35 47.18 5.17
N CYS A 184 16.28 45.85 5.08
CA CYS A 184 16.34 44.98 6.24
C CYS A 184 17.27 43.82 5.92
N ARG A 185 17.92 43.27 6.95
CA ARG A 185 18.96 42.28 6.68
C ARG A 185 18.86 41.11 7.65
N ALA A 186 17.64 40.76 8.09
CA ALA A 186 17.43 39.69 9.06
C ALA A 186 15.97 39.26 9.00
N PRO A 187 15.66 38.01 9.31
CA PRO A 187 14.27 37.55 9.20
C PRO A 187 13.31 38.25 10.16
N ARG A 188 13.73 38.47 11.41
CA ARG A 188 12.89 39.21 12.34
C ARG A 188 12.52 40.57 11.79
N ASP A 189 13.45 41.20 11.06
CA ASP A 189 13.16 42.48 10.42
C ASP A 189 11.99 42.34 9.45
N LEU A 190 12.04 41.33 8.58
CA LEU A 190 10.93 41.06 7.67
C LEU A 190 9.62 40.88 8.43
N CYS A 191 9.66 40.14 9.55
CA CYS A 191 8.47 40.00 10.38
C CYS A 191 7.95 41.36 10.81
N GLU A 192 8.85 42.24 11.29
CA GLU A 192 8.45 43.58 11.71
C GLU A 192 7.78 44.34 10.57
N ARG A 193 8.36 44.28 9.37
CA ARG A 193 7.84 45.07 8.25
C ARG A 193 6.49 44.54 7.78
N MET A 194 6.33 43.22 7.72
CA MET A 194 5.03 42.65 7.35
C MET A 194 3.96 43.00 8.38
N ALA A 195 4.27 42.80 9.67
CA ALA A 195 3.32 43.16 10.72
C ALA A 195 2.92 44.62 10.62
N ALA A 196 3.90 45.51 10.52
CA ALA A 196 3.62 46.94 10.39
C ALA A 196 2.71 47.20 9.19
N ALA A 197 3.09 46.69 8.01
CA ALA A 197 2.30 46.91 6.81
C ALA A 197 0.87 46.44 6.99
N LEU A 198 0.67 45.32 7.69
CA LEU A 198 -0.67 44.83 7.95
C LEU A 198 -1.42 45.71 8.92
N ARG A 199 -0.71 46.38 9.84
CA ARG A 199 -1.38 47.30 10.75
C ARG A 199 -1.99 48.48 9.99
N GLU A 200 -1.17 49.23 9.25
CA GLU A 200 -1.67 50.31 8.43
C GLU A 200 -2.41 49.76 7.21
N SER A 201 -3.31 48.82 7.44
CA SER A 201 -4.20 48.33 6.41
C SER A 201 -5.28 49.38 6.14
N PRO A 202 -6.07 49.21 5.08
CA PRO A 202 -7.23 50.08 4.91
C PRO A 202 -8.18 50.03 6.10
N GLY A 203 -8.79 48.87 6.33
CA GLY A 203 -9.82 48.73 7.34
C GLY A 203 -9.34 48.35 8.73
N ALA A 204 -8.03 48.36 8.98
CA ALA A 204 -7.47 47.91 10.25
C ALA A 204 -8.05 46.55 10.65
N SER A 205 -8.16 45.65 9.66
CA SER A 205 -8.66 44.31 9.91
C SER A 205 -7.79 43.61 10.96
N PHE A 206 -6.47 43.69 10.79
CA PHE A 206 -5.52 43.11 11.73
C PHE A 206 -4.98 44.26 12.55
N ARG A 207 -5.62 44.53 13.68
CA ARG A 207 -5.13 45.51 14.64
C ARG A 207 -4.29 44.80 15.69
N GLY A 208 -3.15 45.39 16.01
CA GLY A 208 -2.28 44.84 17.03
C GLY A 208 -1.43 43.66 16.60
N ILE A 209 -1.53 43.24 15.33
CA ILE A 209 -0.69 42.16 14.84
C ILE A 209 0.76 42.60 14.89
N SER A 210 1.62 41.76 15.45
CA SER A 210 3.02 42.10 15.69
C SER A 210 3.93 41.13 14.95
N ALA A 211 5.23 41.41 15.02
CA ALA A 211 6.21 40.57 14.34
C ALA A 211 6.28 39.17 14.92
N ASP A 212 6.03 39.02 16.23
CA ASP A 212 6.13 37.70 16.83
C ASP A 212 5.03 36.75 16.35
N HIS A 213 4.07 37.24 15.58
CA HIS A 213 3.03 36.42 14.97
C HIS A 213 3.47 35.71 13.69
N PHE A 214 4.69 35.94 13.24
CA PHE A 214 5.21 35.32 12.01
C PHE A 214 6.46 34.51 12.32
N GLU A 215 6.69 33.48 11.52
CA GLU A 215 7.95 32.75 11.53
C GLU A 215 8.60 32.89 10.16
N ALA A 216 9.91 33.13 10.16
CA ALA A 216 10.64 33.40 8.93
C ALA A 216 11.96 32.65 8.95
N GLU A 217 12.05 31.59 8.15
CA GLU A 217 13.32 30.92 7.93
C GLU A 217 14.02 31.53 6.73
N VAL A 218 15.33 31.26 6.63
CA VAL A 218 16.08 31.46 5.40
C VAL A 218 16.43 30.08 4.87
N VAL A 219 16.13 29.84 3.59
CA VAL A 219 16.30 28.50 3.02
C VAL A 219 16.69 28.65 1.56
N GLU A 220 17.44 27.67 1.07
CA GLU A 220 17.93 27.68 -0.31
C GLU A 220 16.93 26.97 -1.21
N ARG A 221 16.56 27.61 -2.31
CA ARG A 221 15.65 27.00 -3.28
C ARG A 221 16.03 27.46 -4.68
N THR A 222 15.34 26.91 -5.67
CA THR A 222 15.59 27.22 -7.07
C THR A 222 14.26 27.51 -7.75
N ASP A 223 14.17 28.67 -8.41
CA ASP A 223 13.00 28.97 -9.22
C ASP A 223 12.85 27.92 -10.31
N VAL A 224 11.59 27.58 -10.63
CA VAL A 224 11.36 26.47 -11.56
C VAL A 224 11.72 26.82 -12.99
N TYR A 225 11.75 28.11 -13.34
CA TYR A 225 11.89 28.51 -14.73
C TYR A 225 13.35 28.55 -15.15
N TYR A 226 13.65 27.83 -16.23
CA TYR A 226 14.89 27.93 -16.99
C TYR A 226 16.05 27.20 -16.33
N TYR A 227 16.86 26.55 -17.18
CA TYR A 227 17.99 25.74 -16.71
C TYR A 227 19.12 26.62 -16.17
N GLU A 228 19.32 27.80 -16.77
CA GLU A 228 20.35 28.72 -16.30
C GLU A 228 20.13 29.13 -14.85
N THR A 229 18.87 29.15 -14.40
CA THR A 229 18.55 29.59 -13.05
C THR A 229 19.23 28.70 -12.03
N ARG A 230 20.01 29.31 -11.15
CA ARG A 230 20.73 28.61 -10.10
C ARG A 230 20.12 28.88 -8.73
N PRO A 231 20.37 28.02 -7.75
CA PRO A 231 19.78 28.22 -6.42
C PRO A 231 20.11 29.59 -5.82
N ALA A 232 19.23 30.05 -4.95
CA ALA A 232 19.45 31.27 -4.19
C ALA A 232 18.74 31.17 -2.85
N LEU A 233 18.91 32.20 -2.03
CA LEU A 233 18.33 32.27 -0.70
C LEU A 233 16.96 32.92 -0.75
N PHE A 234 16.01 32.31 -0.07
CA PHE A 234 14.65 32.83 0.03
C PHE A 234 14.23 32.84 1.49
N TYR A 235 13.58 33.93 1.88
CA TYR A 235 12.80 33.93 3.12
C TYR A 235 11.57 33.06 2.95
N ARG A 236 11.41 32.10 3.85
CA ARG A 236 10.16 31.37 4.00
C ARG A 236 9.38 32.01 5.14
N VAL A 237 8.14 32.38 4.86
CA VAL A 237 7.26 33.03 5.81
C VAL A 237 6.08 32.10 6.07
N TYR A 238 5.89 31.76 7.34
CA TYR A 238 4.74 30.98 7.78
C TYR A 238 3.63 31.93 8.22
N VAL A 239 2.40 31.60 7.83
CA VAL A 239 1.23 32.40 8.14
C VAL A 239 0.13 31.48 8.65
N ARG A 240 -0.59 31.94 9.67
CA ARG A 240 -1.63 31.17 10.34
C ARG A 240 -3.03 31.48 9.83
N SER A 241 -3.21 32.55 9.07
CA SER A 241 -4.53 32.98 8.64
C SER A 241 -4.52 33.15 7.12
N GLY A 242 -5.48 32.50 6.44
CA GLY A 242 -5.60 32.69 5.01
C GLY A 242 -5.82 34.14 4.63
N ARG A 243 -6.55 34.89 5.47
CA ARG A 243 -6.78 36.31 5.23
C ARG A 243 -5.46 37.08 5.22
N VAL A 244 -4.60 36.83 6.21
CA VAL A 244 -3.34 37.55 6.33
C VAL A 244 -2.45 37.26 5.12
N LEU A 245 -2.29 35.97 4.79
CA LEU A 245 -1.48 35.60 3.63
C LEU A 245 -2.01 36.24 2.36
N SER A 246 -3.33 36.16 2.15
CA SER A 246 -3.93 36.78 0.97
C SER A 246 -3.59 38.26 0.89
N TYR A 247 -3.78 39.00 1.98
CA TYR A 247 -3.50 40.43 1.95
C TYR A 247 -2.02 40.70 1.67
N LEU A 248 -1.13 39.93 2.30
CA LEU A 248 0.29 40.08 2.04
C LEU A 248 0.62 39.91 0.56
N CYS A 249 0.28 38.75 0.00
CA CYS A 249 0.59 38.52 -1.41
C CYS A 249 -0.07 39.55 -2.32
N ASP A 250 -1.24 40.06 -1.93
CA ASP A 250 -1.96 40.98 -2.80
C ASP A 250 -1.30 42.35 -2.83
N ASN A 251 -0.93 42.90 -1.67
CA ASN A 251 -0.36 44.25 -1.69
C ASN A 251 0.79 44.49 -0.72
N PHE A 252 1.53 43.46 -0.32
CA PHE A 252 2.65 43.73 0.58
C PHE A 252 3.78 44.45 -0.15
N CYS A 253 4.60 43.69 -0.88
CA CYS A 253 5.75 44.22 -1.61
C CYS A 253 5.53 43.83 -3.07
N PRO A 254 4.75 44.64 -3.81
CA PRO A 254 4.30 44.19 -5.13
C PRO A 254 5.43 44.03 -6.13
N ALA A 255 6.58 44.65 -5.88
CA ALA A 255 7.72 44.58 -6.79
C ALA A 255 8.57 43.33 -6.58
N ILE A 256 8.17 42.41 -5.71
CA ILE A 256 8.97 41.24 -5.37
C ILE A 256 8.19 39.98 -5.70
N LYS A 257 8.72 39.18 -6.62
CA LYS A 257 8.17 37.87 -6.94
C LYS A 257 7.94 37.05 -5.67
N LYS A 258 6.72 36.53 -5.53
CA LYS A 258 6.35 35.73 -4.38
C LYS A 258 6.00 34.31 -4.83
N TYR A 259 6.49 33.33 -4.10
CA TYR A 259 6.43 31.93 -4.51
C TYR A 259 5.46 31.16 -3.63
N GLU A 260 4.63 30.34 -4.28
CA GLU A 260 3.73 29.40 -3.60
C GLU A 260 2.82 30.10 -2.60
N GLY A 261 2.55 31.39 -2.79
CA GLY A 261 1.63 32.11 -1.94
C GLY A 261 0.18 31.77 -2.15
N GLY A 262 -0.14 31.07 -3.24
CA GLY A 262 -1.50 30.64 -3.51
C GLY A 262 -1.87 29.30 -2.93
N VAL A 263 -0.89 28.58 -2.38
CA VAL A 263 -1.10 27.23 -1.87
C VAL A 263 -1.90 27.32 -0.58
N ASP A 264 -3.13 26.81 -0.60
CA ASP A 264 -4.00 26.89 0.57
C ASP A 264 -3.60 25.84 1.61
N ALA A 265 -4.12 26.03 2.83
CA ALA A 265 -3.68 25.22 3.96
C ALA A 265 -4.06 23.75 3.81
N THR A 266 -5.17 23.46 3.13
CA THR A 266 -5.51 22.05 2.88
C THR A 266 -4.43 21.37 2.05
N THR A 267 -3.98 22.03 0.98
CA THR A 267 -2.93 21.46 0.15
C THR A 267 -1.63 21.30 0.93
N ARG A 268 -1.32 22.23 1.84
CA ARG A 268 -0.15 22.06 2.69
C ARG A 268 -0.31 20.85 3.60
N PHE A 269 -1.51 20.66 4.15
CA PHE A 269 -1.77 19.50 4.99
C PHE A 269 -1.54 18.20 4.22
N ILE A 270 -2.00 18.14 2.97
CA ILE A 270 -1.89 16.91 2.20
C ILE A 270 -0.44 16.67 1.79
N LEU A 271 0.23 17.70 1.26
CA LEU A 271 1.56 17.49 0.69
C LEU A 271 2.60 17.30 1.78
N ASP A 272 2.62 18.18 2.78
CA ASP A 272 3.68 18.14 3.78
C ASP A 272 3.62 16.91 4.66
N ASN A 273 2.44 16.30 4.82
CA ASN A 273 2.37 15.03 5.51
C ASN A 273 2.31 13.90 4.49
N PRO A 274 3.43 13.23 4.21
CA PRO A 274 3.48 12.33 3.06
C PRO A 274 2.57 11.13 3.23
N GLY A 275 1.88 10.78 2.15
CA GLY A 275 0.97 9.65 2.12
C GLY A 275 -0.49 10.02 2.26
N PHE A 276 -0.80 11.15 2.89
CA PHE A 276 -2.19 11.53 3.09
C PHE A 276 -2.89 11.73 1.75
N VAL A 277 -4.22 11.65 1.79
CA VAL A 277 -5.06 11.87 0.62
C VAL A 277 -6.25 12.72 1.04
N THR A 278 -6.94 13.24 0.03
CA THR A 278 -8.12 14.07 0.24
C THR A 278 -9.41 13.27 0.27
N PHE A 279 -9.33 11.94 0.17
CA PHE A 279 -10.52 11.10 0.08
C PHE A 279 -10.13 9.64 0.31
N GLY A 280 -10.45 9.10 1.48
CA GLY A 280 -10.03 7.74 1.80
C GLY A 280 -10.06 7.50 3.29
N TRP A 281 -9.41 6.40 3.69
CA TRP A 281 -9.56 5.83 5.03
C TRP A 281 -8.37 6.19 5.92
N TYR A 282 -8.61 7.04 6.91
CA TYR A 282 -7.62 7.42 7.91
C TYR A 282 -7.85 6.68 9.22
N ARG A 283 -6.87 6.78 10.10
CA ARG A 283 -6.89 6.16 11.42
C ARG A 283 -6.18 7.06 12.40
N LEU A 284 -6.81 7.24 13.57
CA LEU A 284 -6.17 7.94 14.67
C LEU A 284 -5.09 7.08 15.28
N LYS A 285 -3.98 7.69 15.64
CA LYS A 285 -2.84 6.95 16.19
C LYS A 285 -2.14 7.82 17.22
N PRO A 286 -1.30 7.23 18.07
CA PRO A 286 -0.51 8.04 19.00
C PRO A 286 0.44 8.97 18.28
N GLY A 287 0.69 10.13 18.91
CA GLY A 287 1.45 11.20 18.29
C GLY A 287 2.85 11.42 18.84
N ARG A 288 3.34 12.65 18.78
CA ARG A 288 4.77 12.89 18.94
C ARG A 288 5.24 12.73 20.39
N ASN A 289 4.54 13.34 21.34
CA ASN A 289 4.88 13.12 22.75
C ASN A 289 3.98 12.07 23.37
N ASN A 290 3.82 10.95 22.66
CA ASN A 290 2.78 9.96 22.95
C ASN A 290 1.42 10.64 23.01
N THR A 291 1.25 11.66 22.17
CA THR A 291 0.03 12.43 22.10
C THR A 291 -1.12 11.58 21.56
N LEU A 292 -2.27 11.64 22.21
CA LEU A 292 -3.49 11.06 21.68
C LEU A 292 -4.44 12.15 21.22
N ALA A 293 -5.33 11.78 20.30
CA ALA A 293 -6.40 12.69 19.92
C ALA A 293 -7.31 12.94 21.11
N GLN A 294 -8.05 14.05 21.04
CA GLN A 294 -8.95 14.44 22.11
C GLN A 294 -10.36 14.61 21.55
N PRO A 295 -11.37 14.01 22.17
CA PRO A 295 -12.74 14.20 21.68
C PRO A 295 -13.33 15.50 22.23
N ARG A 296 -14.12 16.16 21.38
CA ARG A 296 -14.74 17.42 21.76
C ARG A 296 -16.00 17.18 22.58
N ALA A 297 -16.23 18.06 23.54
CA ALA A 297 -17.50 18.05 24.25
C ALA A 297 -18.60 18.52 23.30
N PRO A 298 -19.81 17.95 23.40
CA PRO A 298 -20.87 18.31 22.44
C PRO A 298 -21.11 19.80 22.34
N MET A 299 -21.10 20.52 23.45
CA MET A 299 -21.29 21.97 23.39
C MET A 299 -20.15 22.71 22.70
N ALA A 300 -19.07 22.01 22.34
CA ALA A 300 -18.00 22.61 21.54
C ALA A 300 -18.09 22.25 20.06
N PHE A 301 -19.00 21.36 19.69
CA PHE A 301 -19.09 20.88 18.31
C PHE A 301 -19.28 22.04 17.34
N GLY A 302 -18.85 21.82 16.10
CA GLY A 302 -19.04 22.81 15.05
C GLY A 302 -19.58 22.18 13.78
N THR A 303 -20.13 20.97 13.89
CA THR A 303 -20.68 20.27 12.75
C THR A 303 -21.94 19.52 13.18
N SER A 304 -22.79 19.21 12.18
CA SER A 304 -23.93 18.33 12.40
C SER A 304 -23.48 16.87 12.39
N SER A 305 -22.50 16.59 13.26
CA SER A 305 -21.89 15.27 13.36
C SER A 305 -22.13 14.68 14.74
N ASP A 306 -21.95 13.36 14.83
CA ASP A 306 -22.24 12.66 16.07
C ASP A 306 -21.07 12.73 17.05
N VAL A 307 -19.84 12.61 16.55
CA VAL A 307 -18.65 12.73 17.39
C VAL A 307 -17.62 13.56 16.65
N GLU A 308 -16.87 14.36 17.40
CA GLU A 308 -15.81 15.22 16.86
C GLU A 308 -14.53 15.02 17.65
N PHE A 309 -13.41 15.37 17.02
CA PHE A 309 -12.10 15.12 17.61
C PHE A 309 -11.16 16.28 17.31
N ASN A 310 -10.27 16.54 18.27
CA ASN A 310 -9.13 17.43 18.09
C ASN A 310 -7.85 16.62 18.07
N CYS A 311 -6.98 16.93 17.12
CA CYS A 311 -5.73 16.19 17.00
C CYS A 311 -4.73 17.04 16.22
N THR A 312 -3.46 16.77 16.45
CA THR A 312 -2.42 17.24 15.55
C THR A 312 -2.25 16.22 14.43
N ALA A 313 -1.45 16.59 13.42
CA ALA A 313 -1.40 15.80 12.20
C ALA A 313 -0.68 14.47 12.39
N ASP A 314 0.22 14.38 13.37
CA ASP A 314 0.89 13.11 13.63
C ASP A 314 -0.01 12.10 14.33
N ASN A 315 -1.18 12.53 14.82
CA ASN A 315 -2.18 11.60 15.31
C ASN A 315 -2.94 10.91 14.19
N LEU A 316 -2.57 11.14 12.94
CA LEU A 316 -3.23 10.54 11.79
C LEU A 316 -2.29 9.62 11.04
N ALA A 317 -2.89 8.60 10.42
CA ALA A 317 -2.18 7.76 9.47
C ALA A 317 -3.20 7.19 8.51
N ILE A 318 -2.71 6.57 7.44
CA ILE A 318 -3.59 5.98 6.44
C ILE A 318 -3.82 4.52 6.81
N GLU A 319 -5.04 4.05 6.58
CA GLU A 319 -5.36 2.63 6.71
C GLU A 319 -5.44 2.01 5.33
N GLY A 320 -4.68 0.94 5.12
CA GLY A 320 -4.49 0.40 3.80
C GLY A 320 -5.49 -0.64 3.34
N GLY A 321 -5.80 -1.60 4.21
CA GLY A 321 -6.72 -2.67 3.83
C GLY A 321 -8.09 -2.17 3.42
N MET A 322 -8.52 -1.03 3.96
CA MET A 322 -9.82 -0.49 3.66
C MET A 322 -9.90 -0.05 2.19
N SER A 323 -10.99 -0.43 1.53
CA SER A 323 -11.15 -0.13 0.10
C SER A 323 -12.56 0.26 -0.31
N ASP A 324 -13.58 0.00 0.50
CA ASP A 324 -14.96 0.21 0.12
C ASP A 324 -15.53 1.45 0.79
N LEU A 325 -16.53 2.04 0.14
CA LEU A 325 -17.18 3.24 0.68
C LEU A 325 -17.94 2.90 1.96
N PRO A 326 -18.12 3.89 2.84
CA PRO A 326 -19.00 3.68 4.00
C PRO A 326 -20.41 4.18 3.74
N ALA A 327 -21.25 4.19 4.77
CA ALA A 327 -22.67 4.45 4.62
C ALA A 327 -22.97 5.92 4.34
N TYR A 328 -22.33 6.50 3.33
CA TYR A 328 -22.66 7.86 2.93
C TYR A 328 -24.04 7.89 2.29
N LYS A 329 -24.73 9.00 2.49
CA LYS A 329 -26.10 9.16 2.02
C LYS A 329 -26.15 10.17 0.88
N LEU A 330 -26.97 9.85 -0.13
CA LEU A 330 -27.13 10.68 -1.31
C LEU A 330 -28.59 11.10 -1.44
N MET A 331 -28.82 12.41 -1.42
CA MET A 331 -30.15 12.98 -1.60
C MET A 331 -30.28 13.48 -3.04
N CYS A 332 -31.16 12.83 -3.80
CA CYS A 332 -31.54 13.30 -5.13
C CYS A 332 -32.84 14.08 -5.00
N PHE A 333 -32.90 15.25 -5.63
CA PHE A 333 -34.09 16.07 -5.45
C PHE A 333 -34.41 16.86 -6.72
N ASP A 334 -35.70 17.10 -6.92
CA ASP A 334 -36.19 17.96 -8.00
C ASP A 334 -37.31 18.82 -7.43
N ILE A 335 -37.52 19.99 -8.03
CA ILE A 335 -38.58 20.89 -7.58
C ILE A 335 -39.48 21.27 -8.75
N ALA A 336 -40.64 21.80 -8.40
CA ALA A 336 -41.62 22.31 -9.36
C ALA A 336 -42.33 23.49 -8.73
N CYS A 337 -42.50 24.55 -9.52
CA CYS A 337 -43.01 25.83 -9.03
C CYS A 337 -44.12 26.33 -9.95
N LYS A 338 -44.97 27.21 -9.40
CA LYS A 338 -46.08 27.79 -10.14
C LYS A 338 -46.10 29.30 -9.97
N ALA A 339 -46.53 29.99 -11.03
CA ALA A 339 -46.64 31.44 -10.98
C ALA A 339 -47.84 31.85 -10.12
N GLY A 340 -47.93 33.15 -9.87
CA GLY A 340 -49.01 33.67 -9.04
C GLY A 340 -49.53 35.04 -9.46
N GLY A 341 -48.83 35.67 -10.40
CA GLY A 341 -49.23 36.99 -10.87
C GLY A 341 -50.48 36.99 -11.73
N GLU A 342 -50.71 38.10 -12.45
CA GLU A 342 -51.90 38.21 -13.28
C GLU A 342 -51.98 37.06 -14.29
N ASP A 343 -50.87 36.70 -14.89
CA ASP A 343 -50.78 35.57 -15.80
C ASP A 343 -50.21 34.39 -15.01
N GLU A 344 -51.08 33.46 -14.64
CA GLU A 344 -50.63 32.24 -13.97
C GLU A 344 -50.09 31.21 -14.96
N LEU A 345 -50.19 31.47 -16.26
CA LEU A 345 -49.65 30.58 -17.28
C LEU A 345 -48.24 30.94 -17.71
N ALA A 346 -47.67 32.01 -17.17
CA ALA A 346 -46.30 32.37 -17.49
C ALA A 346 -45.33 31.60 -16.59
N PHE A 347 -44.04 31.75 -16.88
CA PHE A 347 -43.07 30.99 -16.11
C PHE A 347 -42.76 31.72 -14.79
N PRO A 348 -42.65 30.98 -13.68
CA PRO A 348 -42.44 31.62 -12.38
C PRO A 348 -41.13 32.39 -12.32
N VAL A 349 -41.04 33.26 -11.32
CA VAL A 349 -39.83 34.00 -10.99
C VAL A 349 -39.67 33.96 -9.48
N ALA A 350 -38.53 33.45 -9.00
CA ALA A 350 -38.30 33.38 -7.57
C ALA A 350 -38.29 34.74 -6.91
N GLY A 351 -37.98 35.80 -7.66
CA GLY A 351 -37.96 37.13 -7.08
C GLY A 351 -39.33 37.68 -6.76
N HIS A 352 -40.35 37.24 -7.49
CA HIS A 352 -41.72 37.68 -7.23
C HIS A 352 -42.32 36.87 -6.09
N PRO A 353 -42.73 37.49 -4.98
CA PRO A 353 -43.33 36.71 -3.88
C PRO A 353 -44.59 35.97 -4.26
N GLU A 354 -45.23 36.31 -5.38
CA GLU A 354 -46.46 35.63 -5.78
C GLU A 354 -46.17 34.24 -6.34
N ASP A 355 -45.17 34.12 -7.22
CA ASP A 355 -44.76 32.80 -7.71
C ASP A 355 -44.11 32.02 -6.59
N LEU A 356 -44.58 30.80 -6.36
CA LEU A 356 -44.17 30.02 -5.21
C LEU A 356 -43.63 28.66 -5.62
N VAL A 357 -42.90 28.05 -4.71
CA VAL A 357 -42.40 26.68 -4.86
C VAL A 357 -43.51 25.74 -4.40
N ILE A 358 -44.11 25.02 -5.33
CA ILE A 358 -45.27 24.21 -4.98
C ILE A 358 -44.86 22.83 -4.48
N GLN A 359 -43.89 22.16 -5.13
CA GLN A 359 -43.56 20.79 -4.75
C GLN A 359 -42.07 20.53 -4.85
N ILE A 360 -41.59 19.65 -3.97
CA ILE A 360 -40.19 19.24 -3.94
C ILE A 360 -40.15 17.72 -3.70
N SER A 361 -39.72 16.97 -4.72
CA SER A 361 -39.47 15.54 -4.57
C SER A 361 -38.05 15.33 -4.07
N CYS A 362 -37.90 14.47 -3.06
CA CYS A 362 -36.62 14.29 -2.37
C CYS A 362 -36.48 12.84 -1.94
N LEU A 363 -35.51 12.16 -2.53
CA LEU A 363 -35.30 10.73 -2.32
C LEU A 363 -33.89 10.53 -1.80
N LEU A 364 -33.74 9.72 -0.77
CA LEU A 364 -32.44 9.51 -0.14
C LEU A 364 -32.05 8.04 -0.29
N TYR A 365 -30.86 7.82 -0.88
CA TYR A 365 -30.22 6.54 -1.09
C TYR A 365 -29.02 6.39 -0.17
N ASP A 366 -28.59 5.15 0.01
CA ASP A 366 -27.33 4.82 0.66
C ASP A 366 -26.29 4.53 -0.41
N LEU A 367 -25.14 5.20 -0.33
CA LEU A 367 -24.14 5.13 -1.38
C LEU A 367 -23.27 3.89 -1.34
N SER A 368 -23.20 3.21 -0.19
CA SER A 368 -22.42 1.98 -0.12
C SER A 368 -23.22 0.79 -0.65
N THR A 369 -24.55 0.86 -0.61
CA THR A 369 -25.41 -0.22 -1.04
C THR A 369 -26.22 0.12 -2.28
N THR A 370 -26.00 1.31 -2.86
CA THR A 370 -26.78 1.89 -3.97
C THR A 370 -28.27 1.58 -3.87
N ALA A 371 -28.81 1.56 -2.65
CA ALA A 371 -30.20 1.21 -2.41
C ALA A 371 -30.98 2.45 -1.99
N LEU A 372 -32.15 2.64 -2.61
CA LEU A 372 -33.05 3.71 -2.18
C LEU A 372 -33.61 3.36 -0.80
N GLU A 373 -33.48 4.31 0.12
CA GLU A 373 -33.93 4.11 1.49
C GLU A 373 -35.19 4.89 1.85
N HIS A 374 -35.31 6.14 1.38
CA HIS A 374 -36.50 6.91 1.72
C HIS A 374 -36.95 7.75 0.53
N VAL A 375 -38.26 7.95 0.44
CA VAL A 375 -38.87 8.85 -0.53
C VAL A 375 -39.77 9.83 0.22
N LEU A 376 -39.64 11.12 -0.10
CA LEU A 376 -40.38 12.17 0.56
C LEU A 376 -40.86 13.18 -0.48
N LEU A 377 -42.05 13.72 -0.27
CA LEU A 377 -42.62 14.71 -1.17
C LEU A 377 -43.14 15.90 -0.38
N PHE A 378 -42.43 17.01 -0.47
CA PHE A 378 -42.86 18.27 0.13
C PHE A 378 -43.87 18.95 -0.80
N SER A 379 -44.99 19.40 -0.24
CA SER A 379 -46.08 19.90 -1.08
C SER A 379 -46.81 21.03 -0.38
N LEU A 380 -47.15 22.06 -1.16
CA LEU A 380 -48.02 23.14 -0.71
C LEU A 380 -49.45 22.74 -1.03
N GLY A 381 -50.18 22.26 -0.02
CA GLY A 381 -51.51 21.73 -0.22
C GLY A 381 -51.48 20.21 -0.30
N SER A 382 -52.05 19.55 0.71
CA SER A 382 -51.94 18.10 0.81
C SER A 382 -52.50 17.42 -0.44
N CYS A 383 -52.07 16.18 -0.65
CA CYS A 383 -52.43 15.47 -1.87
C CYS A 383 -52.30 13.97 -1.63
N ASP A 384 -52.80 13.21 -2.61
CA ASP A 384 -52.67 11.76 -2.63
C ASP A 384 -52.14 11.37 -4.00
N LEU A 385 -51.03 10.63 -4.02
CA LEU A 385 -50.39 10.28 -5.27
C LEU A 385 -51.23 9.25 -6.04
N PRO A 386 -51.24 9.33 -7.37
CA PRO A 386 -52.05 8.41 -8.17
C PRO A 386 -51.71 6.95 -7.88
N GLU A 387 -52.69 6.07 -8.12
CA GLU A 387 -52.57 4.67 -7.75
C GLU A 387 -51.73 3.87 -8.74
N SER A 388 -51.76 4.23 -10.02
CA SER A 388 -50.84 3.61 -10.97
C SER A 388 -49.39 3.81 -10.53
N HIS A 389 -49.06 5.03 -10.10
CA HIS A 389 -47.73 5.33 -9.58
C HIS A 389 -47.41 4.47 -8.37
N LEU A 390 -48.30 4.48 -7.36
CA LEU A 390 -48.06 3.73 -6.14
C LEU A 390 -47.89 2.24 -6.41
N ASN A 391 -48.67 1.70 -7.35
CA ASN A 391 -48.56 0.29 -7.68
C ASN A 391 -47.24 -0.02 -8.37
N GLU A 392 -46.86 0.81 -9.34
CA GLU A 392 -45.57 0.61 -10.00
C GLU A 392 -44.42 0.65 -9.00
N LEU A 393 -44.41 1.65 -8.12
CA LEU A 393 -43.33 1.78 -7.14
C LEU A 393 -43.31 0.59 -6.19
N ALA A 394 -44.43 0.33 -5.52
CA ALA A 394 -44.47 -0.76 -4.55
C ALA A 394 -44.15 -2.10 -5.19
N ALA A 395 -44.44 -2.25 -6.48
CA ALA A 395 -44.11 -3.49 -7.18
C ALA A 395 -42.64 -3.56 -7.58
N ARG A 396 -41.99 -2.41 -7.77
CA ARG A 396 -40.58 -2.37 -8.12
C ARG A 396 -39.65 -2.45 -6.90
N GLY A 397 -40.12 -2.98 -5.77
CA GLY A 397 -39.31 -3.11 -4.58
C GLY A 397 -38.97 -1.81 -3.88
N LEU A 398 -39.40 -0.67 -4.42
CA LEU A 398 -39.07 0.62 -3.85
C LEU A 398 -39.85 0.85 -2.55
N PRO A 399 -39.43 1.81 -1.73
CA PRO A 399 -40.16 2.09 -0.48
C PRO A 399 -41.47 2.81 -0.75
N THR A 400 -42.25 2.95 0.33
CA THR A 400 -43.55 3.59 0.26
C THR A 400 -43.39 5.11 0.42
N PRO A 401 -43.74 5.90 -0.59
CA PRO A 401 -43.58 7.35 -0.48
C PRO A 401 -44.30 7.91 0.73
N VAL A 402 -43.74 8.98 1.29
CA VAL A 402 -44.31 9.67 2.45
C VAL A 402 -44.48 11.14 2.07
N VAL A 403 -45.72 11.60 2.03
CA VAL A 403 -46.02 12.98 1.64
C VAL A 403 -46.05 13.85 2.88
N LEU A 404 -45.54 15.08 2.75
CA LEU A 404 -45.56 16.08 3.80
C LEU A 404 -46.42 17.25 3.33
N GLU A 405 -47.46 17.55 4.10
CA GLU A 405 -48.42 18.59 3.75
C GLU A 405 -48.08 19.88 4.46
N PHE A 406 -48.05 20.99 3.71
CA PHE A 406 -47.73 22.30 4.26
C PHE A 406 -48.76 23.32 3.83
N ASP A 407 -49.01 24.28 4.72
CA ASP A 407 -49.97 25.34 4.45
C ASP A 407 -49.33 26.55 3.78
N SER A 408 -48.04 26.80 4.02
CA SER A 408 -47.34 27.94 3.44
C SER A 408 -46.08 27.46 2.73
N GLU A 409 -45.48 28.35 1.95
CA GLU A 409 -44.21 28.02 1.33
C GLU A 409 -43.08 28.02 2.35
N PHE A 410 -43.08 29.00 3.27
CA PHE A 410 -42.03 29.06 4.29
C PHE A 410 -41.94 27.78 5.10
N GLU A 411 -43.08 27.21 5.49
CA GLU A 411 -43.04 26.00 6.29
C GLU A 411 -42.47 24.83 5.50
N MET A 412 -42.83 24.75 4.22
CA MET A 412 -42.32 23.69 3.36
C MET A 412 -40.81 23.79 3.18
N LEU A 413 -40.33 25.00 2.83
CA LEU A 413 -38.90 25.18 2.63
C LEU A 413 -38.14 24.99 3.94
N LEU A 414 -38.63 25.58 5.03
CA LEU A 414 -37.98 25.41 6.33
C LEU A 414 -37.89 23.95 6.70
N ALA A 415 -38.92 23.16 6.40
CA ALA A 415 -38.84 21.73 6.66
C ALA A 415 -37.83 21.06 5.75
N PHE A 416 -37.70 21.52 4.51
CA PHE A 416 -36.73 20.92 3.60
C PHE A 416 -35.30 21.18 4.08
N MET A 417 -35.00 22.41 4.49
CA MET A 417 -33.67 22.74 4.99
C MET A 417 -33.40 22.05 6.31
N THR A 418 -34.42 21.93 7.16
CA THR A 418 -34.25 21.20 8.42
C THR A 418 -33.97 19.73 8.16
N LEU A 419 -34.59 19.16 7.13
CA LEU A 419 -34.22 17.82 6.68
C LEU A 419 -32.76 17.77 6.25
N VAL A 420 -32.33 18.76 5.47
CA VAL A 420 -30.95 18.78 4.97
C VAL A 420 -29.97 18.82 6.13
N LYS A 421 -30.27 19.62 7.16
CA LYS A 421 -29.35 19.78 8.28
C LYS A 421 -29.37 18.54 9.19
N GLN A 422 -30.54 17.94 9.37
CA GLN A 422 -30.66 16.81 10.30
C GLN A 422 -30.16 15.50 9.68
N TYR A 423 -30.69 15.14 8.51
CA TYR A 423 -30.23 13.93 7.84
C TYR A 423 -28.79 14.09 7.36
N GLY A 424 -28.43 15.29 6.93
CA GLY A 424 -27.08 15.61 6.53
C GLY A 424 -26.59 14.74 5.38
N PRO A 425 -27.18 14.90 4.20
CA PRO A 425 -26.73 14.11 3.04
C PRO A 425 -25.32 14.51 2.66
N GLU A 426 -24.39 13.56 2.74
CA GLU A 426 -23.02 13.85 2.32
C GLU A 426 -22.95 14.12 0.83
N PHE A 427 -23.88 13.57 0.05
CA PHE A 427 -23.94 13.83 -1.38
C PHE A 427 -25.34 14.24 -1.77
N VAL A 428 -25.41 15.08 -2.81
CA VAL A 428 -26.66 15.68 -3.28
C VAL A 428 -26.61 15.73 -4.81
N THR A 429 -27.67 15.25 -5.44
CA THR A 429 -27.72 15.19 -6.89
C THR A 429 -29.14 15.52 -7.37
N GLY A 430 -29.22 15.89 -8.64
CA GLY A 430 -30.47 16.20 -9.30
C GLY A 430 -30.25 16.38 -10.78
N TYR A 431 -31.05 17.21 -11.44
CA TYR A 431 -30.84 17.51 -12.85
C TYR A 431 -31.08 18.99 -13.08
N ASN A 432 -30.09 19.66 -13.66
CA ASN A 432 -30.07 21.12 -13.83
C ASN A 432 -30.39 21.83 -12.51
N ILE A 433 -29.92 21.25 -11.40
CA ILE A 433 -30.13 21.87 -10.09
C ILE A 433 -29.15 23.00 -9.81
N ILE A 434 -28.19 23.23 -10.71
CA ILE A 434 -27.27 24.34 -10.54
C ILE A 434 -27.85 25.65 -11.10
N ASN A 435 -28.63 25.56 -12.17
CA ASN A 435 -29.16 26.75 -12.82
C ASN A 435 -30.62 27.02 -12.50
N PHE A 436 -31.30 26.10 -11.82
CA PHE A 436 -32.70 26.33 -11.49
C PHE A 436 -33.02 26.03 -10.04
N ASP A 437 -32.96 24.75 -9.64
CA ASP A 437 -33.55 24.32 -8.37
C ASP A 437 -32.92 25.05 -7.18
N TRP A 438 -31.63 24.85 -6.96
CA TRP A 438 -30.95 25.53 -5.85
C TRP A 438 -31.04 27.05 -5.91
N PRO A 439 -30.82 27.72 -7.06
CA PRO A 439 -30.98 29.18 -7.05
C PRO A 439 -32.39 29.65 -6.73
N PHE A 440 -33.40 28.94 -7.22
CA PHE A 440 -34.77 29.26 -6.86
C PHE A 440 -34.97 29.15 -5.35
N LEU A 441 -34.70 27.96 -4.81
CA LEU A 441 -34.91 27.73 -3.37
C LEU A 441 -34.17 28.76 -2.52
N LEU A 442 -32.90 29.00 -2.83
CA LEU A 442 -32.10 29.91 -2.00
C LEU A 442 -32.47 31.36 -2.20
N ALA A 443 -32.90 31.75 -3.40
CA ALA A 443 -33.43 33.08 -3.61
C ALA A 443 -34.70 33.29 -2.78
N LYS A 444 -35.54 32.26 -2.69
CA LYS A 444 -36.69 32.31 -1.80
C LYS A 444 -36.25 32.46 -0.35
N LEU A 445 -35.37 31.58 0.12
CA LEU A 445 -34.91 31.60 1.50
C LEU A 445 -34.19 32.89 1.86
N THR A 446 -33.64 33.60 0.87
CA THR A 446 -32.78 34.74 1.13
C THR A 446 -33.50 36.06 0.90
N ASP A 447 -33.85 36.35 -0.36
CA ASP A 447 -34.38 37.66 -0.70
C ASP A 447 -35.76 37.89 -0.12
N ILE A 448 -36.57 36.83 -0.01
CA ILE A 448 -37.97 36.97 0.38
C ILE A 448 -38.13 36.72 1.88
N TYR A 449 -37.83 35.50 2.33
CA TYR A 449 -38.11 35.08 3.69
C TYR A 449 -36.97 35.41 4.66
N LYS A 450 -35.86 35.97 4.18
CA LYS A 450 -34.72 36.38 5.01
C LYS A 450 -34.26 35.29 5.96
N VAL A 451 -33.49 34.32 5.45
CA VAL A 451 -33.03 33.19 6.26
C VAL A 451 -31.51 33.04 6.08
N PRO A 452 -30.75 32.91 7.16
CA PRO A 452 -29.31 32.67 7.03
C PRO A 452 -29.03 31.22 6.65
N LEU A 453 -28.06 31.04 5.75
CA LEU A 453 -27.72 29.73 5.21
C LEU A 453 -26.44 29.15 5.80
N ASP A 454 -25.62 29.99 6.44
CA ASP A 454 -24.28 29.62 6.87
C ASP A 454 -24.24 28.44 7.85
N GLY A 455 -25.38 28.06 8.42
CA GLY A 455 -25.40 26.93 9.33
C GLY A 455 -26.08 25.72 8.74
N TYR A 456 -26.74 25.91 7.60
CA TYR A 456 -27.51 24.84 6.98
C TYR A 456 -26.66 23.91 6.13
N GLY A 457 -25.35 24.01 6.21
CA GLY A 457 -24.44 23.02 5.68
C GLY A 457 -24.05 22.00 6.75
N ARG A 458 -22.80 21.55 6.68
CA ARG A 458 -22.29 20.65 7.72
C ARG A 458 -21.88 21.42 8.97
N MET A 459 -21.35 22.63 8.80
CA MET A 459 -21.01 23.47 9.95
C MET A 459 -22.26 24.08 10.56
N ASN A 460 -22.25 24.21 11.90
CA ASN A 460 -23.34 24.85 12.61
C ASN A 460 -23.50 26.32 12.27
N GLY A 461 -22.50 26.92 11.63
CA GLY A 461 -22.57 28.32 11.30
C GLY A 461 -21.27 28.77 10.66
N ARG A 462 -21.33 29.96 10.06
CA ARG A 462 -20.20 30.56 9.36
C ARG A 462 -19.73 29.71 8.18
N GLY A 463 -20.61 28.87 7.65
CA GLY A 463 -20.27 27.97 6.57
C GLY A 463 -20.45 28.61 5.20
N VAL A 464 -20.40 27.77 4.17
CA VAL A 464 -20.41 28.20 2.78
C VAL A 464 -21.65 27.63 2.10
N PHE A 465 -22.43 28.50 1.48
CA PHE A 465 -23.67 28.06 0.82
C PHE A 465 -23.96 28.95 -0.38
N ARG A 466 -22.94 29.24 -1.18
CA ARG A 466 -23.12 30.15 -2.31
C ARG A 466 -23.43 29.39 -3.60
N VAL A 467 -23.88 30.15 -4.59
CA VAL A 467 -24.22 29.64 -5.92
C VAL A 467 -23.76 30.70 -6.93
N TRP A 468 -22.96 30.28 -7.90
CA TRP A 468 -22.32 31.18 -8.85
C TRP A 468 -22.91 31.00 -10.25
N ASP A 469 -23.04 32.10 -10.98
CA ASP A 469 -23.60 32.05 -12.34
C ASP A 469 -22.61 32.54 -13.40
N LYS A 477 -16.14 30.85 -16.09
CA LYS A 477 -16.47 30.10 -17.29
C LYS A 477 -17.40 28.91 -17.00
N ARG A 478 -17.98 28.88 -15.81
CA ARG A 478 -18.84 27.76 -15.41
C ARG A 478 -19.62 28.13 -14.16
N SER A 479 -20.89 27.73 -14.11
CA SER A 479 -21.71 27.88 -12.92
C SER A 479 -21.33 26.84 -11.88
N LYS A 480 -21.36 27.24 -10.61
CA LYS A 480 -20.92 26.36 -9.54
C LYS A 480 -21.89 26.45 -8.36
N ILE A 481 -21.85 25.41 -7.54
CA ILE A 481 -22.61 25.34 -6.29
C ILE A 481 -21.71 24.69 -5.25
N LYS A 482 -21.34 25.46 -4.23
CA LYS A 482 -20.43 24.99 -3.19
C LYS A 482 -21.13 25.04 -1.84
N VAL A 483 -21.27 23.88 -1.21
CA VAL A 483 -21.86 23.76 0.12
C VAL A 483 -20.89 22.97 1.00
N ASN A 484 -20.52 23.55 2.13
CA ASN A 484 -19.54 22.91 3.00
C ASN A 484 -20.06 21.56 3.49
N GLY A 485 -19.24 20.53 3.34
CA GLY A 485 -19.61 19.19 3.74
C GLY A 485 -20.71 18.56 2.91
N MET A 486 -21.08 19.17 1.79
CA MET A 486 -22.16 18.66 0.94
C MET A 486 -21.67 18.63 -0.50
N VAL A 487 -21.54 17.43 -1.06
CA VAL A 487 -20.99 17.26 -2.40
C VAL A 487 -22.14 17.32 -3.40
N ASN A 488 -22.20 18.39 -4.17
CA ASN A 488 -23.25 18.56 -5.18
C ASN A 488 -22.73 18.07 -6.53
N ILE A 489 -23.40 17.06 -7.09
CA ILE A 489 -23.08 16.53 -8.41
C ILE A 489 -24.33 16.69 -9.27
N ASP A 490 -24.30 17.65 -10.19
CA ASP A 490 -25.43 17.90 -11.07
C ASP A 490 -25.34 16.96 -12.26
N MET A 491 -26.21 15.94 -12.29
CA MET A 491 -26.18 14.95 -13.36
C MET A 491 -26.31 15.58 -14.75
N TYR A 492 -26.80 16.82 -14.83
CA TYR A 492 -26.84 17.54 -16.10
C TYR A 492 -25.45 17.61 -16.73
N GLY A 493 -24.51 18.25 -16.04
CA GLY A 493 -23.14 18.32 -16.57
C GLY A 493 -22.56 16.95 -16.84
N ILE A 494 -22.78 16.00 -15.94
CA ILE A 494 -22.32 14.63 -16.13
C ILE A 494 -22.73 14.10 -17.51
N ILE A 495 -24.01 14.25 -17.83
CA ILE A 495 -24.51 13.75 -19.12
C ILE A 495 -23.99 14.61 -20.27
N THR A 496 -23.84 15.93 -20.06
CA THR A 496 -23.33 16.80 -21.12
C THR A 496 -21.92 16.41 -21.52
N ASP A 497 -21.11 15.92 -20.57
CA ASP A 497 -19.75 15.50 -20.86
C ASP A 497 -19.67 14.07 -21.36
N LYS A 498 -20.54 13.17 -20.87
CA LYS A 498 -20.38 11.77 -21.19
C LYS A 498 -21.20 11.30 -22.40
N ILE A 499 -22.30 11.97 -22.73
CA ILE A 499 -23.18 11.53 -23.81
C ILE A 499 -23.34 12.65 -24.83
N LYS A 500 -23.43 12.26 -26.10
CA LYS A 500 -23.50 13.17 -27.24
C LYS A 500 -24.93 13.23 -27.75
N LEU A 501 -25.61 14.36 -27.52
CA LEU A 501 -26.99 14.52 -27.92
C LEU A 501 -27.20 15.90 -28.54
N SER A 502 -28.38 16.08 -29.14
CA SER A 502 -28.80 17.38 -29.67
C SER A 502 -29.57 18.20 -28.66
N SER A 503 -30.31 17.55 -27.76
CA SER A 503 -31.00 18.24 -26.68
C SER A 503 -30.94 17.36 -25.43
N TYR A 504 -30.85 18.02 -24.28
CA TYR A 504 -30.65 17.33 -23.00
C TYR A 504 -31.84 17.53 -22.07
N LYS A 505 -33.05 17.44 -22.61
CA LYS A 505 -34.23 17.30 -21.76
C LYS A 505 -34.17 15.96 -21.05
N LEU A 506 -34.56 15.95 -19.76
CA LEU A 506 -34.34 14.78 -18.92
C LEU A 506 -35.00 13.53 -19.51
N ASN A 507 -36.18 13.69 -20.11
CA ASN A 507 -36.85 12.54 -20.72
C ASN A 507 -36.08 12.04 -21.93
N ALA A 508 -35.58 12.95 -22.78
CA ALA A 508 -34.77 12.54 -23.92
C ALA A 508 -33.54 11.76 -23.47
N VAL A 509 -32.83 12.29 -22.46
CA VAL A 509 -31.67 11.60 -21.91
C VAL A 509 -32.07 10.22 -21.39
N ALA A 510 -33.21 10.14 -20.70
CA ALA A 510 -33.67 8.87 -20.15
C ALA A 510 -33.91 7.84 -21.25
N GLU A 511 -34.70 8.21 -22.26
CA GLU A 511 -34.95 7.31 -23.37
C GLU A 511 -33.67 6.94 -24.11
N ALA A 512 -32.71 7.85 -24.17
CA ALA A 512 -31.49 7.61 -24.94
C ALA A 512 -30.51 6.71 -24.20
N VAL A 513 -30.47 6.77 -22.87
CA VAL A 513 -29.47 6.05 -22.09
C VAL A 513 -30.02 4.78 -21.47
N LEU A 514 -31.18 4.87 -20.81
CA LEU A 514 -31.77 3.70 -20.16
C LEU A 514 -32.78 2.99 -21.04
N LYS A 515 -33.22 3.62 -22.13
CA LYS A 515 -34.30 3.12 -22.97
C LYS A 515 -35.60 3.01 -22.16
N ASP A 516 -35.81 3.96 -21.26
CA ASP A 516 -37.00 4.04 -20.43
C ASP A 516 -37.64 5.41 -20.62
N LYS A 517 -38.65 5.50 -21.48
CA LYS A 517 -39.34 6.76 -21.69
C LYS A 517 -40.29 7.04 -20.52
N LYS A 518 -40.37 8.32 -20.15
CA LYS A 518 -41.27 8.76 -19.10
C LYS A 518 -41.96 10.04 -19.53
N LYS A 519 -42.94 10.47 -18.74
CA LYS A 519 -43.82 11.56 -19.13
C LYS A 519 -43.10 12.90 -19.09
N ASP A 520 -43.30 13.70 -20.12
CA ASP A 520 -42.80 15.07 -20.15
C ASP A 520 -43.72 15.97 -19.32
N LEU A 521 -43.28 17.21 -19.12
CA LEU A 521 -44.07 18.16 -18.34
C LEU A 521 -43.70 19.56 -18.80
N SER A 522 -44.63 20.49 -18.61
CA SER A 522 -44.40 21.89 -18.91
C SER A 522 -45.04 22.75 -17.84
N TYR A 523 -44.51 23.97 -17.69
CA TYR A 523 -45.14 24.92 -16.77
C TYR A 523 -46.50 25.36 -17.29
N ARG A 524 -46.69 25.38 -18.60
CA ARG A 524 -47.97 25.78 -19.17
C ARG A 524 -49.13 24.97 -18.61
N ASP A 525 -48.86 23.75 -18.13
CA ASP A 525 -49.90 22.88 -17.63
C ASP A 525 -49.96 22.82 -16.11
N ILE A 526 -49.03 23.46 -15.39
CA ILE A 526 -48.99 23.22 -13.94
C ILE A 526 -50.14 23.87 -13.18
N PRO A 527 -50.58 25.11 -13.46
CA PRO A 527 -51.63 25.68 -12.60
C PRO A 527 -52.93 24.89 -12.64
N ALA A 528 -53.35 24.47 -13.83
CA ALA A 528 -54.57 23.68 -13.97
C ALA A 528 -54.51 22.44 -13.09
N TYR A 529 -53.48 21.60 -13.28
CA TYR A 529 -53.31 20.41 -12.45
C TYR A 529 -53.34 20.74 -10.97
N TYR A 530 -52.92 21.94 -10.59
CA TYR A 530 -52.92 22.30 -9.18
C TYR A 530 -54.32 22.64 -8.69
N ALA A 531 -55.12 23.32 -9.51
CA ALA A 531 -56.40 23.82 -9.05
C ALA A 531 -57.42 22.71 -8.84
N ALA A 532 -57.31 21.63 -9.62
CA ALA A 532 -58.35 20.60 -9.60
C ALA A 532 -58.48 19.93 -8.24
N GLY A 533 -57.39 19.85 -7.48
CA GLY A 533 -57.45 19.32 -6.15
C GLY A 533 -56.27 18.45 -5.79
N PRO A 534 -56.42 17.65 -4.73
CA PRO A 534 -55.29 16.84 -4.25
C PRO A 534 -54.88 15.72 -5.18
N ALA A 535 -55.79 15.20 -6.02
CA ALA A 535 -55.41 14.12 -6.92
C ALA A 535 -54.66 14.64 -8.13
N GLN A 536 -55.16 15.72 -8.74
CA GLN A 536 -54.47 16.33 -9.87
C GLN A 536 -53.19 17.04 -9.46
N ARG A 537 -52.98 17.28 -8.17
CA ARG A 537 -51.68 17.72 -7.67
C ARG A 537 -50.79 16.54 -7.30
N GLY A 538 -51.39 15.44 -6.85
CA GLY A 538 -50.65 14.22 -6.70
C GLY A 538 -50.08 13.74 -8.02
N VAL A 539 -50.73 14.12 -9.13
CA VAL A 539 -50.14 13.85 -10.45
C VAL A 539 -48.81 14.58 -10.58
N ILE A 540 -48.76 15.86 -10.19
CA ILE A 540 -47.51 16.60 -10.18
C ILE A 540 -46.48 15.89 -9.30
N GLY A 541 -46.92 15.40 -8.14
CA GLY A 541 -46.02 14.63 -7.28
C GLY A 541 -45.45 13.41 -7.98
N GLU A 542 -46.29 12.69 -8.73
CA GLU A 542 -45.82 11.53 -9.48
C GLU A 542 -44.79 11.94 -10.51
N TYR A 543 -45.00 13.07 -11.18
CA TYR A 543 -44.04 13.52 -12.19
C TYR A 543 -42.70 13.86 -11.56
N CYS A 544 -42.72 14.59 -10.44
CA CYS A 544 -41.48 14.94 -9.76
C CYS A 544 -40.74 13.68 -9.29
N ILE A 545 -41.47 12.74 -8.70
CA ILE A 545 -40.83 11.52 -8.19
C ILE A 545 -40.30 10.67 -9.33
N GLN A 546 -40.96 10.66 -10.48
CA GLN A 546 -40.44 9.91 -11.62
C GLN A 546 -39.17 10.57 -12.17
N ASP A 547 -39.15 11.90 -12.24
CA ASP A 547 -37.93 12.61 -12.61
C ASP A 547 -36.78 12.24 -11.68
N SER A 548 -37.03 12.30 -10.38
CA SER A 548 -35.97 12.06 -9.41
C SER A 548 -35.50 10.60 -9.44
N LEU A 549 -36.44 9.67 -9.65
CA LEU A 549 -36.05 8.27 -9.83
C LEU A 549 -35.15 8.12 -11.05
N LEU A 550 -35.52 8.77 -12.16
CA LEU A 550 -34.69 8.71 -13.36
C LEU A 550 -33.29 9.24 -13.10
N VAL A 551 -33.21 10.43 -12.49
CA VAL A 551 -31.90 11.01 -12.16
C VAL A 551 -31.09 10.04 -11.31
N GLY A 552 -31.72 9.46 -10.28
CA GLY A 552 -31.03 8.48 -9.47
C GLY A 552 -30.49 7.31 -10.29
N GLN A 553 -31.28 6.83 -11.25
CA GLN A 553 -30.83 5.74 -12.10
C GLN A 553 -29.60 6.15 -12.92
N LEU A 554 -29.65 7.34 -13.53
CA LEU A 554 -28.49 7.86 -14.26
C LEU A 554 -27.26 7.92 -13.37
N PHE A 555 -27.42 8.53 -12.19
CA PHE A 555 -26.36 8.64 -11.20
C PHE A 555 -25.69 7.29 -10.98
N PHE A 556 -26.46 6.28 -10.56
CA PHE A 556 -25.81 5.02 -10.25
C PHE A 556 -25.47 4.19 -11.48
N LYS A 557 -25.83 4.64 -12.69
CA LYS A 557 -25.25 4.02 -13.87
C LYS A 557 -23.85 4.55 -14.14
N PHE A 558 -23.68 5.86 -14.09
CA PHE A 558 -22.39 6.47 -14.42
C PHE A 558 -21.44 6.59 -13.25
N LEU A 559 -21.94 6.48 -12.02
CA LEU A 559 -21.12 6.51 -10.81
C LEU A 559 -20.18 7.72 -10.76
N PRO A 560 -20.70 8.94 -10.94
CA PRO A 560 -19.80 10.10 -10.98
C PRO A 560 -19.06 10.33 -9.68
N HIS A 561 -19.68 9.97 -8.55
CA HIS A 561 -19.02 10.15 -7.26
C HIS A 561 -17.71 9.38 -7.20
N LEU A 562 -17.71 8.12 -7.65
CA LEU A 562 -16.49 7.33 -7.60
C LEU A 562 -15.42 7.87 -8.55
N GLU A 563 -15.82 8.28 -9.75
CA GLU A 563 -14.89 8.85 -10.71
C GLU A 563 -14.21 10.09 -10.16
N LEU A 564 -15.01 11.07 -9.71
CA LEU A 564 -14.43 12.31 -9.20
C LEU A 564 -13.63 12.07 -7.93
N SER A 565 -14.14 11.19 -7.05
CA SER A 565 -13.38 10.88 -5.84
C SER A 565 -12.02 10.30 -6.18
N ALA A 566 -11.95 9.47 -7.23
CA ALA A 566 -10.65 8.93 -7.65
C ALA A 566 -9.75 10.02 -8.19
N VAL A 567 -10.29 10.96 -8.97
CA VAL A 567 -9.48 12.08 -9.43
C VAL A 567 -8.93 12.87 -8.24
N ALA A 568 -9.80 13.19 -7.29
CA ALA A 568 -9.40 13.93 -6.10
C ALA A 568 -8.28 13.21 -5.35
N ARG A 569 -8.44 11.91 -5.14
CA ARG A 569 -7.39 11.13 -4.49
C ARG A 569 -6.09 11.22 -5.28
N LEU A 570 -6.17 11.25 -6.61
CA LEU A 570 -4.95 11.31 -7.40
C LEU A 570 -4.24 12.67 -7.27
N ALA A 571 -5.00 13.77 -7.34
CA ALA A 571 -4.40 15.08 -7.50
C ALA A 571 -4.15 15.82 -6.18
N GLY A 572 -4.47 15.22 -5.05
CA GLY A 572 -4.26 15.90 -3.78
C GLY A 572 -5.21 17.05 -3.53
N ILE A 573 -6.39 17.01 -4.12
CA ILE A 573 -7.35 18.12 -4.11
C ILE A 573 -8.68 17.58 -3.60
N ASN A 574 -9.39 18.40 -2.83
CA ASN A 574 -10.64 17.93 -2.24
C ASN A 574 -11.71 17.80 -3.31
N ILE A 575 -12.72 16.97 -3.02
CA ILE A 575 -13.69 16.57 -4.04
C ILE A 575 -14.38 17.79 -4.64
N THR A 576 -14.70 18.80 -3.81
CA THR A 576 -15.38 19.99 -4.30
C THR A 576 -14.59 20.67 -5.41
N ARG A 577 -13.34 21.06 -5.10
CA ARG A 577 -12.50 21.68 -6.12
C ARG A 577 -12.24 20.75 -7.29
N THR A 578 -12.22 19.43 -7.03
CA THR A 578 -12.15 18.47 -8.14
C THR A 578 -13.29 18.73 -9.13
N ILE A 579 -14.50 18.94 -8.63
CA ILE A 579 -15.65 19.08 -9.52
C ILE A 579 -15.66 20.47 -10.16
N TYR A 580 -15.63 21.52 -9.35
CA TYR A 580 -16.08 22.84 -9.80
C TYR A 580 -14.96 23.85 -10.05
N ASP A 581 -13.71 23.53 -9.78
CA ASP A 581 -12.66 24.54 -9.82
C ASP A 581 -11.65 24.33 -10.94
N GLY A 582 -12.00 23.53 -11.95
CA GLY A 582 -11.18 23.41 -13.14
C GLY A 582 -10.12 22.33 -13.05
N GLN A 583 -9.33 22.25 -14.12
CA GLN A 583 -8.32 21.21 -14.24
C GLN A 583 -6.95 21.68 -13.77
N GLN A 584 -6.50 22.83 -14.27
CA GLN A 584 -5.19 23.40 -13.97
C GLN A 584 -4.75 23.12 -12.53
N ILE A 585 -5.67 23.28 -11.58
CA ILE A 585 -5.35 23.09 -10.16
C ILE A 585 -4.79 21.69 -9.89
N ARG A 586 -5.21 20.68 -10.65
CA ARG A 586 -4.78 19.31 -10.39
C ARG A 586 -3.32 19.11 -10.77
N VAL A 587 -3.01 19.31 -12.05
CA VAL A 587 -1.62 19.25 -12.52
C VAL A 587 -0.75 20.14 -11.65
N PHE A 588 -1.20 21.39 -11.41
CA PHE A 588 -0.45 22.29 -10.56
C PHE A 588 -0.13 21.65 -9.21
N THR A 589 -1.10 21.00 -8.58
CA THR A 589 -0.85 20.46 -7.26
C THR A 589 0.18 19.34 -7.31
N CYS A 590 0.08 18.45 -8.30
CA CYS A 590 1.06 17.37 -8.37
C CYS A 590 2.46 17.89 -8.72
N LEU A 591 2.54 18.84 -9.65
CA LEU A 591 3.81 19.45 -9.99
C LEU A 591 4.40 20.19 -8.79
N LEU A 592 3.55 20.81 -7.98
CA LEU A 592 4.01 21.47 -6.76
C LEU A 592 4.62 20.46 -5.80
N ARG A 593 3.94 19.33 -5.60
CA ARG A 593 4.50 18.24 -4.81
C ARG A 593 5.89 17.87 -5.32
N LEU A 594 6.00 17.58 -6.62
CA LEU A 594 7.26 17.08 -7.15
C LEU A 594 8.37 18.12 -7.08
N ALA A 595 8.07 19.36 -7.45
CA ALA A 595 9.08 20.41 -7.44
C ALA A 595 9.58 20.69 -6.02
N ASP A 596 8.65 20.88 -5.08
CA ASP A 596 9.04 21.05 -3.68
C ASP A 596 9.91 19.89 -3.22
N GLN A 597 9.55 18.66 -3.62
CA GLN A 597 10.37 17.50 -3.29
C GLN A 597 11.77 17.63 -3.87
N LYS A 598 11.89 18.14 -5.10
CA LYS A 598 13.17 18.19 -5.80
C LYS A 598 13.86 19.54 -5.72
N GLY A 599 13.43 20.43 -4.82
CA GLY A 599 14.18 21.62 -4.48
C GLY A 599 13.80 22.88 -5.21
N PHE A 600 12.74 22.87 -6.01
CA PHE A 600 12.27 24.10 -6.63
C PHE A 600 11.22 24.76 -5.74
N ILE A 601 10.74 25.93 -6.18
CA ILE A 601 9.56 26.58 -5.62
C ILE A 601 8.82 27.24 -6.76
N LEU A 602 7.50 27.04 -6.81
CA LEU A 602 6.71 27.52 -7.94
C LEU A 602 6.42 29.01 -7.78
N PRO A 603 6.77 29.85 -8.76
CA PRO A 603 6.46 31.28 -8.67
C PRO A 603 4.99 31.55 -8.93
N ASP A 604 4.44 32.51 -8.18
CA ASP A 604 3.06 32.94 -8.37
C ASP A 604 3.00 33.95 -9.50
N THR A 605 2.22 33.64 -10.54
CA THR A 605 2.01 34.59 -11.62
C THR A 605 0.84 35.51 -11.31
N GLN A 606 -0.25 34.94 -10.82
CA GLN A 606 -1.48 35.68 -10.51
C GLN A 606 -1.24 36.87 -9.58
N VAL A 660 -4.72 33.28 -29.42
CA VAL A 660 -3.93 32.19 -29.97
C VAL A 660 -2.45 32.40 -29.66
N GLY A 661 -1.87 31.47 -28.92
CA GLY A 661 -0.55 31.67 -28.36
C GLY A 661 0.61 31.16 -29.17
N TYR A 662 0.50 29.94 -29.71
CA TYR A 662 1.63 29.29 -30.37
C TYR A 662 1.13 28.43 -31.51
N GLN A 663 2.02 28.17 -32.46
CA GLN A 663 1.64 27.40 -33.65
C GLN A 663 1.30 25.97 -33.27
N GLY A 664 0.11 25.52 -33.68
CA GLY A 664 -0.34 24.18 -33.37
C GLY A 664 0.12 23.14 -34.36
N ALA A 665 -0.75 22.19 -34.68
CA ALA A 665 -0.42 21.13 -35.64
C ALA A 665 -0.73 21.58 -37.05
N ARG A 666 -0.20 20.84 -38.02
CA ARG A 666 -0.44 21.09 -39.44
C ARG A 666 -1.13 19.88 -40.03
N VAL A 667 -2.33 20.08 -40.57
CA VAL A 667 -3.09 18.98 -41.17
C VAL A 667 -2.54 18.72 -42.57
N HIS A 668 -2.11 17.48 -42.80
CA HIS A 668 -1.61 17.07 -44.11
C HIS A 668 -2.64 17.36 -45.19
N ASP A 669 -2.34 18.31 -46.06
CA ASP A 669 -3.19 18.71 -47.18
C ASP A 669 -3.60 17.49 -47.97
N PRO A 670 -4.84 17.02 -47.83
CA PRO A 670 -5.23 15.75 -48.46
C PRO A 670 -5.68 15.93 -49.89
N THR A 671 -5.29 14.98 -50.75
CA THR A 671 -5.86 14.89 -52.09
C THR A 671 -7.14 14.08 -51.98
N SER A 672 -8.27 14.74 -52.24
CA SER A 672 -9.58 14.24 -51.86
C SER A 672 -10.00 13.06 -52.72
N GLY A 673 -11.22 12.59 -52.50
CA GLY A 673 -11.84 11.61 -53.36
C GLY A 673 -12.17 10.32 -52.64
N PHE A 674 -12.79 9.41 -53.40
CA PHE A 674 -13.15 8.08 -52.92
C PHE A 674 -12.00 7.12 -53.22
N HIS A 675 -11.59 6.37 -52.21
CA HIS A 675 -10.51 5.40 -52.33
C HIS A 675 -11.05 4.02 -52.03
N VAL A 676 -10.90 3.12 -52.99
CA VAL A 676 -11.43 1.76 -52.91
C VAL A 676 -10.30 0.79 -52.57
N ASN A 677 -9.08 1.14 -52.97
CA ASN A 677 -7.92 0.35 -52.60
C ASN A 677 -7.72 0.37 -51.09
N PRO A 678 -7.04 -0.62 -50.53
CA PRO A 678 -6.88 -0.67 -49.07
C PRO A 678 -6.12 0.55 -48.53
N VAL A 679 -6.61 1.05 -47.40
CA VAL A 679 -6.03 2.20 -46.70
C VAL A 679 -5.61 1.74 -45.31
N VAL A 680 -4.41 2.14 -44.87
CA VAL A 680 -3.89 1.73 -43.57
C VAL A 680 -3.77 2.95 -42.67
N GLY A 681 -4.20 2.79 -41.43
CA GLY A 681 -4.21 3.86 -40.45
C GLY A 681 -3.26 3.66 -39.29
N PHE A 682 -2.17 4.42 -39.30
CA PHE A 682 -1.21 4.47 -38.21
C PHE A 682 -1.49 5.70 -37.34
N ASP A 683 -1.16 5.57 -36.05
CA ASP A 683 -1.22 6.72 -35.17
C ASP A 683 -0.36 6.48 -33.94
N PHE A 684 0.14 7.57 -33.35
CA PHE A 684 1.02 7.49 -32.20
C PHE A 684 0.22 7.32 -30.91
N ALA A 685 0.82 6.61 -29.96
CA ALA A 685 0.21 6.37 -28.65
C ALA A 685 0.63 7.49 -27.71
N SER A 686 -0.31 8.38 -27.41
CA SER A 686 -0.08 9.55 -26.56
C SER A 686 1.13 10.35 -27.04
N LEU A 687 0.96 10.91 -28.25
CA LEU A 687 2.06 11.55 -28.94
C LEU A 687 2.68 12.66 -28.10
N TYR A 688 1.87 13.62 -27.69
CA TYR A 688 2.41 14.77 -26.95
C TYR A 688 3.07 14.37 -25.63
N PRO A 689 2.43 13.60 -24.75
CA PRO A 689 3.14 13.16 -23.53
C PRO A 689 4.43 12.42 -23.83
N SER A 690 4.45 11.57 -24.85
CA SER A 690 5.66 10.84 -25.19
C SER A 690 6.76 11.77 -25.70
N ILE A 691 6.38 12.84 -26.41
CA ILE A 691 7.36 13.85 -26.80
C ILE A 691 7.99 14.46 -25.55
N ILE A 692 7.14 14.87 -24.60
CA ILE A 692 7.64 15.46 -23.37
C ILE A 692 8.62 14.53 -22.68
N GLN A 693 8.23 13.26 -22.52
CA GLN A 693 9.11 12.29 -21.86
C GLN A 693 10.43 12.13 -22.61
N ALA A 694 10.37 11.90 -23.91
CA ALA A 694 11.56 11.56 -24.68
C ALA A 694 12.56 12.71 -24.68
N HIS A 695 12.10 13.92 -24.97
CA HIS A 695 13.02 15.06 -25.09
C HIS A 695 13.14 15.87 -23.82
N ASN A 696 12.66 15.35 -22.69
CA ASN A 696 12.97 15.91 -21.38
C ASN A 696 12.50 17.37 -21.27
N LEU A 697 11.37 17.67 -21.90
CA LEU A 697 10.83 19.01 -21.84
C LEU A 697 10.28 19.31 -20.45
N CYS A 698 10.60 20.49 -19.94
CA CYS A 698 10.14 20.92 -18.63
C CYS A 698 10.37 22.42 -18.51
N PHE A 699 9.75 23.01 -17.49
CA PHE A 699 10.13 24.37 -17.10
C PHE A 699 11.62 24.42 -16.77
N SER A 700 12.10 23.43 -16.03
CA SER A 700 13.45 23.49 -15.47
C SER A 700 14.54 23.09 -16.45
N THR A 701 14.18 22.52 -17.60
CA THR A 701 15.17 22.07 -18.58
C THR A 701 15.22 22.96 -19.81
N LEU A 702 14.39 23.98 -19.87
CA LEU A 702 14.34 24.91 -20.99
C LEU A 702 15.36 26.02 -20.77
N SER A 703 15.88 26.56 -21.87
CA SER A 703 16.68 27.77 -21.80
C SER A 703 16.50 28.59 -23.07
N LEU A 704 16.50 29.92 -22.91
CA LEU A 704 16.33 30.84 -24.02
C LEU A 704 17.64 31.45 -24.48
N ARG A 705 18.75 31.13 -23.83
CA ARG A 705 20.02 31.81 -24.06
C ARG A 705 21.12 30.80 -24.29
N ALA A 706 21.92 31.02 -25.34
CA ALA A 706 22.98 30.07 -25.68
C ALA A 706 24.03 29.98 -24.58
N ASP A 707 24.40 31.11 -23.97
CA ASP A 707 25.46 31.11 -22.97
C ASP A 707 25.13 30.20 -21.79
N ALA A 708 23.85 29.93 -21.54
CA ALA A 708 23.50 28.97 -20.49
C ALA A 708 23.98 27.57 -20.83
N VAL A 709 23.78 27.13 -22.07
CA VAL A 709 24.14 25.79 -22.49
C VAL A 709 25.45 25.75 -23.26
N ALA A 710 26.17 26.87 -23.30
CA ALA A 710 27.43 26.92 -24.06
C ALA A 710 28.53 26.08 -23.44
N HIS A 711 28.33 25.54 -22.24
CA HIS A 711 29.35 24.76 -21.55
C HIS A 711 29.13 23.26 -21.65
N LEU A 712 28.18 22.82 -22.48
CA LEU A 712 28.00 21.41 -22.76
C LEU A 712 27.96 21.19 -24.27
N GLU A 713 28.22 19.94 -24.65
CA GLU A 713 28.30 19.57 -26.05
C GLU A 713 26.90 19.52 -26.66
N ALA A 714 26.69 20.25 -27.74
CA ALA A 714 25.39 20.26 -28.40
C ALA A 714 25.00 18.85 -28.82
N GLY A 715 23.70 18.65 -28.98
CA GLY A 715 23.19 17.35 -29.41
C GLY A 715 23.32 16.27 -28.36
N LYS A 716 24.52 16.06 -27.83
CA LYS A 716 24.71 15.02 -26.83
C LYS A 716 24.21 15.42 -25.45
N ASP A 717 24.30 16.70 -25.11
CA ASP A 717 23.87 17.17 -23.80
C ASP A 717 22.62 18.03 -23.83
N TYR A 718 22.29 18.63 -24.96
CA TYR A 718 21.06 19.39 -25.04
C TYR A 718 20.50 19.29 -26.45
N LEU A 719 19.24 19.69 -26.57
CA LEU A 719 18.52 19.71 -27.83
C LEU A 719 18.34 21.17 -28.23
N GLU A 720 18.87 21.52 -29.39
CA GLU A 720 18.61 22.82 -30.00
C GLU A 720 17.42 22.65 -30.94
N ILE A 721 16.46 23.55 -30.84
CA ILE A 721 15.30 23.49 -31.74
C ILE A 721 14.81 24.91 -31.96
N GLU A 722 14.41 25.21 -33.19
CA GLU A 722 13.85 26.52 -33.51
C GLU A 722 12.33 26.42 -33.41
N VAL A 723 11.75 27.24 -32.56
CA VAL A 723 10.31 27.25 -32.32
C VAL A 723 9.84 28.70 -32.38
N GLY A 724 8.81 28.96 -33.19
CA GLY A 724 8.25 30.29 -33.33
C GLY A 724 9.29 31.34 -33.63
N GLY A 725 10.18 31.06 -34.57
CA GLY A 725 11.20 32.01 -34.95
C GLY A 725 12.15 32.40 -33.84
N ARG A 726 12.44 31.47 -32.93
CA ARG A 726 13.37 31.73 -31.85
C ARG A 726 14.03 30.42 -31.44
N ARG A 727 15.33 30.48 -31.17
CA ARG A 727 16.05 29.29 -30.75
C ARG A 727 15.72 28.94 -29.31
N LEU A 728 15.44 27.67 -29.08
CA LEU A 728 15.22 27.11 -27.76
C LEU A 728 16.21 26.00 -27.52
N PHE A 729 16.66 25.88 -26.27
CA PHE A 729 17.54 24.81 -25.83
C PHE A 729 16.84 24.05 -24.73
N PHE A 730 16.80 22.73 -24.86
CA PHE A 730 16.27 21.84 -23.83
C PHE A 730 17.39 20.91 -23.41
N VAL A 731 17.99 21.18 -22.25
CA VAL A 731 19.03 20.31 -21.73
C VAL A 731 18.49 18.89 -21.66
N LYS A 732 19.34 17.91 -22.00
CA LYS A 732 18.88 16.54 -22.08
C LYS A 732 18.66 15.96 -20.67
N ALA A 733 18.32 14.68 -20.63
CA ALA A 733 17.84 14.09 -19.37
C ALA A 733 18.97 13.95 -18.37
N HIS A 734 20.15 13.48 -18.81
CA HIS A 734 21.23 13.20 -17.89
C HIS A 734 21.80 14.46 -17.24
N VAL A 735 21.50 15.64 -17.76
CA VAL A 735 21.94 16.88 -17.13
C VAL A 735 20.98 17.21 -15.99
N ARG A 736 19.73 17.50 -16.33
CA ARG A 736 18.70 17.82 -15.36
C ARG A 736 17.43 17.12 -15.80
N GLU A 737 16.87 16.27 -14.94
CA GLU A 737 15.69 15.50 -15.30
C GLU A 737 14.44 16.37 -15.22
N SER A 738 13.58 16.22 -16.24
CA SER A 738 12.39 17.05 -16.34
C SER A 738 11.35 16.67 -15.30
N LEU A 739 10.74 17.69 -14.68
CA LEU A 739 9.65 17.44 -13.73
C LEU A 739 8.46 16.82 -14.43
N LEU A 740 8.06 17.39 -15.57
CA LEU A 740 6.92 16.87 -16.31
C LEU A 740 7.16 15.43 -16.73
N SER A 741 8.38 15.12 -17.19
CA SER A 741 8.70 13.75 -17.60
C SER A 741 8.53 12.78 -16.44
N ILE A 742 8.92 13.19 -15.23
CA ILE A 742 8.77 12.31 -14.06
C ILE A 742 7.29 12.10 -13.75
N LEU A 743 6.51 13.19 -13.75
CA LEU A 743 5.08 13.05 -13.49
C LEU A 743 4.44 12.08 -14.49
N LEU A 744 4.76 12.23 -15.77
CA LEU A 744 4.17 11.37 -16.79
C LEU A 744 4.61 9.92 -16.63
N ARG A 745 5.90 9.68 -16.42
CA ARG A 745 6.36 8.30 -16.31
C ARG A 745 5.76 7.61 -15.10
N ASP A 746 5.72 8.30 -13.96
CA ASP A 746 5.13 7.69 -12.77
C ASP A 746 3.64 7.42 -12.96
N TRP A 747 2.92 8.37 -13.53
CA TRP A 747 1.50 8.14 -13.77
C TRP A 747 1.28 6.95 -14.72
N LEU A 748 2.06 6.89 -15.80
CA LEU A 748 1.91 5.81 -16.77
C LEU A 748 2.18 4.45 -16.14
N ALA A 749 3.32 4.31 -15.45
CA ALA A 749 3.61 3.04 -14.80
C ALA A 749 2.56 2.69 -13.75
N MET A 750 1.96 3.71 -13.13
CA MET A 750 0.86 3.47 -12.19
C MET A 750 -0.36 2.91 -12.92
N ARG A 751 -0.73 3.52 -14.05
CA ARG A 751 -1.88 3.06 -14.82
C ARG A 751 -1.67 1.63 -15.29
N LYS A 752 -0.50 1.33 -15.84
CA LYS A 752 -0.21 -0.04 -16.26
C LYS A 752 -0.29 -1.00 -15.08
N GLN A 753 0.22 -0.60 -13.91
CA GLN A 753 0.15 -1.48 -12.75
C GLN A 753 -1.30 -1.81 -12.38
N ILE A 754 -2.16 -0.79 -12.30
CA ILE A 754 -3.52 -1.09 -11.84
C ILE A 754 -4.34 -1.77 -12.94
N ARG A 755 -3.97 -1.57 -14.21
CA ARG A 755 -4.69 -2.26 -15.27
C ARG A 755 -4.28 -3.72 -15.37
N SER A 756 -3.07 -4.06 -14.95
CA SER A 756 -2.67 -5.46 -14.91
C SER A 756 -3.40 -6.25 -13.82
N ARG A 757 -4.16 -5.58 -12.96
CA ARG A 757 -4.90 -6.23 -11.89
C ARG A 757 -6.39 -6.36 -12.19
N ILE A 758 -6.86 -5.85 -13.33
CA ILE A 758 -8.28 -5.92 -13.64
C ILE A 758 -8.77 -7.37 -13.76
N PRO A 759 -8.11 -8.27 -14.52
CA PRO A 759 -8.58 -9.66 -14.60
C PRO A 759 -8.79 -10.34 -13.25
N GLN A 760 -7.72 -10.58 -12.50
CA GLN A 760 -7.80 -11.34 -11.26
C GLN A 760 -8.42 -10.52 -10.12
N SER A 761 -9.45 -9.72 -10.42
CA SER A 761 -10.10 -8.89 -9.43
C SER A 761 -11.62 -9.02 -9.57
N SER A 762 -12.31 -8.99 -8.43
CA SER A 762 -13.77 -9.03 -8.45
C SER A 762 -14.32 -7.80 -9.18
N PRO A 763 -15.44 -7.94 -9.89
CA PRO A 763 -15.99 -6.80 -10.63
C PRO A 763 -16.29 -5.60 -9.75
N GLU A 764 -16.68 -5.84 -8.49
CA GLU A 764 -16.82 -4.75 -7.53
C GLU A 764 -15.53 -3.94 -7.44
N GLU A 765 -14.40 -4.63 -7.24
CA GLU A 765 -13.12 -3.94 -7.23
C GLU A 765 -12.74 -3.42 -8.61
N ALA A 766 -13.18 -4.11 -9.67
CA ALA A 766 -12.76 -3.73 -11.02
C ALA A 766 -13.38 -2.41 -11.45
N VAL A 767 -14.57 -2.07 -10.93
CA VAL A 767 -15.13 -0.76 -11.23
C VAL A 767 -14.22 0.34 -10.67
N LEU A 768 -13.82 0.18 -9.41
CA LEU A 768 -12.93 1.16 -8.79
C LEU A 768 -11.61 1.26 -9.55
N LEU A 769 -11.03 0.10 -9.89
CA LEU A 769 -9.78 0.11 -10.66
C LEU A 769 -9.96 0.87 -11.97
N ASP A 770 -11.09 0.70 -12.64
CA ASP A 770 -11.29 1.40 -13.90
C ASP A 770 -11.42 2.91 -13.69
N LYS A 771 -12.16 3.32 -12.65
CA LYS A 771 -12.24 4.75 -12.35
C LYS A 771 -10.85 5.33 -12.10
N GLN A 772 -10.01 4.58 -11.37
CA GLN A 772 -8.65 5.02 -11.07
C GLN A 772 -7.85 5.24 -12.36
N GLN A 773 -7.84 4.23 -13.25
CA GLN A 773 -7.07 4.37 -14.48
C GLN A 773 -7.63 5.49 -15.35
N ALA A 774 -8.95 5.71 -15.31
CA ALA A 774 -9.53 6.82 -16.06
C ALA A 774 -8.99 8.16 -15.56
N ALA A 775 -8.98 8.37 -14.24
CA ALA A 775 -8.42 9.60 -13.68
C ALA A 775 -6.98 9.80 -14.14
N ILE A 776 -6.17 8.74 -14.03
CA ILE A 776 -4.76 8.85 -14.43
C ILE A 776 -4.65 9.30 -15.88
N LYS A 777 -5.42 8.67 -16.78
CA LYS A 777 -5.38 9.10 -18.18
C LYS A 777 -5.79 10.57 -18.32
N VAL A 778 -6.75 11.02 -17.50
CA VAL A 778 -7.20 12.40 -17.57
C VAL A 778 -6.05 13.36 -17.30
N VAL A 779 -5.38 13.20 -16.16
CA VAL A 779 -4.34 14.18 -15.84
C VAL A 779 -3.16 14.06 -16.81
N CYS A 780 -2.85 12.84 -17.25
CA CYS A 780 -1.77 12.66 -18.21
C CYS A 780 -2.04 13.46 -19.48
N ASN A 781 -3.27 13.40 -19.99
CA ASN A 781 -3.58 14.27 -21.11
C ASN A 781 -3.74 15.73 -20.69
N SER A 782 -3.75 16.01 -19.39
CA SER A 782 -3.89 17.38 -18.91
C SER A 782 -2.55 18.12 -18.82
N VAL A 783 -1.42 17.41 -18.82
CA VAL A 783 -0.09 18.03 -18.69
C VAL A 783 0.15 19.10 -19.75
N TYR A 784 0.22 18.68 -21.03
CA TYR A 784 0.58 19.59 -22.12
C TYR A 784 -0.32 20.82 -22.14
N GLY A 785 -1.63 20.60 -22.08
CA GLY A 785 -2.56 21.72 -22.03
C GLY A 785 -2.23 22.68 -20.90
N PHE A 786 -2.10 22.15 -19.67
CA PHE A 786 -1.67 22.98 -18.56
C PHE A 786 -0.46 23.83 -18.92
N THR A 787 0.51 23.23 -19.61
CA THR A 787 1.69 23.98 -20.06
C THR A 787 1.31 25.11 -21.02
N GLY A 788 0.25 24.94 -21.80
CA GLY A 788 -0.07 25.94 -22.80
C GLY A 788 -1.12 26.99 -22.47
N VAL A 789 -1.41 27.21 -21.19
CA VAL A 789 -2.48 28.13 -20.79
C VAL A 789 -1.84 29.49 -20.50
N GLN A 790 -1.75 30.33 -21.53
CA GLN A 790 -1.22 31.67 -21.32
C GLN A 790 -2.04 32.40 -20.26
N HIS A 791 -1.33 33.06 -19.35
CA HIS A 791 -1.88 33.79 -18.22
C HIS A 791 -2.58 32.90 -17.20
N GLY A 792 -2.38 31.58 -17.27
CA GLY A 792 -2.85 30.66 -16.25
C GLY A 792 -1.84 30.55 -15.13
N LEU A 793 -2.04 29.53 -14.29
CA LEU A 793 -1.05 29.24 -13.26
C LEU A 793 0.12 28.48 -13.89
N LEU A 794 1.33 28.92 -13.56
CA LEU A 794 2.60 28.36 -14.01
C LEU A 794 2.59 28.04 -15.51
N PRO A 795 2.36 29.02 -16.37
CA PRO A 795 2.36 28.74 -17.80
C PRO A 795 3.78 28.78 -18.37
N CYS A 796 3.97 28.01 -19.43
CA CYS A 796 5.21 28.08 -20.19
C CYS A 796 4.90 27.69 -21.64
N LEU A 797 4.55 28.70 -22.45
CA LEU A 797 4.15 28.43 -23.82
C LEU A 797 5.29 27.86 -24.65
N HIS A 798 6.54 28.10 -24.26
CA HIS A 798 7.67 27.52 -24.99
C HIS A 798 7.59 26.00 -25.00
N VAL A 799 7.22 25.40 -23.88
CA VAL A 799 7.10 23.94 -23.83
C VAL A 799 6.01 23.47 -24.79
N ALA A 800 4.85 24.12 -24.75
CA ALA A 800 3.74 23.72 -25.61
C ALA A 800 4.13 23.80 -27.08
N ALA A 801 4.65 24.95 -27.50
CA ALA A 801 5.02 25.13 -28.91
C ALA A 801 6.14 24.19 -29.32
N THR A 802 7.07 23.89 -28.41
CA THR A 802 8.06 22.86 -28.69
C THR A 802 7.40 21.50 -28.92
N VAL A 803 6.41 21.17 -28.09
CA VAL A 803 5.71 19.89 -28.25
C VAL A 803 5.07 19.81 -29.63
N THR A 804 4.25 20.80 -29.98
CA THR A 804 3.60 20.77 -31.28
C THR A 804 4.61 20.72 -32.42
N THR A 805 5.67 21.54 -32.34
CA THR A 805 6.66 21.57 -33.40
C THR A 805 7.34 20.21 -33.56
N ILE A 806 7.65 19.54 -32.44
CA ILE A 806 8.25 18.21 -32.52
C ILE A 806 7.27 17.22 -33.12
N GLY A 807 5.99 17.33 -32.76
CA GLY A 807 4.99 16.43 -33.35
C GLY A 807 4.90 16.58 -34.86
N ARG A 808 4.82 17.83 -35.33
CA ARG A 808 4.82 18.08 -36.77
C ARG A 808 6.06 17.49 -37.44
N GLU A 809 7.25 17.77 -36.88
CA GLU A 809 8.48 17.20 -37.44
C GLU A 809 8.42 15.68 -37.48
N MET A 810 7.82 15.07 -36.45
CA MET A 810 7.75 13.61 -36.39
C MET A 810 6.84 13.05 -37.47
N LEU A 811 5.68 13.67 -37.68
CA LEU A 811 4.79 13.23 -38.74
C LEU A 811 5.46 13.36 -40.10
N LEU A 812 6.03 14.53 -40.39
CA LEU A 812 6.73 14.72 -41.65
C LEU A 812 7.79 13.65 -41.87
N ALA A 813 8.57 13.34 -40.83
CA ALA A 813 9.62 12.33 -40.96
C ALA A 813 9.03 10.95 -41.21
N THR A 814 7.93 10.61 -40.55
CA THR A 814 7.28 9.33 -40.81
C THR A 814 6.85 9.22 -42.27
N ARG A 815 6.17 10.25 -42.77
CA ARG A 815 5.78 10.28 -44.17
C ARG A 815 6.97 10.04 -45.08
N GLU A 816 8.00 10.89 -44.99
CA GLU A 816 9.13 10.77 -45.90
C GLU A 816 9.80 9.40 -45.80
N TYR A 817 9.81 8.81 -44.61
CA TYR A 817 10.41 7.48 -44.44
C TYR A 817 9.61 6.42 -45.18
N VAL A 818 8.27 6.43 -45.00
CA VAL A 818 7.44 5.42 -45.68
C VAL A 818 7.53 5.58 -47.19
N HIS A 819 7.52 6.83 -47.68
CA HIS A 819 7.66 7.07 -49.11
C HIS A 819 8.98 6.51 -49.63
N ALA A 820 10.09 6.90 -49.00
CA ALA A 820 11.40 6.62 -49.60
C ALA A 820 11.84 5.18 -49.41
N ARG A 821 11.44 4.52 -48.32
CA ARG A 821 11.95 3.18 -48.06
C ARG A 821 11.10 2.07 -48.64
N TRP A 822 9.81 2.33 -48.89
CA TRP A 822 8.90 1.29 -49.35
C TRP A 822 8.16 1.73 -50.61
N ALA A 823 8.88 2.40 -51.51
CA ALA A 823 8.34 2.67 -52.82
C ALA A 823 8.40 1.44 -53.72
N ALA A 824 9.39 0.59 -53.53
CA ALA A 824 9.56 -0.63 -54.31
C ALA A 824 9.05 -1.82 -53.52
N PHE A 825 8.19 -2.63 -54.15
CA PHE A 825 7.69 -3.85 -53.51
C PHE A 825 8.83 -4.78 -53.13
N GLU A 826 9.95 -4.72 -53.85
CA GLU A 826 11.16 -5.44 -53.46
C GLU A 826 11.49 -5.21 -51.99
N GLN A 827 11.47 -3.95 -51.56
CA GLN A 827 11.81 -3.62 -50.19
C GLN A 827 10.77 -4.15 -49.21
N LEU A 828 9.49 -3.99 -49.55
CA LEU A 828 8.43 -4.51 -48.69
C LEU A 828 8.65 -5.99 -48.44
N LEU A 829 8.76 -6.77 -49.51
CA LEU A 829 9.02 -8.20 -49.36
C LEU A 829 10.30 -8.45 -48.58
N ALA A 830 11.30 -7.58 -48.75
CA ALA A 830 12.58 -7.76 -48.10
C ALA A 830 12.45 -7.67 -46.58
N ASP A 831 11.94 -6.54 -46.09
CA ASP A 831 11.79 -6.37 -44.64
C ASP A 831 10.82 -7.38 -44.06
N PHE A 832 9.73 -7.66 -44.78
CA PHE A 832 8.67 -8.54 -44.28
C PHE A 832 8.42 -9.63 -45.30
N PRO A 833 8.83 -10.88 -45.04
CA PRO A 833 8.47 -11.98 -45.93
C PRO A 833 7.01 -12.37 -45.78
N GLU A 834 6.11 -11.40 -45.93
CA GLU A 834 4.67 -11.61 -45.79
C GLU A 834 3.86 -10.95 -46.89
N ALA A 835 4.46 -10.08 -47.70
CA ALA A 835 3.78 -9.47 -48.84
C ALA A 835 3.68 -10.41 -50.03
N ALA A 836 4.41 -11.53 -50.03
CA ALA A 836 4.20 -12.55 -51.05
C ALA A 836 2.74 -12.99 -51.07
N ASP A 837 2.19 -13.30 -49.89
CA ASP A 837 0.79 -13.68 -49.76
C ASP A 837 -0.10 -12.47 -49.63
N MET A 838 0.30 -11.35 -50.24
CA MET A 838 -0.51 -10.15 -50.20
C MET A 838 -0.35 -9.27 -51.44
N ARG A 839 0.34 -9.73 -52.48
CA ARG A 839 0.44 -8.95 -53.70
C ARG A 839 -0.89 -8.96 -54.45
N ALA A 840 -1.40 -7.79 -54.76
CA ALA A 840 -2.69 -7.62 -55.41
C ALA A 840 -2.52 -7.56 -56.91
N PRO A 841 -3.62 -7.67 -57.68
CA PRO A 841 -3.51 -7.56 -59.15
C PRO A 841 -2.78 -6.31 -59.63
N GLY A 842 -3.25 -5.13 -59.22
CA GLY A 842 -2.77 -3.88 -59.75
C GLY A 842 -1.30 -3.59 -59.45
N PRO A 843 -0.82 -2.45 -59.93
CA PRO A 843 0.57 -2.06 -59.66
C PRO A 843 0.75 -1.65 -58.20
N TYR A 844 1.99 -1.77 -57.73
CA TYR A 844 2.31 -1.52 -56.34
C TYR A 844 2.64 -0.05 -56.11
N SER A 845 2.05 0.52 -55.06
CA SER A 845 2.36 1.88 -54.64
C SER A 845 2.07 2.00 -53.15
N MET A 846 2.81 2.91 -52.49
CA MET A 846 2.55 3.20 -51.09
C MET A 846 2.84 4.68 -50.87
N ARG A 847 1.79 5.45 -50.60
CA ARG A 847 1.91 6.88 -50.44
C ARG A 847 1.02 7.34 -49.30
N ILE A 848 1.54 8.26 -48.49
CA ILE A 848 0.73 8.90 -47.46
C ILE A 848 -0.32 9.74 -48.15
N ILE A 849 -1.60 9.46 -47.86
CA ILE A 849 -2.69 10.22 -48.41
C ILE A 849 -3.27 11.22 -47.41
N TYR A 850 -3.30 10.89 -46.12
CA TYR A 850 -3.91 11.82 -45.17
C TYR A 850 -3.13 11.83 -43.85
N GLY A 851 -3.24 12.94 -43.12
CA GLY A 851 -2.56 13.06 -41.84
C GLY A 851 -3.01 14.23 -41.00
N ASP A 852 -3.16 14.01 -39.69
CA ASP A 852 -3.66 15.06 -38.79
C ASP A 852 -3.05 14.85 -37.42
N THR A 853 -2.14 15.76 -37.03
CA THR A 853 -1.56 15.80 -35.70
C THR A 853 -0.68 14.59 -35.40
N ASP A 854 -1.29 13.41 -35.27
CA ASP A 854 -0.58 12.20 -34.88
C ASP A 854 -1.03 11.00 -35.69
N SER A 855 -1.56 11.24 -36.88
CA SER A 855 -2.19 10.19 -37.67
C SER A 855 -1.58 10.15 -39.05
N ILE A 856 -1.50 8.95 -39.61
CA ILE A 856 -1.06 8.76 -40.98
C ILE A 856 -1.98 7.75 -41.64
N PHE A 857 -2.52 8.13 -42.79
CA PHE A 857 -3.37 7.28 -43.62
C PHE A 857 -2.64 7.07 -44.93
N VAL A 858 -2.31 5.81 -45.23
CA VAL A 858 -1.45 5.43 -46.34
C VAL A 858 -2.24 4.55 -47.29
N LEU A 859 -2.19 4.87 -48.58
CA LEU A 859 -2.87 4.11 -49.62
C LEU A 859 -1.99 2.96 -50.08
N CYS A 860 -2.60 1.78 -50.26
CA CYS A 860 -1.83 0.59 -50.60
C CYS A 860 -2.33 -0.07 -51.88
N ARG A 861 -2.28 0.65 -52.99
CA ARG A 861 -2.60 0.05 -54.28
C ARG A 861 -1.54 -0.97 -54.65
N GLY A 862 -1.98 -2.15 -55.06
CA GLY A 862 -1.08 -3.26 -55.33
C GLY A 862 -0.87 -4.20 -54.17
N LEU A 863 -1.58 -4.00 -53.06
CA LEU A 863 -1.51 -4.89 -51.92
C LEU A 863 -2.92 -5.32 -51.53
N THR A 864 -3.04 -6.55 -51.06
CA THR A 864 -4.31 -7.11 -50.63
C THR A 864 -4.56 -6.79 -49.16
N ALA A 865 -5.77 -6.33 -48.86
CA ALA A 865 -6.13 -6.01 -47.48
C ALA A 865 -6.36 -7.27 -46.65
N ALA A 866 -5.59 -8.33 -46.94
CA ALA A 866 -5.70 -9.58 -46.21
C ALA A 866 -5.27 -9.41 -44.77
N GLY A 867 -3.97 -9.36 -44.53
CA GLY A 867 -3.43 -9.09 -43.21
C GLY A 867 -2.69 -7.77 -43.18
N LEU A 868 -3.22 -6.76 -43.86
CA LEU A 868 -2.60 -5.44 -43.84
C LEU A 868 -2.50 -4.90 -42.42
N THR A 869 -3.45 -5.26 -41.56
CA THR A 869 -3.35 -4.88 -40.15
C THR A 869 -2.14 -5.53 -39.48
N ALA A 870 -2.05 -6.86 -39.55
CA ALA A 870 -1.00 -7.59 -38.85
C ALA A 870 0.39 -7.32 -39.44
N MET A 871 0.49 -6.91 -40.69
CA MET A 871 1.78 -6.51 -41.23
C MET A 871 2.09 -5.03 -40.95
N GLY A 872 1.07 -4.16 -40.99
CA GLY A 872 1.25 -2.79 -40.57
C GLY A 872 1.65 -2.66 -39.11
N ASP A 873 1.32 -3.65 -38.29
CA ASP A 873 1.83 -3.68 -36.92
C ASP A 873 3.35 -3.80 -36.90
N LYS A 874 3.90 -4.75 -37.66
CA LYS A 874 5.34 -4.87 -37.78
C LYS A 874 5.95 -3.66 -38.46
N MET A 875 5.21 -3.04 -39.39
CA MET A 875 5.67 -1.81 -40.01
C MET A 875 5.86 -0.71 -38.98
N ALA A 876 4.81 -0.43 -38.20
CA ALA A 876 4.87 0.66 -37.22
C ALA A 876 5.90 0.37 -36.14
N SER A 877 6.01 -0.89 -35.73
CA SER A 877 7.09 -1.26 -34.82
C SER A 877 8.45 -0.94 -35.42
N HIS A 878 8.63 -1.26 -36.71
CA HIS A 878 9.88 -0.95 -37.40
C HIS A 878 10.13 0.55 -37.43
N ILE A 879 9.11 1.34 -37.78
CA ILE A 879 9.26 2.79 -37.85
C ILE A 879 9.63 3.35 -36.48
N SER A 880 8.96 2.90 -35.43
CA SER A 880 9.23 3.39 -34.09
C SER A 880 10.65 3.06 -33.66
N ARG A 881 11.07 1.81 -33.87
CA ARG A 881 12.43 1.43 -33.50
C ARG A 881 13.45 2.25 -34.27
N ALA A 882 13.19 2.54 -35.55
CA ALA A 882 14.20 3.12 -36.42
C ALA A 882 14.22 4.64 -36.42
N LEU A 883 13.17 5.30 -35.92
CA LEU A 883 13.08 6.75 -36.07
C LEU A 883 13.00 7.53 -34.77
N PHE A 884 12.42 6.99 -33.70
CA PHE A 884 12.03 7.79 -32.55
C PHE A 884 12.56 7.20 -31.25
N LEU A 885 12.97 8.09 -30.34
CA LEU A 885 13.40 7.68 -29.03
C LEU A 885 12.21 7.17 -28.22
N PRO A 886 12.45 6.24 -27.28
CA PRO A 886 11.37 5.82 -26.37
C PRO A 886 10.97 6.98 -25.46
N PRO A 887 9.74 6.99 -24.95
CA PRO A 887 8.71 5.97 -25.15
C PRO A 887 7.78 6.24 -26.33
N ILE A 888 8.24 7.02 -27.31
CA ILE A 888 7.43 7.25 -28.50
C ILE A 888 7.12 5.91 -29.15
N LYS A 889 5.85 5.71 -29.48
CA LYS A 889 5.40 4.45 -30.07
C LYS A 889 4.39 4.76 -31.16
N LEU A 890 4.55 4.11 -32.31
CA LEU A 890 3.60 4.20 -33.40
C LEU A 890 2.89 2.87 -33.51
N GLU A 891 1.57 2.90 -33.57
CA GLU A 891 0.77 1.70 -33.68
C GLU A 891 -0.07 1.73 -34.95
N CYS A 892 -0.37 0.56 -35.48
CA CYS A 892 -1.34 0.40 -36.54
C CYS A 892 -2.69 0.09 -35.90
N GLU A 893 -3.69 0.92 -36.17
CA GLU A 893 -4.97 0.78 -35.48
C GLU A 893 -6.07 0.23 -36.37
N LYS A 894 -6.25 0.77 -37.56
CA LYS A 894 -7.34 0.33 -38.43
C LYS A 894 -6.89 0.30 -39.88
N THR A 895 -7.57 -0.55 -40.65
CA THR A 895 -7.37 -0.65 -42.09
C THR A 895 -8.74 -0.49 -42.74
N PHE A 896 -8.86 0.48 -43.66
CA PHE A 896 -10.12 0.76 -44.31
C PHE A 896 -10.22 -0.01 -45.62
N THR A 897 -11.43 -0.47 -45.93
CA THR A 897 -11.71 -1.06 -47.23
C THR A 897 -12.02 0.03 -48.26
N LYS A 898 -12.90 0.96 -47.89
CA LYS A 898 -13.18 2.14 -48.68
C LYS A 898 -13.14 3.35 -47.76
N LEU A 899 -12.72 4.49 -48.31
CA LEU A 899 -12.57 5.69 -47.50
C LEU A 899 -12.83 6.92 -48.35
N LEU A 900 -13.48 7.92 -47.76
CA LEU A 900 -13.86 9.14 -48.47
C LEU A 900 -13.12 10.32 -47.87
N LEU A 901 -12.10 10.80 -48.57
CA LEU A 901 -11.38 12.01 -48.15
C LEU A 901 -12.15 13.22 -48.66
N ILE A 902 -12.93 13.83 -47.76
CA ILE A 902 -13.81 14.94 -48.12
C ILE A 902 -13.03 16.25 -48.15
N ALA A 903 -12.61 16.71 -46.97
CA ALA A 903 -11.87 17.95 -46.83
C ALA A 903 -10.95 17.82 -45.63
N LYS A 904 -10.35 18.93 -45.23
CA LYS A 904 -9.44 18.93 -44.09
C LYS A 904 -10.22 18.63 -42.81
N LYS A 905 -9.78 17.59 -42.08
CA LYS A 905 -10.39 17.19 -40.79
C LYS A 905 -11.82 16.70 -40.95
N LYS A 906 -12.19 16.21 -42.14
CA LYS A 906 -13.52 15.69 -42.37
C LYS A 906 -13.42 14.51 -43.34
N TYR A 907 -13.87 13.34 -42.92
CA TYR A 907 -13.79 12.16 -43.75
C TYR A 907 -14.72 11.06 -43.22
N ILE A 908 -15.08 10.16 -44.11
CA ILE A 908 -15.92 9.00 -43.80
C ILE A 908 -15.28 7.78 -44.43
N GLY A 909 -15.33 6.65 -43.72
CA GLY A 909 -14.72 5.43 -44.23
C GLY A 909 -15.39 4.20 -43.67
N VAL A 910 -15.11 3.07 -44.32
CA VAL A 910 -15.62 1.76 -43.92
C VAL A 910 -14.44 0.92 -43.44
N ILE A 911 -14.48 0.54 -42.16
CA ILE A 911 -13.39 -0.27 -41.61
C ILE A 911 -13.45 -1.68 -42.19
N TYR A 912 -12.31 -2.36 -42.14
CA TYR A 912 -12.22 -3.73 -42.64
C TYR A 912 -13.08 -4.69 -41.84
N GLY A 913 -13.45 -4.33 -40.61
CA GLY A 913 -14.37 -5.11 -39.82
C GLY A 913 -15.83 -4.84 -40.10
N GLY A 914 -16.12 -4.08 -41.14
CA GLY A 914 -17.49 -3.76 -41.49
C GLY A 914 -18.07 -2.56 -40.79
N LYS A 915 -17.38 -2.03 -39.78
CA LYS A 915 -17.90 -0.89 -39.03
C LYS A 915 -17.67 0.41 -39.78
N MET A 916 -18.64 1.30 -39.69
CA MET A 916 -18.56 2.59 -40.33
C MET A 916 -17.79 3.58 -39.46
N LEU A 917 -17.31 4.65 -40.08
CA LEU A 917 -16.56 5.68 -39.36
C LEU A 917 -16.85 7.03 -39.98
N ILE A 918 -17.34 7.97 -39.18
CA ILE A 918 -17.80 9.27 -39.64
C ILE A 918 -17.15 10.34 -38.77
N LYS A 919 -16.37 11.24 -39.39
CA LYS A 919 -15.69 12.29 -38.64
C LYS A 919 -15.80 13.62 -39.35
N GLY A 920 -16.25 14.65 -38.64
CA GLY A 920 -16.25 16.02 -39.13
C GLY A 920 -17.51 16.45 -39.85
N VAL A 921 -18.21 15.53 -40.52
CA VAL A 921 -19.36 15.89 -41.32
C VAL A 921 -20.55 16.24 -40.42
N ASP A 922 -21.55 16.90 -41.02
CA ASP A 922 -22.78 17.25 -40.31
C ASP A 922 -23.50 16.03 -39.74
N LEU A 923 -23.10 14.83 -40.12
CA LEU A 923 -23.68 13.62 -39.52
C LEU A 923 -23.48 13.61 -38.01
N VAL A 924 -22.23 13.80 -37.57
CA VAL A 924 -21.94 13.78 -36.15
C VAL A 924 -22.27 15.10 -35.47
N ARG A 925 -22.28 16.20 -36.21
CA ARG A 925 -22.57 17.50 -35.64
C ARG A 925 -24.02 17.57 -35.17
N LYS A 926 -24.22 17.58 -33.85
CA LYS A 926 -25.57 17.51 -33.29
C LYS A 926 -26.26 18.87 -33.33
N ASN A 927 -25.97 19.67 -34.35
CA ASN A 927 -26.66 20.94 -34.56
C ASN A 927 -27.69 20.87 -35.69
N ASN A 928 -27.73 19.77 -36.44
CA ASN A 928 -28.64 19.61 -37.56
C ASN A 928 -29.90 18.88 -37.13
N CYS A 929 -30.91 18.96 -38.00
CA CYS A 929 -32.18 18.29 -37.76
C CYS A 929 -32.07 16.81 -38.11
N ALA A 930 -32.80 15.98 -37.34
CA ALA A 930 -32.67 14.54 -37.47
C ALA A 930 -33.07 14.02 -38.84
N PHE A 931 -33.92 14.75 -39.57
CA PHE A 931 -34.33 14.33 -40.90
C PHE A 931 -33.16 14.34 -41.87
N ILE A 932 -32.48 15.49 -42.01
CA ILE A 932 -31.33 15.58 -42.91
C ILE A 932 -30.22 14.63 -42.48
N ASN A 933 -30.08 14.40 -41.17
CA ASN A 933 -29.12 13.42 -40.69
C ASN A 933 -29.44 12.03 -41.20
N ARG A 934 -30.69 11.58 -40.99
CA ARG A 934 -31.08 10.25 -41.47
C ARG A 934 -30.93 10.14 -42.98
N THR A 935 -31.29 11.20 -43.71
CA THR A 935 -31.20 11.17 -45.17
C THR A 935 -29.75 11.02 -45.63
N SER A 936 -28.89 11.98 -45.24
CA SER A 936 -27.48 11.91 -45.61
C SER A 936 -26.87 10.58 -45.18
N ARG A 937 -27.27 10.08 -44.01
CA ARG A 937 -26.82 8.76 -43.58
C ARG A 937 -27.19 7.70 -44.60
N ALA A 938 -28.46 7.63 -44.99
CA ALA A 938 -28.86 6.65 -46.00
C ALA A 938 -28.06 6.81 -47.29
N LEU A 939 -27.81 8.05 -47.70
CA LEU A 939 -27.02 8.29 -48.91
C LEU A 939 -25.65 7.66 -48.80
N VAL A 940 -24.91 8.00 -47.74
CA VAL A 940 -23.56 7.47 -47.58
C VAL A 940 -23.58 5.96 -47.41
N ASP A 941 -24.52 5.46 -46.60
CA ASP A 941 -24.72 4.03 -46.43
C ASP A 941 -24.83 3.31 -47.78
N LEU A 942 -25.63 3.88 -48.68
CA LEU A 942 -25.69 3.37 -50.04
C LEU A 942 -24.32 3.45 -50.71
N LEU A 943 -23.63 4.57 -50.56
CA LEU A 943 -22.34 4.75 -51.23
C LEU A 943 -21.31 3.72 -50.77
N PHE A 944 -21.45 3.18 -49.56
CA PHE A 944 -20.49 2.22 -49.05
C PHE A 944 -20.98 0.78 -49.07
N TYR A 945 -22.29 0.56 -48.94
CA TYR A 945 -22.85 -0.78 -48.81
C TYR A 945 -23.70 -1.19 -50.01
N ASP A 946 -23.41 -0.59 -51.18
CA ASP A 946 -24.07 -0.95 -52.43
C ASP A 946 -23.00 -1.01 -53.51
N ASP A 947 -22.85 -2.17 -54.15
CA ASP A 947 -21.75 -2.37 -55.09
C ASP A 947 -21.93 -1.52 -56.35
N THR A 948 -23.18 -1.28 -56.77
CA THR A 948 -23.42 -0.56 -58.01
C THR A 948 -22.97 0.89 -57.91
N VAL A 949 -23.35 1.58 -56.84
CA VAL A 949 -22.98 2.99 -56.71
C VAL A 949 -21.50 3.13 -56.39
N SER A 950 -20.89 2.11 -55.77
CA SER A 950 -19.45 2.12 -55.58
C SER A 950 -18.73 2.05 -56.92
N GLY A 951 -19.11 1.08 -57.76
CA GLY A 951 -18.60 1.05 -59.12
C GLY A 951 -18.89 2.34 -59.86
N ALA A 952 -19.98 3.02 -59.52
CA ALA A 952 -20.30 4.29 -60.16
C ALA A 952 -19.35 5.39 -59.73
N ALA A 953 -18.96 5.39 -58.45
CA ALA A 953 -17.90 6.30 -58.01
C ALA A 953 -16.60 5.99 -58.71
N ALA A 954 -16.29 4.70 -58.90
CA ALA A 954 -15.10 4.33 -59.65
C ALA A 954 -15.17 4.86 -61.08
N ALA A 955 -16.37 4.87 -61.68
CA ALA A 955 -16.51 5.39 -63.03
C ALA A 955 -16.36 6.91 -63.06
N LEU A 956 -16.86 7.59 -62.03
CA LEU A 956 -16.59 9.02 -61.91
C LEU A 956 -15.09 9.27 -61.79
N ALA A 957 -14.36 8.35 -61.17
CA ALA A 957 -12.91 8.50 -61.06
C ALA A 957 -12.22 8.23 -62.40
N GLU A 958 -12.78 7.34 -63.22
CA GLU A 958 -12.17 7.00 -64.50
C GLU A 958 -11.94 8.23 -65.36
N ARG A 959 -12.79 9.25 -65.22
CA ARG A 959 -12.73 10.48 -65.98
C ARG A 959 -12.41 11.67 -65.08
N PRO A 960 -11.89 12.77 -65.63
CA PRO A 960 -11.48 13.90 -64.78
C PRO A 960 -12.62 14.61 -64.05
N ALA A 961 -13.88 14.27 -64.36
CA ALA A 961 -15.06 14.85 -63.73
C ALA A 961 -15.31 16.30 -64.15
N GLU A 962 -14.31 16.94 -64.76
CA GLU A 962 -14.51 18.31 -65.25
C GLU A 962 -15.48 18.35 -66.42
N GLU A 963 -15.37 17.37 -67.32
CA GLU A 963 -16.22 17.32 -68.51
C GLU A 963 -17.68 17.06 -68.19
N TRP A 964 -17.98 16.54 -67.00
CA TRP A 964 -19.30 15.99 -66.70
C TRP A 964 -20.39 17.04 -66.55
N LEU A 965 -20.08 18.34 -66.66
CA LEU A 965 -21.14 19.33 -66.72
C LEU A 965 -22.01 19.15 -67.96
N ALA A 966 -21.48 18.49 -68.99
CA ALA A 966 -22.23 18.17 -70.19
C ALA A 966 -22.40 16.67 -70.42
N ARG A 967 -21.68 15.83 -69.67
CA ARG A 967 -21.77 14.38 -69.80
C ARG A 967 -22.82 13.82 -68.84
N PRO A 968 -23.31 12.61 -69.10
CA PRO A 968 -24.32 12.02 -68.21
C PRO A 968 -23.71 11.20 -67.08
N LEU A 969 -24.42 11.18 -65.96
CA LEU A 969 -24.01 10.38 -64.81
C LEU A 969 -24.29 8.90 -65.06
N PRO A 970 -23.40 8.01 -64.62
CA PRO A 970 -23.61 6.58 -64.87
C PRO A 970 -24.86 6.07 -64.15
N GLU A 971 -25.34 4.91 -64.60
CA GLU A 971 -26.63 4.41 -64.15
C GLU A 971 -26.66 4.13 -62.66
N GLY A 972 -25.54 3.71 -62.08
CA GLY A 972 -25.52 3.32 -60.67
C GLY A 972 -26.08 4.39 -59.75
N LEU A 973 -25.86 5.66 -60.08
CA LEU A 973 -26.26 6.77 -59.22
C LEU A 973 -27.78 6.92 -59.10
N GLN A 974 -28.56 6.19 -59.91
CA GLN A 974 -30.01 6.38 -59.93
C GLN A 974 -30.60 6.41 -58.52
N ALA A 975 -30.20 5.43 -57.68
CA ALA A 975 -30.75 5.29 -56.34
C ALA A 975 -30.84 6.63 -55.62
N PHE A 976 -29.80 7.47 -55.75
CA PHE A 976 -29.77 8.75 -55.07
C PHE A 976 -31.07 9.52 -55.27
N GLY A 977 -31.41 9.78 -56.54
CA GLY A 977 -32.61 10.51 -56.87
C GLY A 977 -33.79 10.05 -56.04
N ALA A 978 -34.00 8.73 -56.01
CA ALA A 978 -35.10 8.16 -55.25
C ALA A 978 -35.12 8.73 -53.84
N VAL A 979 -34.06 8.46 -53.07
CA VAL A 979 -34.02 8.92 -51.69
C VAL A 979 -34.28 10.42 -51.62
N LEU A 980 -33.62 11.17 -52.52
CA LEU A 980 -33.76 12.63 -52.51
C LEU A 980 -35.24 13.01 -52.58
N VAL A 981 -35.97 12.44 -53.54
CA VAL A 981 -37.34 12.88 -53.73
C VAL A 981 -38.20 12.41 -52.56
N ASP A 982 -37.87 11.26 -51.96
CA ASP A 982 -38.58 10.84 -50.76
C ASP A 982 -38.52 11.94 -49.71
N ALA A 983 -37.34 12.56 -49.59
CA ALA A 983 -37.17 13.70 -48.69
C ALA A 983 -38.28 14.71 -48.87
N HIS A 984 -38.49 15.14 -50.12
CA HIS A 984 -39.49 16.18 -50.38
C HIS A 984 -40.85 15.77 -49.82
N ARG A 985 -41.23 14.51 -49.99
CA ARG A 985 -42.45 13.99 -49.39
C ARG A 985 -42.47 14.34 -47.92
N ARG A 986 -41.53 13.75 -47.17
CA ARG A 986 -41.47 13.94 -45.73
C ARG A 986 -41.40 15.42 -45.33
N ILE A 987 -41.07 16.31 -46.26
CA ILE A 987 -40.98 17.71 -45.90
C ILE A 987 -42.36 18.35 -45.88
N THR A 988 -43.17 18.13 -46.91
CA THR A 988 -44.42 18.86 -47.04
C THR A 988 -45.63 18.08 -46.57
N ASP A 989 -45.62 16.76 -46.72
CA ASP A 989 -46.65 15.86 -46.24
C ASP A 989 -46.83 16.00 -44.73
N PRO A 990 -47.97 16.51 -44.25
CA PRO A 990 -48.20 16.56 -42.80
C PRO A 990 -48.26 15.17 -42.18
N GLU A 991 -48.53 15.12 -40.87
CA GLU A 991 -48.44 13.92 -40.04
C GLU A 991 -47.01 13.47 -39.84
N ARG A 992 -46.02 14.31 -40.18
CA ARG A 992 -44.64 14.07 -39.80
C ARG A 992 -44.36 14.70 -38.44
N ASP A 993 -43.38 14.13 -37.74
CA ASP A 993 -42.99 14.67 -36.45
C ASP A 993 -42.19 15.94 -36.64
N ILE A 994 -42.60 17.02 -35.97
CA ILE A 994 -41.87 18.29 -36.08
C ILE A 994 -40.56 18.19 -35.29
N GLN A 995 -40.53 17.36 -34.25
CA GLN A 995 -39.28 17.12 -33.53
C GLN A 995 -38.24 16.47 -34.43
N ASP A 996 -38.68 15.78 -35.48
CA ASP A 996 -37.79 15.26 -36.51
C ASP A 996 -37.25 16.36 -37.41
N PHE A 997 -37.62 17.62 -37.15
CA PHE A 997 -37.23 18.76 -37.97
C PHE A 997 -36.71 19.92 -37.15
N VAL A 998 -36.30 19.69 -35.91
CA VAL A 998 -35.83 20.76 -35.03
C VAL A 998 -34.32 20.88 -35.17
N LEU A 999 -33.86 22.12 -35.24
CA LEU A 999 -32.44 22.45 -35.16
C LEU A 999 -32.08 22.80 -33.72
N THR A 1000 -30.80 22.65 -33.39
CA THR A 1000 -30.31 22.94 -32.06
C THR A 1000 -29.04 23.78 -32.17
N ALA A 1001 -28.80 24.60 -31.15
CA ALA A 1001 -27.59 25.43 -31.13
C ALA A 1001 -27.30 25.87 -29.71
N GLU A 1002 -26.06 25.70 -29.27
CA GLU A 1002 -25.70 26.06 -27.91
C GLU A 1002 -25.60 27.57 -27.74
N LEU A 1003 -26.07 28.05 -26.60
CA LEU A 1003 -25.89 29.45 -26.20
C LEU A 1003 -24.55 29.54 -25.46
N SER A 1004 -23.53 30.06 -26.15
CA SER A 1004 -22.20 30.11 -25.57
C SER A 1004 -22.13 31.12 -24.42
N ARG A 1005 -22.31 32.39 -24.73
CA ARG A 1005 -22.08 33.47 -23.76
C ARG A 1005 -23.39 34.09 -23.30
N HIS A 1006 -23.27 34.95 -22.30
CA HIS A 1006 -24.30 35.94 -22.03
C HIS A 1006 -24.58 36.71 -23.30
N PRO A 1007 -25.83 36.79 -23.76
CA PRO A 1007 -26.10 37.36 -25.09
C PRO A 1007 -25.69 38.82 -25.24
N ARG A 1008 -25.58 39.57 -24.15
CA ARG A 1008 -25.20 40.98 -24.26
C ARG A 1008 -23.84 41.15 -24.91
N ALA A 1009 -22.94 40.19 -24.71
CA ALA A 1009 -21.61 40.21 -25.34
C ALA A 1009 -21.69 39.36 -26.60
N TYR A 1010 -21.99 40.01 -27.73
CA TYR A 1010 -22.12 39.32 -29.00
C TYR A 1010 -21.80 40.29 -30.12
N THR A 1011 -21.15 39.78 -31.17
CA THR A 1011 -20.70 40.60 -32.29
C THR A 1011 -21.71 40.67 -33.43
N ASN A 1012 -22.37 39.56 -33.74
CA ASN A 1012 -23.39 39.56 -34.79
C ASN A 1012 -24.74 39.99 -34.24
N LYS A 1013 -25.15 39.41 -33.11
CA LYS A 1013 -26.44 39.64 -32.47
C LYS A 1013 -27.60 39.21 -33.35
N ARG A 1014 -27.29 38.71 -34.55
CA ARG A 1014 -28.29 38.25 -35.52
C ARG A 1014 -28.05 36.76 -35.75
N LEU A 1015 -28.48 35.94 -34.80
CA LEU A 1015 -28.35 34.50 -34.89
C LEU A 1015 -29.70 33.85 -34.61
N ALA A 1016 -29.85 32.61 -35.08
CA ALA A 1016 -31.12 31.90 -34.95
C ALA A 1016 -31.51 31.74 -33.48
N HIS A 1017 -30.65 31.07 -32.71
CA HIS A 1017 -30.93 30.81 -31.29
C HIS A 1017 -30.97 32.10 -30.46
N LEU A 1018 -30.35 33.18 -30.95
CA LEU A 1018 -30.49 34.46 -30.26
C LEU A 1018 -31.87 35.06 -30.49
N THR A 1019 -32.36 35.00 -31.73
CA THR A 1019 -33.74 35.40 -32.02
C THR A 1019 -34.72 34.61 -31.16
N VAL A 1020 -34.54 33.29 -31.11
CA VAL A 1020 -35.41 32.45 -30.29
C VAL A 1020 -35.26 32.82 -28.82
N TYR A 1021 -34.05 33.14 -28.39
CA TYR A 1021 -33.84 33.55 -27.00
C TYR A 1021 -34.67 34.77 -26.66
N TYR A 1022 -34.49 35.86 -27.42
CA TYR A 1022 -35.20 37.10 -27.11
C TYR A 1022 -36.70 36.96 -27.26
N LYS A 1023 -37.17 36.16 -28.23
CA LYS A 1023 -38.61 35.91 -28.34
C LYS A 1023 -39.14 35.14 -27.14
N LEU A 1024 -38.41 34.12 -26.69
CA LEU A 1024 -38.78 33.40 -25.48
C LEU A 1024 -38.79 34.31 -24.26
N MET A 1025 -37.90 35.30 -24.22
CA MET A 1025 -37.87 36.23 -23.10
C MET A 1025 -39.09 37.14 -23.12
N ALA A 1026 -39.43 37.68 -24.30
CA ALA A 1026 -40.61 38.53 -24.41
C ALA A 1026 -41.87 37.77 -24.01
N ARG A 1027 -41.94 36.48 -24.36
CA ARG A 1027 -43.13 35.67 -24.11
C ARG A 1027 -43.20 35.12 -22.69
N ARG A 1028 -42.30 35.55 -21.79
CA ARG A 1028 -42.26 35.06 -20.41
C ARG A 1028 -42.18 33.53 -20.38
N ALA A 1029 -41.36 32.97 -21.27
CA ALA A 1029 -41.22 31.53 -21.38
C ALA A 1029 -40.13 31.06 -20.42
N GLN A 1030 -39.60 29.86 -20.64
CA GLN A 1030 -38.49 29.36 -19.84
C GLN A 1030 -37.20 29.96 -20.37
N VAL A 1031 -36.69 30.98 -19.69
CA VAL A 1031 -35.42 31.58 -20.07
C VAL A 1031 -34.36 30.50 -20.01
N PRO A 1032 -33.66 30.22 -21.12
CA PRO A 1032 -32.67 29.15 -21.11
C PRO A 1032 -31.46 29.52 -20.28
N SER A 1033 -30.93 28.54 -19.55
CA SER A 1033 -29.74 28.77 -18.76
C SER A 1033 -28.58 29.18 -19.66
N ILE A 1034 -27.56 29.78 -19.03
CA ILE A 1034 -26.57 30.55 -19.78
C ILE A 1034 -25.69 29.73 -20.71
N LYS A 1035 -25.77 28.38 -20.67
CA LYS A 1035 -24.90 27.60 -21.54
C LYS A 1035 -25.55 26.30 -22.02
N ASP A 1036 -26.87 26.27 -22.18
CA ASP A 1036 -27.51 25.08 -22.71
C ASP A 1036 -27.67 25.19 -24.23
N ARG A 1037 -28.32 24.20 -24.80
CA ARG A 1037 -28.66 24.19 -26.22
C ARG A 1037 -30.09 24.63 -26.40
N ILE A 1038 -30.31 25.58 -27.30
CA ILE A 1038 -31.63 26.10 -27.62
C ILE A 1038 -32.12 25.38 -28.88
N PRO A 1039 -33.32 24.81 -28.88
CA PRO A 1039 -33.90 24.28 -30.11
C PRO A 1039 -34.78 25.31 -30.81
N TYR A 1040 -34.91 25.15 -32.11
CA TYR A 1040 -35.62 26.11 -32.94
C TYR A 1040 -36.00 25.48 -34.27
N VAL A 1041 -36.88 26.15 -34.99
CA VAL A 1041 -37.32 25.74 -36.33
C VAL A 1041 -37.49 26.98 -37.18
N ILE A 1042 -37.63 26.78 -38.48
CA ILE A 1042 -37.65 27.87 -39.46
C ILE A 1042 -39.06 28.04 -40.00
N VAL A 1043 -39.62 29.23 -39.80
CA VAL A 1043 -40.97 29.55 -40.29
C VAL A 1043 -40.90 29.95 -41.76
N ALA A 1044 -42.03 29.82 -42.46
CA ALA A 1044 -42.18 30.35 -43.80
C ALA A 1044 -42.79 31.75 -43.77
N GLN A 1045 -42.51 32.53 -44.80
CA GLN A 1045 -42.94 33.91 -44.84
C GLN A 1045 -44.45 34.03 -44.95
N THR A 1046 -45.05 34.81 -44.07
CA THR A 1046 -46.47 35.10 -44.08
C THR A 1046 -46.69 36.60 -43.87
N ARG A 1047 -47.95 37.01 -43.93
CA ARG A 1047 -48.27 38.41 -43.64
C ARG A 1047 -48.06 38.73 -42.17
N GLU A 1048 -48.44 37.79 -41.28
CA GLU A 1048 -48.20 37.98 -39.86
C GLU A 1048 -46.71 37.97 -39.55
N VAL A 1049 -45.94 37.15 -40.27
CA VAL A 1049 -44.50 37.07 -40.02
C VAL A 1049 -43.83 38.39 -40.35
N GLU A 1050 -44.09 38.92 -41.56
CA GLU A 1050 -43.45 40.16 -41.97
C GLU A 1050 -43.99 41.35 -41.16
N GLU A 1051 -45.28 41.31 -40.81
CA GLU A 1051 -45.85 42.39 -40.02
C GLU A 1051 -45.22 42.46 -38.64
N THR A 1052 -45.08 41.30 -37.97
CA THR A 1052 -44.45 41.29 -36.67
C THR A 1052 -42.95 41.56 -36.76
N VAL A 1053 -42.34 41.26 -37.91
CA VAL A 1053 -40.94 41.61 -38.10
C VAL A 1053 -40.76 43.13 -38.14
N ALA A 1054 -41.57 43.80 -38.97
CA ALA A 1054 -41.50 45.26 -39.03
C ALA A 1054 -41.87 45.89 -37.69
N ARG A 1055 -42.85 45.30 -36.99
CA ARG A 1055 -43.28 45.86 -35.73
C ARG A 1055 -42.21 45.73 -34.65
N LEU A 1056 -41.57 44.56 -34.56
CA LEU A 1056 -40.48 44.39 -33.60
C LEU A 1056 -39.30 45.28 -33.96
N ALA A 1057 -39.05 45.47 -35.26
CA ALA A 1057 -37.97 46.36 -35.68
C ALA A 1057 -38.23 47.79 -35.23
N ALA A 1058 -39.47 48.27 -35.41
CA ALA A 1058 -39.79 49.62 -34.98
C ALA A 1058 -39.75 49.75 -33.45
N LEU A 1059 -40.22 48.72 -32.74
CA LEU A 1059 -40.18 48.77 -31.28
C LEU A 1059 -38.74 48.84 -30.79
N ARG A 1060 -37.82 48.11 -31.43
CA ARG A 1060 -36.42 48.18 -31.02
C ARG A 1060 -35.81 49.52 -31.37
N GLU A 1061 -36.10 50.05 -32.55
CA GLU A 1061 -35.54 51.34 -32.98
C GLU A 1061 -35.93 52.47 -32.03
N LEU A 1104 -36.13 36.91 -47.26
CA LEU A 1104 -35.82 37.53 -45.97
C LEU A 1104 -34.66 36.80 -45.28
N VAL A 1105 -33.89 37.55 -44.50
CA VAL A 1105 -32.81 36.97 -43.71
C VAL A 1105 -33.41 36.07 -42.63
N SER A 1106 -32.56 35.21 -42.06
CA SER A 1106 -33.04 34.14 -41.19
C SER A 1106 -33.58 34.65 -39.86
N GLU A 1107 -34.56 35.55 -39.90
CA GLU A 1107 -35.31 35.89 -38.70
C GLU A 1107 -36.41 34.89 -38.42
N LEU A 1108 -36.78 34.07 -39.40
CA LEU A 1108 -37.80 33.04 -39.24
C LEU A 1108 -37.23 31.91 -38.40
N ALA A 1109 -37.22 32.11 -37.09
CA ALA A 1109 -36.81 31.10 -36.13
C ALA A 1109 -37.80 31.14 -34.98
N GLU A 1110 -38.31 29.97 -34.59
CA GLU A 1110 -39.36 29.94 -33.59
C GLU A 1110 -39.19 28.73 -32.69
N ASP A 1111 -39.58 28.90 -31.43
CA ASP A 1111 -39.63 27.79 -30.50
C ASP A 1111 -40.51 26.68 -31.07
N PRO A 1112 -40.07 25.43 -31.06
CA PRO A 1112 -40.98 24.33 -31.42
C PRO A 1112 -42.27 24.33 -30.62
N ALA A 1113 -42.22 24.72 -29.35
CA ALA A 1113 -43.43 24.74 -28.53
C ALA A 1113 -44.44 25.75 -29.06
N TYR A 1114 -44.03 27.01 -29.17
CA TYR A 1114 -44.94 28.06 -29.65
C TYR A 1114 -45.38 27.78 -31.09
N ALA A 1115 -44.47 27.32 -31.93
CA ALA A 1115 -44.76 27.14 -33.35
C ALA A 1115 -45.56 25.87 -33.64
N ILE A 1116 -45.85 25.04 -32.64
CA ILE A 1116 -46.71 23.88 -32.81
C ILE A 1116 -48.11 24.15 -32.30
N ALA A 1117 -48.24 24.85 -31.17
CA ALA A 1117 -49.55 25.21 -30.64
C ALA A 1117 -50.18 26.38 -31.37
N HIS A 1118 -49.39 27.19 -32.07
CA HIS A 1118 -49.92 28.21 -32.96
C HIS A 1118 -50.01 27.72 -34.39
N GLY A 1119 -49.78 26.43 -34.63
CA GLY A 1119 -49.95 25.84 -35.95
C GLY A 1119 -49.08 26.47 -37.02
N VAL A 1120 -47.94 27.05 -36.65
CA VAL A 1120 -47.10 27.69 -37.64
C VAL A 1120 -46.46 26.63 -38.53
N ALA A 1121 -46.23 27.00 -39.80
CA ALA A 1121 -45.75 26.08 -40.80
C ALA A 1121 -44.27 26.31 -41.09
N LEU A 1122 -43.57 25.24 -41.42
CA LEU A 1122 -42.14 25.30 -41.66
C LEU A 1122 -41.84 25.93 -43.03
N ASN A 1123 -40.60 26.38 -43.17
CA ASN A 1123 -40.10 26.86 -44.46
C ASN A 1123 -39.66 25.64 -45.25
N THR A 1124 -40.59 25.12 -46.08
CA THR A 1124 -40.33 23.89 -46.82
C THR A 1124 -39.13 24.03 -47.75
N ASP A 1125 -38.91 25.23 -48.29
CA ASP A 1125 -37.80 25.44 -49.23
C ASP A 1125 -36.46 25.32 -48.55
N TYR A 1126 -36.34 25.83 -47.31
CA TYR A 1126 -35.04 25.89 -46.65
C TYR A 1126 -34.50 24.50 -46.33
N TYR A 1127 -35.36 23.61 -45.84
CA TYR A 1127 -34.89 22.29 -45.40
C TYR A 1127 -34.49 21.42 -46.59
N PHE A 1128 -35.18 21.55 -47.72
CA PHE A 1128 -34.76 20.84 -48.92
C PHE A 1128 -33.49 21.46 -49.50
N SER A 1129 -33.41 22.79 -49.52
CA SER A 1129 -32.22 23.46 -50.01
C SER A 1129 -30.99 23.08 -49.19
N HIS A 1130 -31.18 22.85 -47.90
CA HIS A 1130 -30.07 22.41 -47.08
C HIS A 1130 -29.75 20.95 -47.37
N LEU A 1131 -30.76 20.07 -47.35
CA LEU A 1131 -30.48 18.68 -47.70
C LEU A 1131 -29.62 18.59 -48.96
N LEU A 1132 -29.94 19.43 -49.96
CA LEU A 1132 -29.11 19.53 -51.14
C LEU A 1132 -27.74 20.10 -50.81
N GLY A 1133 -27.67 21.02 -49.84
CA GLY A 1133 -26.39 21.60 -49.47
C GLY A 1133 -25.47 20.60 -48.78
N ALA A 1134 -26.02 19.84 -47.84
CA ALA A 1134 -25.25 18.81 -47.14
C ALA A 1134 -24.83 17.70 -48.09
N ALA A 1135 -25.71 17.34 -49.03
CA ALA A 1135 -25.28 16.39 -50.06
C ALA A 1135 -24.15 16.96 -50.90
N CYS A 1136 -24.25 18.24 -51.26
CA CYS A 1136 -23.19 18.90 -52.02
C CYS A 1136 -21.87 18.87 -51.26
N VAL A 1137 -21.90 19.22 -49.98
CA VAL A 1137 -20.68 19.30 -49.18
C VAL A 1137 -20.08 17.91 -48.98
N THR A 1138 -20.93 16.89 -48.78
CA THR A 1138 -20.43 15.55 -48.52
C THR A 1138 -19.88 14.91 -49.79
N PHE A 1139 -20.45 15.22 -50.95
CA PHE A 1139 -20.12 14.52 -52.19
C PHE A 1139 -19.35 15.38 -53.18
N LYS A 1140 -18.93 16.58 -52.79
CA LYS A 1140 -18.02 17.34 -53.65
C LYS A 1140 -16.72 16.60 -53.89
N ALA A 1141 -16.36 15.68 -52.98
CA ALA A 1141 -15.11 14.94 -53.10
C ALA A 1141 -15.02 14.20 -54.42
N LEU A 1142 -16.09 13.52 -54.83
CA LEU A 1142 -16.04 12.66 -56.00
C LEU A 1142 -15.91 13.42 -57.31
N PHE A 1143 -15.88 14.76 -57.29
CA PHE A 1143 -15.83 15.58 -58.49
C PHE A 1143 -14.69 16.59 -58.42
N GLY A 1144 -13.49 16.10 -58.12
CA GLY A 1144 -12.35 16.99 -58.00
C GLY A 1144 -12.50 18.05 -56.93
N ASN A 1145 -13.39 17.84 -55.97
CA ASN A 1145 -13.68 18.77 -54.88
C ASN A 1145 -13.98 20.17 -55.41
N ASN A 1146 -14.97 20.24 -56.31
CA ASN A 1146 -15.55 21.49 -56.76
C ASN A 1146 -16.99 21.55 -56.25
N ALA A 1147 -17.37 22.70 -55.69
CA ALA A 1147 -18.68 22.84 -55.08
C ALA A 1147 -19.75 23.24 -56.10
N LYS A 1148 -19.46 24.23 -56.95
CA LYS A 1148 -20.43 24.68 -57.94
C LYS A 1148 -20.77 23.56 -58.92
N ILE A 1149 -19.74 22.87 -59.43
CA ILE A 1149 -19.97 21.76 -60.35
C ILE A 1149 -20.82 20.69 -59.68
N THR A 1150 -20.56 20.40 -58.40
CA THR A 1150 -21.31 19.37 -57.71
C THR A 1150 -22.76 19.76 -57.51
N GLU A 1151 -23.02 21.03 -57.19
CA GLU A 1151 -24.40 21.49 -57.07
C GLU A 1151 -25.12 21.37 -58.41
N SER A 1152 -24.44 21.76 -59.49
CA SER A 1152 -25.07 21.70 -60.81
C SER A 1152 -25.43 20.28 -61.19
N LEU A 1153 -24.47 19.35 -61.12
CA LEU A 1153 -24.82 17.98 -61.49
C LEU A 1153 -25.61 17.27 -60.40
N LEU A 1154 -25.82 17.91 -59.24
CA LEU A 1154 -26.78 17.39 -58.27
C LEU A 1154 -28.20 17.77 -58.65
N LYS A 1155 -28.39 18.97 -59.21
CA LYS A 1155 -29.69 19.36 -59.76
C LYS A 1155 -30.26 18.29 -60.70
N ARG A 1156 -29.40 17.43 -61.26
CA ARG A 1156 -29.73 16.27 -62.06
C ARG A 1156 -30.33 15.12 -61.25
N PHE A 1157 -30.63 15.33 -59.97
CA PHE A 1157 -31.35 14.35 -59.16
C PHE A 1157 -32.63 14.95 -58.58
N ILE A 1158 -33.00 16.15 -59.00
CA ILE A 1158 -34.16 16.86 -58.47
C ILE A 1158 -34.98 17.42 -59.63
N PRO A 1159 -36.28 17.19 -59.66
CA PRO A 1159 -37.14 17.85 -60.66
C PRO A 1159 -36.92 19.36 -60.69
N GLU A 1160 -36.83 19.89 -61.91
CA GLU A 1160 -36.53 21.32 -62.10
C GLU A 1160 -37.59 22.23 -61.50
N VAL A 1161 -38.77 21.70 -61.17
CA VAL A 1161 -39.84 22.50 -60.59
C VAL A 1161 -39.49 22.82 -59.14
N TRP A 1162 -38.33 22.37 -58.68
CA TRP A 1162 -37.87 22.62 -57.33
C TRP A 1162 -36.60 23.46 -57.25
N HIS A 1163 -35.89 23.63 -58.36
CA HIS A 1163 -34.64 24.40 -58.39
C HIS A 1163 -34.82 25.84 -57.90
N ASN D 9 22.84 10.19 -33.86
CA ASN D 9 22.92 9.90 -32.44
C ASN D 9 24.37 9.88 -31.95
N PHE D 10 24.54 9.70 -30.64
CA PHE D 10 25.84 9.72 -30.01
C PHE D 10 26.01 8.46 -29.17
N TYR D 11 27.24 8.28 -28.68
CA TYR D 11 27.63 7.08 -27.95
C TYR D 11 29.02 7.29 -27.37
N ASN D 12 29.45 6.36 -26.52
CA ASN D 12 30.79 6.37 -25.95
C ASN D 12 31.50 5.09 -26.37
N PRO D 13 32.37 5.15 -27.37
CA PRO D 13 32.96 3.90 -27.91
C PRO D 13 33.59 3.01 -26.86
N TYR D 14 34.15 3.59 -25.80
CA TYR D 14 34.74 2.80 -24.74
C TYR D 14 33.69 2.13 -23.84
N LEU D 15 32.41 2.26 -24.16
CA LEU D 15 31.34 1.68 -23.36
C LEU D 15 30.32 0.89 -24.18
N ALA D 16 29.91 1.41 -25.33
CA ALA D 16 28.84 0.77 -26.09
C ALA D 16 29.33 -0.54 -26.69
N PRO D 17 28.51 -1.59 -26.67
CA PRO D 17 28.93 -2.89 -27.19
C PRO D 17 28.65 -3.03 -28.67
N VAL D 18 29.51 -3.78 -29.35
CA VAL D 18 29.36 -3.95 -30.79
C VAL D 18 29.05 -5.40 -31.15
N GLY D 26 31.13 -19.36 -26.09
CA GLY D 26 31.38 -19.82 -24.74
C GLY D 26 30.79 -18.93 -23.66
N PRO D 27 30.81 -19.39 -22.42
CA PRO D 27 30.28 -18.59 -21.32
C PRO D 27 31.17 -17.39 -21.01
N THR D 28 30.55 -16.35 -20.46
CA THR D 28 31.27 -15.18 -20.00
C THR D 28 31.71 -15.30 -18.54
N GLN D 29 31.00 -16.11 -17.75
CA GLN D 29 31.35 -16.39 -16.36
C GLN D 29 31.48 -17.91 -16.25
N ARG D 30 32.72 -18.38 -16.06
CA ARG D 30 33.01 -19.81 -16.14
C ARG D 30 32.20 -20.59 -15.12
N HIS D 31 31.45 -21.58 -15.59
CA HIS D 31 30.69 -22.46 -14.72
C HIS D 31 31.65 -23.44 -14.03
N THR D 32 31.67 -23.43 -12.70
CA THR D 32 32.56 -24.31 -11.95
C THR D 32 31.89 -25.58 -11.45
N TYR D 33 30.58 -25.72 -11.62
CA TYR D 33 29.92 -26.97 -11.28
C TYR D 33 30.18 -28.00 -12.37
N TYR D 34 30.43 -29.23 -11.96
CA TYR D 34 30.82 -30.28 -12.90
C TYR D 34 29.73 -30.53 -13.93
N SER D 35 30.07 -30.27 -15.19
CA SER D 35 29.22 -30.63 -16.31
C SER D 35 29.79 -31.77 -17.14
N GLU D 36 31.09 -32.02 -17.06
CA GLU D 36 31.74 -33.13 -17.74
C GLU D 36 32.65 -33.86 -16.77
N CYS D 37 32.66 -35.19 -16.84
CA CYS D 37 33.52 -36.01 -16.00
C CYS D 37 33.86 -37.30 -16.73
N ASP D 38 35.15 -37.65 -16.73
CA ASP D 38 35.63 -38.83 -17.42
C ASP D 38 36.36 -39.82 -16.52
N GLU D 39 36.72 -39.42 -15.30
CA GLU D 39 37.46 -40.27 -14.38
C GLU D 39 37.27 -39.75 -12.97
N PHE D 40 37.16 -40.65 -12.00
CA PHE D 40 36.87 -40.24 -10.64
C PHE D 40 37.36 -41.30 -9.66
N ARG D 41 37.34 -40.92 -8.38
CA ARG D 41 37.71 -41.83 -7.30
C ARG D 41 36.50 -42.69 -6.93
N PHE D 42 36.66 -44.00 -7.06
CA PHE D 42 35.60 -44.96 -6.79
C PHE D 42 35.82 -45.55 -5.41
N ILE D 43 34.84 -45.38 -4.53
CA ILE D 43 34.84 -45.98 -3.20
C ILE D 43 33.47 -46.63 -2.98
N ALA D 44 33.49 -47.88 -2.48
CA ALA D 44 32.25 -48.63 -2.28
C ALA D 44 32.52 -49.85 -1.40
N PRO D 45 31.57 -50.33 -0.61
CA PRO D 45 31.84 -51.46 0.29
C PRO D 45 31.91 -52.76 -0.48
N ARG D 46 32.94 -53.57 -0.21
CA ARG D 46 33.07 -54.87 -0.88
C ARG D 46 31.92 -55.80 -0.56
N VAL D 47 31.12 -55.51 0.48
CA VAL D 47 29.94 -56.30 0.81
C VAL D 47 28.88 -56.28 -0.27
N LEU D 48 28.98 -55.36 -1.23
CA LEU D 48 28.01 -55.27 -2.31
C LEU D 48 28.35 -56.15 -3.50
N ASP D 49 29.53 -56.79 -3.50
CA ASP D 49 29.94 -57.72 -4.55
C ASP D 49 29.58 -59.14 -4.10
N GLU D 50 28.61 -59.74 -4.77
CA GLU D 50 28.13 -61.06 -4.37
C GLU D 50 28.96 -62.20 -4.95
N ASP D 51 29.47 -62.05 -6.17
CA ASP D 51 30.31 -63.08 -6.76
C ASP D 51 31.63 -63.25 -6.01
N ALA D 52 31.98 -62.29 -5.16
CA ALA D 52 33.13 -62.43 -4.28
C ALA D 52 32.76 -63.32 -3.10
N PRO D 53 33.73 -64.06 -2.56
CA PRO D 53 33.43 -64.95 -1.43
C PRO D 53 33.06 -64.15 -0.20
N PRO D 54 32.12 -64.65 0.61
CA PRO D 54 31.76 -63.96 1.86
C PRO D 54 32.92 -63.77 2.83
N GLU D 55 34.12 -64.26 2.48
CA GLU D 55 35.31 -64.04 3.29
C GLU D 55 36.19 -62.91 2.77
N LYS D 56 36.25 -62.73 1.45
CA LYS D 56 37.00 -61.62 0.84
C LYS D 56 36.08 -60.46 0.50
N ARG D 57 35.17 -60.09 1.40
CA ARG D 57 34.20 -59.04 1.15
C ARG D 57 34.05 -58.07 2.31
N ALA D 58 34.92 -58.15 3.32
CA ALA D 58 34.76 -57.31 4.51
C ALA D 58 35.15 -55.87 4.20
N GLY D 59 36.29 -55.65 3.57
CA GLY D 59 36.83 -54.33 3.36
C GLY D 59 35.98 -53.47 2.43
N VAL D 60 36.55 -52.32 2.05
CA VAL D 60 35.87 -51.33 1.22
C VAL D 60 36.79 -50.95 0.07
N HIS D 61 36.34 -51.20 -1.16
CA HIS D 61 37.08 -50.84 -2.36
C HIS D 61 37.30 -49.33 -2.43
N ASP D 62 38.56 -48.95 -2.66
CA ASP D 62 38.96 -47.56 -2.79
C ASP D 62 40.02 -47.46 -3.88
N GLY D 63 39.77 -46.67 -4.91
CA GLY D 63 40.77 -46.47 -5.94
C GLY D 63 40.26 -45.71 -7.15
N HIS D 64 41.21 -45.25 -7.97
CA HIS D 64 40.88 -44.48 -9.15
C HIS D 64 40.14 -45.34 -10.18
N LEU D 65 39.28 -44.70 -10.98
CA LEU D 65 38.58 -45.36 -12.08
C LEU D 65 38.43 -44.37 -13.22
N LYS D 66 38.48 -44.89 -14.45
CA LYS D 66 38.39 -44.05 -15.64
C LYS D 66 37.14 -44.38 -16.47
N ARG D 67 35.96 -44.17 -15.89
CA ARG D 67 34.72 -44.27 -16.64
C ARG D 67 33.82 -43.09 -16.25
N ALA D 68 32.89 -42.78 -17.13
CA ALA D 68 31.98 -41.67 -16.88
C ALA D 68 31.07 -42.00 -15.70
N PRO D 69 30.89 -41.09 -14.74
CA PRO D 69 30.03 -41.38 -13.59
C PRO D 69 28.60 -41.66 -14.04
N LYS D 70 28.01 -42.70 -13.45
CA LYS D 70 26.73 -43.22 -13.91
C LYS D 70 25.79 -43.46 -12.73
N VAL D 71 24.49 -43.46 -13.04
CA VAL D 71 23.42 -43.64 -12.08
C VAL D 71 22.41 -44.63 -12.65
N TYR D 72 21.96 -45.55 -11.81
CA TYR D 72 21.00 -46.59 -12.20
C TYR D 72 19.63 -46.27 -11.63
N CYS D 73 18.61 -46.33 -12.48
CA CYS D 73 17.22 -46.18 -12.07
C CYS D 73 16.36 -47.14 -12.88
N GLY D 74 15.58 -47.97 -12.20
CA GLY D 74 14.66 -48.89 -12.83
C GLY D 74 15.27 -49.73 -13.93
N GLY D 75 16.43 -50.33 -13.65
CA GLY D 75 17.12 -51.14 -14.63
C GLY D 75 17.91 -50.37 -15.66
N ASP D 76 17.59 -49.10 -15.91
CA ASP D 76 18.33 -48.31 -16.88
C ASP D 76 19.48 -47.60 -16.19
N GLU D 77 20.46 -47.18 -17.00
CA GLU D 77 21.58 -46.41 -16.48
C GLU D 77 21.80 -45.20 -17.37
N ARG D 78 22.23 -44.10 -16.76
CA ARG D 78 22.59 -42.91 -17.50
C ARG D 78 23.67 -42.17 -16.75
N ASP D 79 24.52 -41.47 -17.50
CA ASP D 79 25.56 -40.66 -16.86
C ASP D 79 24.92 -39.56 -16.03
N VAL D 80 25.53 -39.27 -14.88
CA VAL D 80 24.99 -38.25 -13.98
C VAL D 80 24.89 -36.91 -14.70
N LEU D 81 26.00 -36.46 -15.27
CA LEU D 81 26.07 -35.13 -15.89
C LEU D 81 25.45 -35.13 -17.28
N ARG D 82 24.64 -36.14 -17.59
CA ARG D 82 23.91 -36.18 -18.84
C ARG D 82 22.53 -35.56 -18.64
N VAL D 83 22.15 -34.67 -19.55
CA VAL D 83 20.94 -33.88 -19.42
C VAL D 83 20.20 -33.88 -20.76
N GLY D 84 18.90 -34.16 -20.73
CA GLY D 84 18.11 -34.06 -21.93
C GLY D 84 16.82 -34.86 -21.94
N SER D 85 16.61 -35.60 -23.03
CA SER D 85 15.36 -36.30 -23.31
C SER D 85 14.81 -37.04 -22.11
N GLY D 86 15.57 -38.01 -21.59
CA GLY D 86 15.13 -38.79 -20.46
C GLY D 86 15.97 -38.60 -19.21
N GLY D 87 15.34 -38.15 -18.13
CA GLY D 87 16.03 -37.95 -16.89
C GLY D 87 15.33 -38.66 -15.74
N PHE D 88 16.08 -38.86 -14.66
CA PHE D 88 15.58 -39.60 -13.50
C PHE D 88 15.01 -38.66 -12.44
N TRP D 89 15.64 -37.50 -12.24
CA TRP D 89 15.21 -36.47 -11.29
C TRP D 89 14.64 -35.27 -12.05
N PRO D 90 13.84 -34.42 -11.39
CA PRO D 90 13.29 -33.26 -12.08
C PRO D 90 14.31 -32.15 -12.22
N ARG D 91 14.21 -31.41 -13.33
CA ARG D 91 15.15 -30.36 -13.68
C ARG D 91 14.41 -29.06 -13.95
N ARG D 92 14.86 -27.99 -13.30
CA ARG D 92 14.36 -26.64 -13.57
C ARG D 92 15.42 -25.76 -14.22
N SER D 93 16.49 -26.35 -14.73
CA SER D 93 17.60 -25.58 -15.27
C SER D 93 17.34 -25.19 -16.73
N ARG D 94 18.11 -24.20 -17.19
CA ARG D 94 18.18 -23.87 -18.62
C ARG D 94 19.59 -24.10 -19.13
N LEU D 95 20.56 -23.30 -18.71
CA LEU D 95 21.95 -23.54 -19.07
C LEU D 95 22.49 -24.77 -18.34
N TRP D 96 23.28 -25.56 -19.05
CA TRP D 96 24.05 -26.63 -18.41
C TRP D 96 25.37 -26.76 -19.19
N GLY D 97 26.39 -26.07 -18.70
CA GLY D 97 27.67 -26.05 -19.38
C GLY D 97 27.57 -25.51 -20.79
N GLY D 98 27.16 -24.26 -20.90
CA GLY D 98 27.09 -23.61 -22.20
C GLY D 98 26.09 -24.18 -23.17
N VAL D 99 25.15 -25.00 -22.69
CA VAL D 99 24.12 -25.60 -23.53
C VAL D 99 22.78 -24.97 -23.17
N ASP D 100 22.07 -24.48 -24.19
CA ASP D 100 20.80 -23.79 -23.98
C ASP D 100 19.66 -24.80 -24.07
N HIS D 101 19.37 -25.45 -22.94
CA HIS D 101 18.31 -26.46 -22.87
C HIS D 101 16.94 -25.79 -22.77
N ALA D 102 16.63 -24.94 -23.76
CA ALA D 102 15.40 -24.17 -23.77
C ALA D 102 14.82 -24.14 -25.17
N PRO D 103 13.52 -24.33 -25.31
CA PRO D 103 12.89 -24.32 -26.65
C PRO D 103 13.04 -22.96 -27.31
N ALA D 104 13.66 -22.96 -28.49
CA ALA D 104 13.92 -21.72 -29.21
C ALA D 104 12.63 -20.91 -29.37
N GLY D 105 12.78 -19.59 -29.29
CA GLY D 105 11.62 -18.74 -29.14
C GLY D 105 11.13 -18.65 -27.71
N PHE D 106 12.05 -18.71 -26.75
CA PHE D 106 11.73 -18.64 -25.32
C PHE D 106 12.12 -17.25 -24.83
N ASN D 107 11.19 -16.31 -24.95
CA ASN D 107 11.39 -14.93 -24.52
C ASN D 107 10.18 -14.49 -23.72
N PRO D 108 9.98 -15.05 -22.53
CA PRO D 108 8.84 -14.63 -21.71
C PRO D 108 9.03 -13.18 -21.27
N THR D 109 8.04 -12.35 -21.57
CA THR D 109 8.09 -10.96 -21.17
C THR D 109 7.75 -10.86 -19.68
N VAL D 110 8.69 -10.37 -18.89
CA VAL D 110 8.57 -10.37 -17.44
C VAL D 110 8.00 -9.05 -16.99
N THR D 111 6.88 -9.09 -16.26
CA THR D 111 6.29 -7.89 -15.70
C THR D 111 6.66 -7.76 -14.23
N VAL D 112 6.02 -8.57 -13.39
CA VAL D 112 6.30 -8.59 -11.96
C VAL D 112 7.10 -9.84 -11.63
N PHE D 113 7.62 -9.89 -10.41
CA PHE D 113 8.45 -11.01 -9.97
C PHE D 113 8.69 -10.89 -8.48
N HIS D 114 8.64 -12.03 -7.79
CA HIS D 114 8.91 -12.08 -6.37
C HIS D 114 10.38 -12.37 -6.09
N VAL D 115 10.88 -11.73 -5.03
CA VAL D 115 12.28 -11.77 -4.61
C VAL D 115 12.33 -12.37 -3.21
N TYR D 116 13.21 -13.35 -3.02
CA TYR D 116 13.37 -14.03 -1.75
C TYR D 116 14.77 -13.89 -1.15
N ASP D 117 15.81 -13.85 -1.98
CA ASP D 117 17.16 -13.56 -1.49
C ASP D 117 17.83 -12.57 -2.42
N ILE D 118 18.90 -11.97 -1.95
CA ILE D 118 19.61 -10.91 -2.66
C ILE D 118 21.09 -11.16 -2.56
N LEU D 119 21.79 -11.10 -3.70
CA LEU D 119 23.21 -11.38 -3.79
C LEU D 119 23.99 -10.09 -4.02
N GLU D 120 25.20 -10.06 -3.47
CA GLU D 120 26.04 -8.86 -3.45
C GLU D 120 27.41 -9.24 -4.02
N ASN D 121 27.68 -8.87 -5.27
CA ASN D 121 28.93 -9.23 -5.92
C ASN D 121 29.53 -8.03 -6.62
N VAL D 122 30.71 -8.26 -7.17
CA VAL D 122 31.51 -7.24 -7.85
C VAL D 122 31.71 -7.69 -9.29
N GLU D 123 31.61 -6.74 -10.22
CA GLU D 123 31.85 -7.02 -11.64
C GLU D 123 32.78 -5.96 -12.20
N HIS D 124 33.78 -6.40 -12.95
CA HIS D 124 34.69 -5.50 -13.65
C HIS D 124 34.28 -5.40 -15.12
N ALA D 125 34.69 -4.30 -15.75
CA ALA D 125 34.29 -4.08 -17.14
C ALA D 125 35.06 -4.99 -18.08
N TYR D 126 36.38 -5.14 -17.87
CA TYR D 126 37.17 -6.02 -18.74
C TYR D 126 36.59 -7.42 -18.78
N GLY D 127 36.12 -7.92 -17.63
CA GLY D 127 35.53 -9.24 -17.61
C GLY D 127 34.25 -9.32 -18.43
N MET D 128 33.33 -8.39 -18.22
CA MET D 128 32.01 -8.46 -18.82
C MET D 128 31.95 -7.85 -20.22
N ARG D 129 33.07 -7.32 -20.74
CA ARG D 129 33.05 -6.71 -22.07
C ARG D 129 32.55 -7.70 -23.12
N ALA D 130 32.74 -9.01 -22.89
CA ALA D 130 32.23 -10.01 -23.81
C ALA D 130 30.71 -10.04 -23.84
N ALA D 131 30.07 -9.97 -22.66
CA ALA D 131 28.63 -10.14 -22.54
C ALA D 131 27.82 -9.06 -23.25
N GLN D 132 28.48 -8.03 -23.79
CA GLN D 132 27.84 -6.98 -24.58
C GLN D 132 26.65 -6.38 -23.82
N PHE D 133 26.96 -5.80 -22.66
CA PHE D 133 25.98 -5.09 -21.85
C PHE D 133 25.74 -3.70 -22.42
N HIS D 134 24.62 -3.09 -22.03
CA HIS D 134 24.33 -1.72 -22.43
C HIS D 134 25.36 -0.77 -21.84
N ALA D 135 25.39 0.44 -22.40
CA ALA D 135 26.41 1.42 -22.02
C ALA D 135 26.38 1.72 -20.52
N ARG D 136 25.18 1.92 -19.96
CA ARG D 136 25.06 2.34 -18.57
C ARG D 136 25.75 1.37 -17.62
N PHE D 137 25.39 0.10 -17.69
CA PHE D 137 25.93 -0.88 -16.75
C PHE D 137 27.45 -0.95 -16.84
N MET D 138 27.99 -0.90 -18.06
CA MET D 138 29.43 -0.94 -18.22
C MET D 138 30.09 0.31 -17.63
N ASP D 139 29.45 1.47 -17.77
CA ASP D 139 29.94 2.64 -17.03
C ASP D 139 29.89 2.40 -15.54
N ALA D 140 28.90 1.65 -15.06
CA ALA D 140 28.77 1.40 -13.63
C ALA D 140 29.87 0.49 -13.11
N ILE D 141 30.41 -0.40 -13.94
CA ILE D 141 31.40 -1.36 -13.44
C ILE D 141 32.76 -1.20 -14.12
N THR D 142 33.11 0.03 -14.53
CA THR D 142 34.31 0.18 -15.35
C THR D 142 35.58 -0.23 -14.62
N PRO D 143 35.99 0.41 -13.50
CA PRO D 143 37.09 -0.17 -12.74
C PRO D 143 36.60 -1.39 -12.00
N THR D 144 35.61 -1.15 -11.14
CA THR D 144 35.01 -2.16 -10.30
C THR D 144 33.60 -1.69 -9.99
N GLY D 145 32.64 -2.61 -9.95
CA GLY D 145 31.28 -2.23 -9.66
C GLY D 145 30.55 -3.25 -8.80
N THR D 146 29.82 -2.78 -7.78
CA THR D 146 29.06 -3.67 -6.92
C THR D 146 27.66 -3.87 -7.47
N VAL D 147 27.29 -5.12 -7.71
CA VAL D 147 26.02 -5.47 -8.35
C VAL D 147 25.13 -6.16 -7.33
N ILE D 148 23.89 -5.71 -7.23
CA ILE D 148 22.92 -6.25 -6.29
C ILE D 148 21.96 -7.15 -7.06
N THR D 149 22.04 -8.46 -6.84
CA THR D 149 21.27 -9.43 -7.59
C THR D 149 20.05 -9.84 -6.77
N LEU D 150 18.86 -9.52 -7.28
CA LEU D 150 17.61 -10.01 -6.72
C LEU D 150 17.29 -11.38 -7.32
N LEU D 151 17.01 -12.36 -6.46
CA LEU D 151 16.68 -13.70 -6.89
C LEU D 151 15.23 -14.02 -6.57
N GLY D 152 14.55 -14.65 -7.50
CA GLY D 152 13.17 -15.03 -7.26
C GLY D 152 12.49 -15.71 -8.42
N LEU D 153 11.17 -15.55 -8.51
CA LEU D 153 10.38 -16.23 -9.53
C LEU D 153 9.37 -15.27 -10.14
N THR D 154 8.87 -15.63 -11.31
CA THR D 154 7.72 -14.96 -11.89
C THR D 154 6.45 -15.68 -11.46
N PRO D 155 5.28 -15.07 -11.68
CA PRO D 155 4.04 -15.80 -11.39
C PRO D 155 3.86 -17.04 -12.25
N GLU D 156 4.31 -16.99 -13.51
CA GLU D 156 4.30 -18.19 -14.34
C GLU D 156 5.10 -19.31 -13.70
N GLY D 157 6.24 -18.98 -13.09
CA GLY D 157 7.07 -19.97 -12.44
C GLY D 157 8.53 -19.89 -12.83
N HIS D 158 8.83 -19.07 -13.84
CA HIS D 158 10.20 -18.94 -14.34
C HIS D 158 11.14 -18.51 -13.23
N ARG D 159 12.33 -19.13 -13.20
CA ARG D 159 13.38 -18.69 -12.29
C ARG D 159 14.03 -17.44 -12.83
N VAL D 160 14.17 -16.42 -11.99
CA VAL D 160 14.62 -15.11 -12.44
C VAL D 160 15.65 -14.53 -11.48
N ALA D 161 16.64 -13.82 -12.03
CA ALA D 161 17.61 -13.07 -11.27
C ALA D 161 17.82 -11.74 -11.99
N VAL D 162 17.60 -10.63 -11.28
CA VAL D 162 17.74 -9.30 -11.85
C VAL D 162 18.95 -8.63 -11.21
N HIS D 163 19.85 -8.11 -12.03
CA HIS D 163 21.09 -7.51 -11.56
C HIS D 163 20.95 -6.00 -11.55
N VAL D 164 21.09 -5.41 -10.36
CA VAL D 164 20.89 -3.99 -10.15
C VAL D 164 22.25 -3.34 -10.04
N TYR D 165 22.57 -2.50 -11.03
CA TYR D 165 23.82 -1.77 -11.10
C TYR D 165 23.63 -0.37 -10.50
N GLY D 166 24.71 0.15 -9.93
CA GLY D 166 24.74 1.52 -9.45
C GLY D 166 24.81 1.65 -7.94
N THR D 167 24.53 0.59 -7.20
CA THR D 167 24.65 0.63 -5.75
C THR D 167 26.10 0.86 -5.35
N ARG D 168 26.32 1.81 -4.46
CA ARG D 168 27.68 2.12 -4.00
C ARG D 168 27.69 2.21 -2.49
N GLN D 169 28.67 1.54 -1.87
CA GLN D 169 28.75 1.67 -0.43
C GLN D 169 29.32 3.04 -0.08
N TYR D 170 29.07 3.50 1.14
CA TYR D 170 29.61 4.79 1.51
C TYR D 170 29.68 4.92 3.01
N PHE D 171 30.69 5.67 3.47
CA PHE D 171 30.94 5.87 4.89
C PHE D 171 31.44 7.28 5.12
N TYR D 172 31.22 7.80 6.32
CA TYR D 172 31.55 9.18 6.66
C TYR D 172 32.77 9.25 7.56
N MET D 173 33.49 10.37 7.48
CA MET D 173 34.55 10.71 8.42
C MET D 173 34.49 12.20 8.70
N ASN D 174 34.96 12.61 9.87
CA ASN D 174 34.90 14.03 10.22
C ASN D 174 35.87 14.82 9.35
N LYS D 175 35.40 15.94 8.81
CA LYS D 175 36.24 16.74 7.92
C LYS D 175 37.31 17.48 8.71
N GLU D 176 36.94 18.13 9.82
CA GLU D 176 37.92 18.87 10.59
C GLU D 176 39.07 17.98 11.03
N GLU D 177 38.80 16.71 11.32
CA GLU D 177 39.84 15.77 11.73
C GLU D 177 40.67 15.27 10.55
N VAL D 178 40.03 15.03 9.40
CA VAL D 178 40.76 14.49 8.26
C VAL D 178 41.62 15.56 7.61
N ASP D 179 41.05 16.74 7.38
CA ASP D 179 41.75 17.83 6.70
C ASP D 179 43.11 18.11 7.32
N ARG D 180 43.17 18.16 8.65
CA ARG D 180 44.41 18.53 9.32
C ARG D 180 45.30 17.34 9.66
N HIS D 181 44.75 16.14 9.78
CA HIS D 181 45.59 14.98 10.06
C HIS D 181 46.43 14.59 8.85
N LEU D 182 45.78 14.38 7.70
CA LEU D 182 46.46 14.25 6.43
C LEU D 182 46.23 15.55 5.67
N GLN D 183 47.28 16.37 5.57
CA GLN D 183 47.16 17.72 5.02
C GLN D 183 46.50 17.69 3.65
N CYS D 184 45.21 18.04 3.59
CA CYS D 184 44.47 18.09 2.34
C CYS D 184 43.38 19.13 2.48
N ARG D 185 43.07 19.81 1.37
CA ARG D 185 42.10 20.89 1.39
C ARG D 185 41.13 20.78 0.21
N ALA D 186 40.82 19.55 -0.20
CA ALA D 186 39.91 19.29 -1.30
C ALA D 186 39.48 17.83 -1.27
N PRO D 187 38.30 17.49 -1.81
CA PRO D 187 37.87 16.08 -1.76
C PRO D 187 38.72 15.15 -2.60
N ARG D 188 39.07 15.55 -3.84
CA ARG D 188 39.94 14.73 -4.67
C ARG D 188 41.27 14.44 -3.97
N ASP D 189 41.72 15.37 -3.11
CA ASP D 189 42.87 15.07 -2.26
C ASP D 189 42.63 13.82 -1.44
N LEU D 190 41.51 13.77 -0.70
CA LEU D 190 41.20 12.62 0.12
C LEU D 190 41.09 11.35 -0.71
N CYS D 191 40.42 11.42 -1.87
CA CYS D 191 40.38 10.28 -2.78
C CYS D 191 41.78 9.78 -3.11
N GLU D 192 42.68 10.72 -3.44
CA GLU D 192 44.04 10.37 -3.81
C GLU D 192 44.77 9.71 -2.64
N ARG D 193 44.64 10.28 -1.44
CA ARG D 193 45.33 9.71 -0.28
C ARG D 193 44.83 8.30 0.01
N MET D 194 43.52 8.07 -0.10
CA MET D 194 42.98 6.73 0.13
C MET D 194 43.49 5.74 -0.91
N ALA D 195 43.31 6.06 -2.20
CA ALA D 195 43.81 5.18 -3.27
C ALA D 195 45.29 4.88 -3.07
N ALA D 196 46.09 5.92 -2.87
CA ALA D 196 47.52 5.77 -2.59
C ALA D 196 47.75 4.75 -1.48
N ALA D 197 47.21 5.03 -0.28
CA ALA D 197 47.38 4.14 0.85
C ALA D 197 47.01 2.70 0.50
N LEU D 198 45.97 2.52 -0.32
CA LEU D 198 45.56 1.19 -0.72
C LEU D 198 46.53 0.53 -1.70
N ARG D 199 47.32 1.32 -2.44
CA ARG D 199 48.23 0.73 -3.42
C ARG D 199 49.30 -0.12 -2.74
N GLU D 200 50.03 0.44 -1.78
CA GLU D 200 51.00 -0.36 -1.05
C GLU D 200 50.31 -1.24 -0.01
N SER D 201 49.27 -1.95 -0.43
CA SER D 201 48.69 -2.99 0.39
C SER D 201 49.73 -4.07 0.64
N PRO D 202 49.98 -4.46 1.89
CA PRO D 202 50.83 -5.62 2.15
C PRO D 202 50.36 -6.83 1.35
N GLY D 203 51.18 -7.28 0.41
CA GLY D 203 50.78 -8.28 -0.56
C GLY D 203 50.32 -7.72 -1.88
N ALA D 204 50.32 -6.40 -2.05
CA ALA D 204 49.99 -5.74 -3.32
C ALA D 204 48.71 -6.27 -3.91
N SER D 205 47.70 -6.45 -3.06
CA SER D 205 46.41 -6.98 -3.52
C SER D 205 45.82 -6.10 -4.60
N PHE D 206 45.57 -4.82 -4.29
CA PHE D 206 45.05 -3.86 -5.25
C PHE D 206 46.20 -2.91 -5.60
N ARG D 207 46.84 -3.16 -6.74
CA ARG D 207 47.84 -2.25 -7.28
C ARG D 207 47.25 -1.56 -8.51
N GLY D 208 47.68 -0.32 -8.72
CA GLY D 208 47.14 0.47 -9.80
C GLY D 208 45.73 0.97 -9.57
N ILE D 209 45.15 0.73 -8.37
CA ILE D 209 43.89 1.38 -8.01
C ILE D 209 44.15 2.87 -7.87
N SER D 210 43.26 3.69 -8.41
CA SER D 210 43.50 5.12 -8.52
C SER D 210 42.38 5.93 -7.86
N ALA D 211 42.60 7.25 -7.83
CA ALA D 211 41.70 8.16 -7.14
C ALA D 211 40.29 8.12 -7.71
N ASP D 212 40.14 7.72 -8.98
CA ASP D 212 38.81 7.63 -9.57
C ASP D 212 37.93 6.65 -8.81
N HIS D 213 38.52 5.59 -8.27
CA HIS D 213 37.77 4.54 -7.61
C HIS D 213 36.88 5.07 -6.48
N PHE D 214 37.09 6.30 -6.02
CA PHE D 214 36.36 6.86 -4.88
C PHE D 214 35.64 8.14 -5.26
N GLU D 215 34.58 8.43 -4.53
CA GLU D 215 33.95 9.75 -4.61
C GLU D 215 33.86 10.34 -3.21
N ALA D 216 34.01 11.65 -3.11
CA ALA D 216 34.03 12.32 -1.80
C ALA D 216 33.15 13.55 -1.84
N GLU D 217 32.02 13.49 -1.16
CA GLU D 217 31.19 14.66 -0.89
C GLU D 217 31.54 15.25 0.47
N VAL D 218 31.19 16.52 0.64
CA VAL D 218 31.12 17.15 1.95
C VAL D 218 29.66 17.35 2.28
N VAL D 219 29.25 16.90 3.48
CA VAL D 219 27.87 17.00 3.90
C VAL D 219 27.83 17.32 5.39
N GLU D 220 26.74 17.95 5.81
CA GLU D 220 26.52 18.26 7.21
C GLU D 220 25.73 17.14 7.87
N ARG D 221 26.19 16.68 9.02
CA ARG D 221 25.52 15.61 9.73
C ARG D 221 25.90 15.68 11.20
N THR D 222 25.27 14.82 12.00
CA THR D 222 25.40 14.87 13.45
C THR D 222 25.60 13.46 14.01
N ASP D 223 26.55 13.33 14.92
CA ASP D 223 26.75 12.07 15.62
C ASP D 223 25.54 11.80 16.51
N VAL D 224 25.09 10.54 16.53
CA VAL D 224 23.89 10.19 17.26
C VAL D 224 24.04 10.39 18.75
N TYR D 225 25.27 10.37 19.26
CA TYR D 225 25.47 10.34 20.70
C TYR D 225 25.35 11.74 21.28
N TYR D 226 24.40 11.89 22.21
CA TYR D 226 24.31 13.00 23.16
C TYR D 226 23.64 14.24 22.57
N TYR D 227 22.85 14.92 23.41
CA TYR D 227 22.18 16.15 23.00
C TYR D 227 23.18 17.29 22.80
N GLU D 228 24.22 17.32 23.62
CA GLU D 228 25.27 18.32 23.50
C GLU D 228 25.86 18.36 22.09
N THR D 229 25.97 17.19 21.46
CA THR D 229 26.63 17.09 20.16
C THR D 229 25.96 17.98 19.13
N ARG D 230 26.76 18.82 18.48
CA ARG D 230 26.29 19.77 17.48
C ARG D 230 26.67 19.31 16.07
N PRO D 231 25.93 19.75 15.05
CA PRO D 231 26.21 19.32 13.67
C PRO D 231 27.62 19.70 13.23
N ALA D 232 28.12 18.98 12.23
CA ALA D 232 29.47 19.23 11.74
C ALA D 232 29.59 18.71 10.31
N LEU D 233 30.75 19.00 9.71
CA LEU D 233 31.05 18.66 8.33
C LEU D 233 31.79 17.34 8.25
N PHE D 234 31.30 16.43 7.41
CA PHE D 234 31.92 15.15 7.19
C PHE D 234 32.16 14.93 5.71
N TYR D 235 33.26 14.24 5.42
CA TYR D 235 33.47 13.63 4.12
C TYR D 235 32.63 12.37 4.02
N ARG D 236 31.68 12.37 3.10
CA ARG D 236 31.03 11.14 2.67
C ARG D 236 31.89 10.53 1.57
N VAL D 237 32.29 9.27 1.75
CA VAL D 237 33.17 8.60 0.81
C VAL D 237 32.40 7.44 0.21
N TYR D 238 32.16 7.51 -1.10
CA TYR D 238 31.58 6.44 -1.90
C TYR D 238 32.69 5.51 -2.37
N VAL D 239 32.49 4.23 -2.11
CA VAL D 239 33.41 3.15 -2.45
C VAL D 239 32.67 2.12 -3.29
N ARG D 240 33.38 1.57 -4.28
CA ARG D 240 32.83 0.65 -5.25
C ARG D 240 33.01 -0.82 -4.88
N SER D 241 33.94 -1.12 -3.98
CA SER D 241 34.25 -2.50 -3.62
C SER D 241 34.17 -2.66 -2.12
N GLY D 242 33.36 -3.62 -1.67
CA GLY D 242 33.34 -3.97 -0.25
C GLY D 242 34.71 -4.39 0.26
N ARG D 243 35.49 -5.04 -0.59
CA ARG D 243 36.90 -5.31 -0.32
C ARG D 243 37.62 -4.02 0.09
N VAL D 244 37.63 -3.05 -0.83
CA VAL D 244 38.30 -1.77 -0.61
C VAL D 244 37.77 -1.09 0.65
N LEU D 245 36.45 -1.05 0.81
CA LEU D 245 35.84 -0.41 1.97
C LEU D 245 36.31 -1.07 3.27
N SER D 246 36.35 -2.40 3.30
CA SER D 246 36.77 -3.11 4.50
C SER D 246 38.21 -2.79 4.85
N TYR D 247 39.11 -2.85 3.86
CA TYR D 247 40.51 -2.55 4.13
C TYR D 247 40.68 -1.11 4.63
N LEU D 248 40.03 -0.15 3.96
CA LEU D 248 40.06 1.24 4.38
C LEU D 248 39.63 1.37 5.84
N CYS D 249 38.40 0.96 6.15
CA CYS D 249 37.89 1.10 7.51
C CYS D 249 38.81 0.41 8.52
N ASP D 250 39.47 -0.67 8.11
CA ASP D 250 40.31 -1.41 9.05
C ASP D 250 41.61 -0.67 9.37
N ASN D 251 42.29 -0.11 8.36
CA ASN D 251 43.60 0.46 8.66
C ASN D 251 43.94 1.64 7.76
N PHE D 252 42.96 2.51 7.49
CA PHE D 252 43.30 3.75 6.79
C PHE D 252 43.78 4.81 7.78
N CYS D 253 42.83 5.47 8.45
CA CYS D 253 43.10 6.52 9.43
C CYS D 253 42.58 6.05 10.77
N PRO D 254 43.32 5.19 11.46
CA PRO D 254 42.77 4.56 12.68
C PRO D 254 42.42 5.56 13.77
N ALA D 255 43.10 6.70 13.82
CA ALA D 255 42.83 7.72 14.82
C ALA D 255 41.62 8.57 14.49
N ILE D 256 40.86 8.23 13.45
CA ILE D 256 39.74 9.05 13.00
C ILE D 256 38.47 8.18 13.02
N LYS D 257 37.51 8.59 13.84
CA LYS D 257 36.20 7.95 13.87
C LYS D 257 35.60 7.88 12.46
N LYS D 258 35.20 6.68 12.06
CA LYS D 258 34.55 6.49 10.77
C LYS D 258 33.16 5.91 10.98
N TYR D 259 32.18 6.46 10.25
CA TYR D 259 30.77 6.24 10.49
C TYR D 259 30.14 5.40 9.40
N GLU D 260 29.25 4.51 9.81
CA GLU D 260 28.44 3.67 8.90
C GLU D 260 29.30 2.89 7.92
N GLY D 261 30.55 2.61 8.26
CA GLY D 261 31.43 1.83 7.39
C GLY D 261 31.08 0.37 7.31
N GLY D 262 30.32 -0.15 8.27
CA GLY D 262 29.89 -1.52 8.21
C GLY D 262 28.65 -1.77 7.38
N VAL D 263 27.98 -0.70 6.93
CA VAL D 263 26.76 -0.86 6.16
C VAL D 263 27.09 -1.52 4.82
N ASP D 264 26.49 -2.68 4.58
CA ASP D 264 26.75 -3.40 3.34
C ASP D 264 25.89 -2.85 2.21
N ALA D 265 26.31 -3.16 0.97
CA ALA D 265 25.67 -2.58 -0.20
C ALA D 265 24.21 -2.97 -0.31
N THR D 266 23.83 -4.16 0.18
CA THR D 266 22.43 -4.57 0.12
C THR D 266 21.58 -3.64 0.98
N THR D 267 22.00 -3.40 2.22
CA THR D 267 21.30 -2.46 3.09
C THR D 267 21.15 -1.10 2.42
N ARG D 268 22.21 -0.62 1.77
CA ARG D 268 22.13 0.68 1.10
C ARG D 268 21.13 0.65 -0.05
N PHE D 269 21.09 -0.45 -0.81
CA PHE D 269 20.11 -0.57 -1.88
C PHE D 269 18.69 -0.53 -1.33
N ILE D 270 18.46 -1.13 -0.16
CA ILE D 270 17.13 -1.18 0.40
C ILE D 270 16.73 0.17 1.00
N LEU D 271 17.63 0.77 1.78
CA LEU D 271 17.29 1.97 2.54
C LEU D 271 17.27 3.20 1.65
N ASP D 272 18.28 3.36 0.79
CA ASP D 272 18.37 4.58 -0.01
C ASP D 272 17.25 4.64 -1.05
N ASN D 273 16.73 3.48 -1.47
CA ASN D 273 15.58 3.46 -2.35
C ASN D 273 14.31 3.19 -1.55
N PRO D 274 13.58 4.24 -1.18
CA PRO D 274 12.49 4.07 -0.21
C PRO D 274 11.35 3.24 -0.79
N GLY D 275 10.76 2.41 0.07
CA GLY D 275 9.74 1.47 -0.32
C GLY D 275 10.25 0.07 -0.60
N PHE D 276 11.53 -0.07 -0.92
CA PHE D 276 12.08 -1.38 -1.25
C PHE D 276 12.21 -2.26 -0.02
N VAL D 277 12.15 -3.56 -0.24
CA VAL D 277 12.22 -4.57 0.81
C VAL D 277 13.18 -5.66 0.37
N THR D 278 13.49 -6.56 1.30
CA THR D 278 14.37 -7.69 1.04
C THR D 278 13.61 -8.98 0.73
N PHE D 279 12.29 -8.91 0.59
CA PHE D 279 11.48 -10.11 0.38
C PHE D 279 10.07 -9.71 -0.02
N GLY D 280 9.71 -9.85 -1.29
CA GLY D 280 8.39 -9.42 -1.72
C GLY D 280 8.33 -9.26 -3.23
N TRP D 281 7.31 -8.54 -3.69
CA TRP D 281 6.97 -8.48 -5.10
C TRP D 281 7.43 -7.16 -5.73
N TYR D 282 8.31 -7.26 -6.71
CA TYR D 282 8.79 -6.15 -7.51
C TYR D 282 8.21 -6.21 -8.91
N ARG D 283 8.39 -5.11 -9.64
CA ARG D 283 7.99 -4.97 -11.03
C ARG D 283 9.01 -4.10 -11.74
N LEU D 284 9.36 -4.52 -12.96
CA LEU D 284 10.23 -3.71 -13.81
C LEU D 284 9.41 -2.56 -14.40
N LYS D 285 10.05 -1.39 -14.49
CA LYS D 285 9.34 -0.21 -14.94
C LYS D 285 10.30 0.67 -15.72
N PRO D 286 9.80 1.61 -16.52
CA PRO D 286 10.69 2.56 -17.20
C PRO D 286 11.46 3.40 -16.19
N GLY D 287 12.66 3.83 -16.59
CA GLY D 287 13.56 4.51 -15.68
C GLY D 287 13.86 5.96 -16.01
N ARG D 288 15.09 6.40 -15.71
CA ARG D 288 15.39 7.82 -15.61
C ARG D 288 15.32 8.52 -16.97
N ASN D 289 15.98 7.97 -17.98
CA ASN D 289 15.93 8.49 -19.34
C ASN D 289 14.98 7.68 -20.21
N ASN D 290 13.84 7.30 -19.64
CA ASN D 290 12.95 6.29 -20.23
C ASN D 290 13.69 4.97 -20.41
N THR D 291 14.62 4.68 -19.51
CA THR D 291 15.43 3.48 -19.62
C THR D 291 14.59 2.24 -19.32
N LEU D 292 14.89 1.16 -20.03
CA LEU D 292 14.28 -0.12 -19.76
C LEU D 292 15.33 -1.11 -19.27
N ALA D 293 14.85 -2.13 -18.54
CA ALA D 293 15.73 -3.22 -18.16
C ALA D 293 16.28 -3.90 -19.41
N GLN D 294 17.39 -4.61 -19.24
CA GLN D 294 18.03 -5.34 -20.32
C GLN D 294 18.06 -6.83 -19.98
N PRO D 295 17.59 -7.70 -20.88
CA PRO D 295 17.74 -9.14 -20.65
C PRO D 295 19.13 -9.59 -21.06
N ARG D 296 19.77 -10.39 -20.20
CA ARG D 296 21.08 -10.93 -20.51
C ARG D 296 20.97 -12.05 -21.53
N ALA D 297 21.98 -12.15 -22.40
CA ALA D 297 22.11 -13.32 -23.24
C ALA D 297 22.44 -14.53 -22.36
N PRO D 298 21.94 -15.72 -22.71
CA PRO D 298 22.21 -16.89 -21.86
C PRO D 298 23.66 -17.12 -21.55
N MET D 299 24.56 -16.94 -22.51
CA MET D 299 25.98 -17.12 -22.24
C MET D 299 26.55 -16.02 -21.33
N ALA D 300 25.76 -15.00 -21.02
CA ALA D 300 26.14 -13.99 -20.05
C ALA D 300 25.61 -14.29 -18.65
N PHE D 301 24.71 -15.27 -18.52
CA PHE D 301 24.04 -15.56 -17.25
C PHE D 301 25.02 -15.78 -16.12
N GLY D 302 24.56 -15.54 -14.89
CA GLY D 302 25.40 -15.74 -13.72
C GLY D 302 24.68 -16.56 -12.67
N THR D 303 23.57 -17.19 -13.07
CA THR D 303 22.79 -18.02 -12.17
C THR D 303 22.23 -19.22 -12.92
N SER D 304 21.78 -20.21 -12.15
CA SER D 304 21.01 -21.33 -12.68
C SER D 304 19.54 -20.91 -12.83
N SER D 305 19.34 -19.81 -13.54
CA SER D 305 18.03 -19.20 -13.70
C SER D 305 17.63 -19.19 -15.17
N ASP D 306 16.34 -19.01 -15.40
CA ASP D 306 15.78 -19.09 -16.75
C ASP D 306 15.88 -17.77 -17.50
N VAL D 307 15.61 -16.65 -16.83
CA VAL D 307 15.76 -15.33 -17.43
C VAL D 307 16.52 -14.46 -16.44
N GLU D 308 17.39 -13.59 -16.97
CA GLU D 308 18.14 -12.64 -16.15
C GLU D 308 17.99 -11.25 -16.76
N PHE D 309 18.29 -10.24 -15.95
CA PHE D 309 18.06 -8.86 -16.37
C PHE D 309 19.08 -7.93 -15.74
N ASN D 310 19.46 -6.90 -16.49
CA ASN D 310 20.28 -5.80 -16.02
C ASN D 310 19.44 -4.54 -15.90
N CYS D 311 19.63 -3.81 -14.80
CA CYS D 311 18.83 -2.61 -14.56
C CYS D 311 19.51 -1.74 -13.52
N THR D 312 19.16 -0.46 -13.54
CA THR D 312 19.40 0.43 -12.42
C THR D 312 18.19 0.43 -11.51
N ALA D 313 18.37 0.98 -10.30
CA ALA D 313 17.32 0.90 -9.29
C ALA D 313 16.04 1.63 -9.70
N ASP D 314 16.13 2.63 -10.58
CA ASP D 314 14.92 3.32 -11.01
C ASP D 314 14.08 2.49 -11.97
N ASN D 315 14.58 1.36 -12.45
CA ASN D 315 13.80 0.42 -13.23
C ASN D 315 12.99 -0.53 -12.37
N LEU D 316 13.03 -0.38 -11.05
CA LEU D 316 12.32 -1.26 -10.13
C LEU D 316 11.23 -0.48 -9.40
N ALA D 317 10.15 -1.18 -9.07
CA ALA D 317 9.08 -0.62 -8.26
C ALA D 317 8.45 -1.76 -7.48
N ILE D 318 7.72 -1.41 -6.43
CA ILE D 318 7.03 -2.41 -5.63
C ILE D 318 5.65 -2.62 -6.23
N GLU D 319 5.18 -3.87 -6.17
CA GLU D 319 3.81 -4.19 -6.54
C GLU D 319 3.00 -4.45 -5.28
N GLY D 320 1.88 -3.75 -5.14
CA GLY D 320 1.12 -3.79 -3.91
C GLY D 320 0.15 -4.95 -3.81
N GLY D 321 -0.61 -5.21 -4.88
CA GLY D 321 -1.65 -6.20 -4.82
C GLY D 321 -1.16 -7.60 -4.49
N MET D 322 0.07 -7.92 -4.88
CA MET D 322 0.61 -9.25 -4.61
C MET D 322 0.88 -9.44 -3.12
N SER D 323 0.58 -10.64 -2.62
CA SER D 323 0.77 -10.94 -1.21
C SER D 323 1.10 -12.41 -0.97
N ASP D 324 0.80 -13.26 -1.95
CA ASP D 324 0.92 -14.70 -1.81
C ASP D 324 2.18 -15.22 -2.49
N LEU D 325 2.77 -16.27 -1.89
CA LEU D 325 4.04 -16.80 -2.37
C LEU D 325 3.92 -17.30 -3.81
N PRO D 326 5.06 -17.44 -4.51
CA PRO D 326 5.03 -18.10 -5.82
C PRO D 326 5.52 -19.54 -5.75
N ALA D 327 5.74 -20.15 -6.90
CA ALA D 327 6.07 -21.57 -6.98
C ALA D 327 7.48 -21.87 -6.51
N TYR D 328 7.86 -21.40 -5.32
CA TYR D 328 9.15 -21.74 -4.75
C TYR D 328 9.18 -23.21 -4.35
N LYS D 329 10.36 -23.80 -4.40
CA LYS D 329 10.55 -25.22 -4.14
C LYS D 329 11.38 -25.44 -2.88
N LEU D 330 10.94 -26.40 -2.07
CA LEU D 330 11.59 -26.73 -0.81
C LEU D 330 12.00 -28.19 -0.82
N MET D 331 13.31 -28.42 -0.67
CA MET D 331 13.87 -29.76 -0.56
C MET D 331 14.11 -30.09 0.91
N CYS D 332 13.46 -31.12 1.41
CA CYS D 332 13.70 -31.65 2.74
C CYS D 332 14.54 -32.92 2.60
N PHE D 333 15.66 -32.98 3.33
CA PHE D 333 16.57 -34.10 3.10
C PHE D 333 17.20 -34.57 4.41
N ASP D 334 17.42 -35.89 4.50
CA ASP D 334 18.13 -36.52 5.59
C ASP D 334 19.13 -37.50 5.01
N ILE D 335 20.23 -37.74 5.73
CA ILE D 335 21.24 -38.68 5.25
C ILE D 335 21.48 -39.76 6.29
N ALA D 336 22.08 -40.86 5.83
CA ALA D 336 22.45 -41.98 6.68
C ALA D 336 23.76 -42.57 6.17
N CYS D 337 24.68 -42.82 7.10
CA CYS D 337 26.04 -43.25 6.77
C CYS D 337 26.40 -44.48 7.61
N LYS D 338 27.47 -45.16 7.18
CA LYS D 338 27.96 -46.35 7.86
C LYS D 338 29.48 -46.30 7.93
N ALA D 339 30.02 -46.84 9.02
CA ALA D 339 31.47 -46.96 9.16
C ALA D 339 32.01 -48.00 8.19
N GLY D 340 33.34 -48.04 8.07
CA GLY D 340 33.98 -48.95 7.14
C GLY D 340 35.28 -49.56 7.65
N GLY D 341 35.82 -49.01 8.74
CA GLY D 341 37.08 -49.49 9.28
C GLY D 341 37.00 -50.84 9.95
N GLU D 342 37.98 -51.13 10.82
CA GLU D 342 37.98 -52.42 11.52
C GLU D 342 36.74 -52.58 12.37
N ASP D 343 36.31 -51.52 13.04
CA ASP D 343 35.12 -51.52 13.88
C ASP D 343 34.00 -50.85 13.11
N GLU D 344 33.08 -51.66 12.58
CA GLU D 344 31.95 -51.14 11.82
C GLU D 344 30.77 -50.74 12.71
N LEU D 345 30.86 -50.96 14.02
CA LEU D 345 29.80 -50.60 14.94
C LEU D 345 29.97 -49.21 15.56
N ALA D 346 31.04 -48.50 15.20
CA ALA D 346 31.26 -47.16 15.71
C ALA D 346 30.60 -46.13 14.78
N PHE D 347 30.56 -44.88 15.24
CA PHE D 347 29.93 -43.81 14.48
C PHE D 347 30.85 -43.35 13.37
N PRO D 348 30.35 -43.16 12.15
CA PRO D 348 31.22 -42.81 11.02
C PRO D 348 31.92 -41.48 11.22
N VAL D 349 33.02 -41.31 10.48
CA VAL D 349 33.73 -40.04 10.38
C VAL D 349 33.99 -39.79 8.90
N ALA D 350 33.48 -38.66 8.38
CA ALA D 350 33.65 -38.35 6.97
C ALA D 350 35.12 -38.19 6.59
N GLY D 351 35.98 -37.87 7.55
CA GLY D 351 37.40 -37.78 7.26
C GLY D 351 38.03 -39.12 6.96
N HIS D 352 37.50 -40.20 7.52
CA HIS D 352 37.98 -41.54 7.19
C HIS D 352 37.37 -41.98 5.86
N PRO D 353 38.18 -42.22 4.82
CA PRO D 353 37.62 -42.60 3.53
C PRO D 353 36.85 -43.91 3.56
N GLU D 354 36.98 -44.70 4.62
CA GLU D 354 36.24 -45.96 4.72
C GLU D 354 34.78 -45.73 5.06
N ASP D 355 34.51 -44.84 6.02
CA ASP D 355 33.14 -44.51 6.39
C ASP D 355 32.49 -43.70 5.28
N LEU D 356 31.36 -44.17 4.78
CA LEU D 356 30.75 -43.62 3.57
C LEU D 356 29.31 -43.20 3.84
N VAL D 357 28.81 -42.35 2.94
CA VAL D 357 27.42 -41.93 2.95
C VAL D 357 26.62 -42.99 2.19
N ILE D 358 25.78 -43.73 2.92
CA ILE D 358 25.06 -44.85 2.32
C ILE D 358 23.84 -44.38 1.58
N GLN D 359 22.99 -43.58 2.24
CA GLN D 359 21.70 -43.20 1.68
C GLN D 359 21.39 -41.74 1.98
N ILE D 360 20.57 -41.15 1.10
CA ILE D 360 20.14 -39.76 1.22
C ILE D 360 18.68 -39.70 0.78
N SER D 361 17.77 -39.48 1.72
CA SER D 361 16.37 -39.26 1.42
C SER D 361 16.15 -37.78 1.13
N CYS D 362 15.41 -37.50 0.05
CA CYS D 362 15.31 -36.14 -0.48
C CYS D 362 13.92 -35.96 -1.08
N LEU D 363 13.06 -35.19 -0.42
CA LEU D 363 11.67 -34.99 -0.81
C LEU D 363 11.43 -33.54 -1.17
N LEU D 364 10.70 -33.32 -2.26
CA LEU D 364 10.54 -32.00 -2.83
C LEU D 364 9.08 -31.59 -2.72
N TYR D 365 8.85 -30.47 -2.04
CA TYR D 365 7.55 -29.86 -1.85
C TYR D 365 7.48 -28.53 -2.60
N ASP D 366 6.27 -28.14 -2.96
CA ASP D 366 5.99 -26.83 -3.54
C ASP D 366 5.44 -25.92 -2.44
N LEU D 367 6.14 -24.82 -2.18
CA LEU D 367 5.83 -23.97 -1.02
C LEU D 367 4.56 -23.15 -1.22
N SER D 368 4.12 -22.93 -2.46
CA SER D 368 2.87 -22.21 -2.67
C SER D 368 1.66 -23.09 -2.45
N THR D 369 1.81 -24.41 -2.60
CA THR D 369 0.72 -25.36 -2.46
C THR D 369 0.89 -26.29 -1.28
N THR D 370 1.96 -26.13 -0.49
CA THR D 370 2.37 -27.01 0.61
C THR D 370 2.11 -28.48 0.32
N ALA D 371 2.39 -28.91 -0.92
CA ALA D 371 2.17 -30.28 -1.34
C ALA D 371 3.49 -30.97 -1.67
N LEU D 372 3.59 -32.25 -1.32
CA LEU D 372 4.75 -33.04 -1.67
C LEU D 372 4.67 -33.42 -3.14
N GLU D 373 5.67 -33.03 -3.92
CA GLU D 373 5.67 -33.25 -5.36
C GLU D 373 6.61 -34.35 -5.82
N HIS D 374 7.74 -34.56 -5.14
CA HIS D 374 8.64 -35.63 -5.53
C HIS D 374 9.25 -36.27 -4.29
N VAL D 375 9.59 -37.55 -4.43
CA VAL D 375 10.29 -38.30 -3.38
C VAL D 375 11.46 -39.02 -4.05
N LEU D 376 12.65 -38.90 -3.47
CA LEU D 376 13.85 -39.48 -4.06
C LEU D 376 14.67 -40.14 -2.97
N LEU D 377 15.23 -41.31 -3.28
CA LEU D 377 16.12 -42.02 -2.37
C LEU D 377 17.42 -42.33 -3.09
N PHE D 378 18.51 -41.74 -2.61
CA PHE D 378 19.84 -42.05 -3.12
C PHE D 378 20.44 -43.16 -2.27
N SER D 379 20.90 -44.22 -2.91
CA SER D 379 21.35 -45.39 -2.17
C SER D 379 22.58 -46.01 -2.82
N LEU D 380 23.51 -46.48 -1.99
CA LEU D 380 24.65 -47.25 -2.47
C LEU D 380 24.33 -48.73 -2.44
N GLY D 381 24.13 -49.33 -3.61
CA GLY D 381 23.88 -50.75 -3.73
C GLY D 381 22.48 -51.15 -4.13
N SER D 382 21.61 -50.18 -4.45
CA SER D 382 20.22 -50.39 -4.85
C SER D 382 19.37 -51.02 -3.75
N CYS D 383 18.07 -50.79 -3.80
CA CYS D 383 17.17 -51.27 -2.77
C CYS D 383 15.79 -51.49 -3.38
N ASP D 384 14.94 -52.17 -2.62
CA ASP D 384 13.51 -52.29 -2.89
C ASP D 384 12.77 -51.84 -1.66
N LEU D 385 11.95 -50.80 -1.81
CA LEU D 385 11.24 -50.24 -0.66
C LEU D 385 10.24 -51.26 -0.12
N PRO D 386 10.14 -51.40 1.20
CA PRO D 386 9.15 -52.32 1.78
C PRO D 386 7.74 -52.00 1.29
N GLU D 387 6.91 -53.05 1.20
CA GLU D 387 5.57 -52.90 0.67
C GLU D 387 4.62 -52.26 1.68
N SER D 388 4.86 -52.45 2.98
CA SER D 388 4.09 -51.73 3.99
C SER D 388 4.30 -50.23 3.83
N HIS D 389 5.56 -49.81 3.69
CA HIS D 389 5.87 -48.40 3.48
C HIS D 389 5.22 -47.87 2.21
N LEU D 390 5.48 -48.54 1.08
CA LEU D 390 4.99 -48.04 -0.21
C LEU D 390 3.47 -48.00 -0.25
N ASN D 391 2.81 -48.98 0.38
CA ASN D 391 1.36 -48.95 0.45
C ASN D 391 0.87 -47.80 1.33
N GLU D 392 1.53 -47.58 2.47
CA GLU D 392 1.20 -46.44 3.32
C GLU D 392 1.28 -45.13 2.53
N LEU D 393 2.39 -44.91 1.83
CA LEU D 393 2.57 -43.70 1.05
C LEU D 393 1.50 -43.56 -0.02
N ALA D 394 1.35 -44.59 -0.87
CA ALA D 394 0.34 -44.52 -1.93
C ALA D 394 -1.07 -44.32 -1.38
N ALA D 395 -1.30 -44.72 -0.13
CA ALA D 395 -2.60 -44.50 0.50
C ALA D 395 -2.75 -43.08 1.04
N ARG D 396 -1.64 -42.44 1.39
CA ARG D 396 -1.67 -41.05 1.87
C ARG D 396 -1.60 -40.05 0.73
N GLY D 397 -2.02 -40.46 -0.47
CA GLY D 397 -2.04 -39.56 -1.62
C GLY D 397 -0.68 -39.14 -2.16
N LEU D 398 0.39 -39.49 -1.46
CA LEU D 398 1.73 -39.08 -1.82
C LEU D 398 2.17 -39.77 -3.12
N PRO D 399 3.24 -39.29 -3.75
CA PRO D 399 3.74 -39.95 -4.96
C PRO D 399 4.53 -41.21 -4.62
N THR D 400 4.83 -41.97 -5.68
CA THR D 400 5.57 -43.21 -5.54
C THR D 400 7.07 -42.93 -5.54
N PRO D 401 7.80 -43.30 -4.48
CA PRO D 401 9.24 -42.99 -4.43
C PRO D 401 10.01 -43.55 -5.62
N VAL D 402 11.06 -42.83 -5.99
CA VAL D 402 11.94 -43.21 -7.09
C VAL D 402 13.35 -43.38 -6.51
N VAL D 403 13.86 -44.59 -6.57
CA VAL D 403 15.17 -44.90 -6.00
C VAL D 403 16.24 -44.75 -7.08
N LEU D 404 17.42 -44.27 -6.67
CA LEU D 404 18.55 -44.09 -7.55
C LEU D 404 19.69 -44.96 -7.05
N GLU D 405 20.09 -45.95 -7.86
CA GLU D 405 21.14 -46.87 -7.49
C GLU D 405 22.49 -46.37 -8.01
N PHE D 406 23.50 -46.47 -7.15
CA PHE D 406 24.85 -46.04 -7.48
C PHE D 406 25.85 -47.12 -7.12
N ASP D 407 26.94 -47.19 -7.88
CA ASP D 407 28.01 -48.13 -7.59
C ASP D 407 29.05 -47.56 -6.62
N SER D 408 29.27 -46.26 -6.65
CA SER D 408 30.26 -45.61 -5.80
C SER D 408 29.62 -44.48 -5.03
N GLU D 409 30.36 -43.98 -4.02
CA GLU D 409 29.88 -42.84 -3.26
C GLU D 409 29.99 -41.55 -4.06
N PHE D 410 31.09 -41.38 -4.81
CA PHE D 410 31.26 -40.16 -5.60
C PHE D 410 30.15 -39.99 -6.63
N GLU D 411 29.72 -41.08 -7.27
CA GLU D 411 28.63 -40.98 -8.24
C GLU D 411 27.33 -40.55 -7.56
N MET D 412 27.07 -41.10 -6.38
CA MET D 412 25.88 -40.75 -5.61
C MET D 412 25.90 -39.28 -5.23
N LEU D 413 26.98 -38.83 -4.60
CA LEU D 413 27.08 -37.44 -4.17
C LEU D 413 27.04 -36.48 -5.36
N LEU D 414 27.76 -36.81 -6.43
CA LEU D 414 27.72 -35.98 -7.64
C LEU D 414 26.30 -35.87 -8.18
N ALA D 415 25.52 -36.95 -8.10
CA ALA D 415 24.13 -36.88 -8.54
C ALA D 415 23.30 -36.01 -7.61
N PHE D 416 23.58 -36.05 -6.30
CA PHE D 416 22.84 -35.22 -5.35
C PHE D 416 23.09 -33.74 -5.60
N MET D 417 24.37 -33.36 -5.72
CA MET D 417 24.69 -31.96 -5.98
C MET D 417 24.22 -31.50 -7.34
N THR D 418 24.24 -32.40 -8.33
CA THR D 418 23.67 -32.05 -9.64
C THR D 418 22.16 -31.85 -9.56
N LEU D 419 21.48 -32.60 -8.69
CA LEU D 419 20.08 -32.33 -8.41
C LEU D 419 19.92 -30.94 -7.78
N VAL D 420 20.74 -30.65 -6.77
CA VAL D 420 20.68 -29.34 -6.11
C VAL D 420 20.84 -28.21 -7.11
N LYS D 421 21.78 -28.36 -8.05
CA LYS D 421 22.05 -27.30 -9.01
C LYS D 421 20.99 -27.21 -10.11
N GLN D 422 20.46 -28.35 -10.56
CA GLN D 422 19.50 -28.36 -11.65
C GLN D 422 18.08 -28.01 -11.21
N TYR D 423 17.60 -28.66 -10.15
CA TYR D 423 16.27 -28.36 -9.63
C TYR D 423 16.26 -27.01 -8.90
N GLY D 424 17.39 -26.62 -8.33
CA GLY D 424 17.53 -25.35 -7.67
C GLY D 424 16.49 -25.10 -6.60
N PRO D 425 16.57 -25.85 -5.51
CA PRO D 425 15.61 -25.64 -4.41
C PRO D 425 15.86 -24.29 -3.77
N GLU D 426 14.87 -23.40 -3.87
CA GLU D 426 15.01 -22.10 -3.24
C GLU D 426 15.11 -22.24 -1.73
N PHE D 427 14.44 -23.25 -1.15
CA PHE D 427 14.51 -23.50 0.28
C PHE D 427 14.90 -24.94 0.55
N VAL D 428 15.61 -25.16 1.65
CA VAL D 428 16.19 -26.44 1.99
C VAL D 428 16.07 -26.65 3.50
N THR D 429 15.51 -27.79 3.90
CA THR D 429 15.26 -28.07 5.31
C THR D 429 15.56 -29.52 5.62
N GLY D 430 15.68 -29.78 6.92
CA GLY D 430 15.93 -31.11 7.45
C GLY D 430 15.89 -31.08 8.97
N TYR D 431 16.67 -31.95 9.61
CA TYR D 431 16.77 -31.95 11.06
C TYR D 431 18.22 -32.18 11.47
N ASN D 432 18.74 -31.29 12.30
CA ASN D 432 20.17 -31.25 12.67
C ASN D 432 21.05 -31.38 11.43
N ILE D 433 20.63 -30.73 10.34
CA ILE D 433 21.42 -30.73 9.11
C ILE D 433 22.50 -29.68 9.11
N ILE D 434 22.58 -28.86 10.17
CA ILE D 434 23.67 -27.89 10.29
C ILE D 434 24.89 -28.52 10.93
N ASN D 435 24.70 -29.42 11.89
CA ASN D 435 25.81 -30.02 12.62
C ASN D 435 26.20 -31.40 12.10
N PHE D 436 25.39 -32.02 11.24
CA PHE D 436 25.72 -33.36 10.77
C PHE D 436 25.66 -33.49 9.25
N ASP D 437 24.46 -33.39 8.68
CA ASP D 437 24.24 -33.82 7.30
C ASP D 437 25.10 -33.02 6.32
N TRP D 438 24.90 -31.70 6.27
CA TRP D 438 25.70 -30.87 5.38
C TRP D 438 27.20 -30.92 5.67
N PRO D 439 27.65 -30.82 6.92
CA PRO D 439 29.11 -30.94 7.16
C PRO D 439 29.69 -32.26 6.68
N PHE D 440 28.94 -33.36 6.86
CA PHE D 440 29.40 -34.65 6.37
C PHE D 440 29.52 -34.64 4.85
N LEU D 441 28.44 -34.24 4.16
CA LEU D 441 28.45 -34.26 2.70
C LEU D 441 29.58 -33.40 2.13
N LEU D 442 29.73 -32.18 2.66
CA LEU D 442 30.71 -31.25 2.11
C LEU D 442 32.13 -31.61 2.51
N ALA D 443 32.32 -32.23 3.67
CA ALA D 443 33.64 -32.76 4.01
C ALA D 443 34.01 -33.89 3.08
N LYS D 444 33.04 -34.72 2.70
CA LYS D 444 33.28 -35.76 1.72
C LYS D 444 33.66 -35.16 0.37
N LEU D 445 32.89 -34.18 -0.09
CA LEU D 445 33.16 -33.56 -1.39
C LEU D 445 34.44 -32.73 -1.40
N THR D 446 34.94 -32.33 -0.23
CA THR D 446 36.11 -31.46 -0.17
C THR D 446 37.39 -32.24 0.16
N ASP D 447 37.47 -32.76 1.37
CA ASP D 447 38.71 -33.38 1.81
C ASP D 447 39.00 -34.69 1.09
N ILE D 448 37.97 -35.37 0.61
CA ILE D 448 38.11 -36.68 0.01
C ILE D 448 38.19 -36.56 -1.51
N TYR D 449 37.13 -36.05 -2.14
CA TYR D 449 37.03 -36.05 -3.59
C TYR D 449 37.54 -34.76 -4.24
N LYS D 450 37.94 -33.77 -3.44
CA LYS D 450 38.40 -32.48 -3.95
C LYS D 450 37.47 -31.93 -5.03
N VAL D 451 36.33 -31.38 -4.62
CA VAL D 451 35.31 -30.89 -5.53
C VAL D 451 35.04 -29.42 -5.22
N PRO D 452 34.94 -28.55 -6.22
CA PRO D 452 34.59 -27.16 -5.96
C PRO D 452 33.09 -26.98 -5.74
N LEU D 453 32.76 -26.16 -4.75
CA LEU D 453 31.36 -25.90 -4.37
C LEU D 453 30.81 -24.59 -4.91
N ASP D 454 31.70 -23.66 -5.29
CA ASP D 454 31.31 -22.28 -5.57
C ASP D 454 30.34 -22.12 -6.73
N GLY D 455 30.05 -23.18 -7.47
CA GLY D 455 29.08 -23.09 -8.54
C GLY D 455 27.80 -23.83 -8.22
N TYR D 456 27.83 -24.65 -7.18
CA TYR D 456 26.69 -25.51 -6.87
C TYR D 456 25.60 -24.81 -6.07
N GLY D 457 25.70 -23.50 -5.90
CA GLY D 457 24.62 -22.68 -5.40
C GLY D 457 23.73 -22.18 -6.51
N ARG D 458 23.16 -21.00 -6.32
CA ARG D 458 22.40 -20.35 -7.39
C ARG D 458 23.33 -19.69 -8.40
N MET D 459 24.48 -19.20 -7.97
CA MET D 459 25.49 -18.69 -8.89
C MET D 459 26.19 -19.84 -9.59
N ASN D 460 26.46 -19.66 -10.88
CA ASN D 460 27.21 -20.64 -11.64
C ASN D 460 28.65 -20.79 -11.17
N GLY D 461 29.13 -19.87 -10.35
CA GLY D 461 30.50 -19.94 -9.86
C GLY D 461 30.80 -18.74 -9.00
N ARG D 462 31.85 -18.91 -8.17
CA ARG D 462 32.35 -17.88 -7.26
C ARG D 462 31.37 -17.56 -6.13
N GLY D 463 30.43 -18.45 -5.86
CA GLY D 463 29.44 -18.25 -4.81
C GLY D 463 29.93 -18.64 -3.43
N VAL D 464 28.97 -18.84 -2.53
CA VAL D 464 29.25 -19.09 -1.12
C VAL D 464 28.62 -20.42 -0.72
N PHE D 465 29.42 -21.30 -0.10
CA PHE D 465 28.94 -22.64 0.24
C PHE D 465 29.65 -23.18 1.48
N ARG D 466 29.91 -22.33 2.46
CA ARG D 466 30.60 -22.75 3.68
C ARG D 466 29.60 -23.08 4.79
N VAL D 467 30.09 -23.79 5.81
CA VAL D 467 29.28 -24.26 6.93
C VAL D 467 30.13 -24.18 8.19
N TRP D 468 30.66 -22.98 8.49
CA TRP D 468 31.52 -22.86 9.64
C TRP D 468 30.70 -22.96 10.92
N ASP D 469 31.25 -23.67 11.90
CA ASP D 469 30.59 -23.94 13.17
C ASP D 469 31.29 -23.18 14.28
N ILE D 470 30.85 -23.43 15.51
CA ILE D 470 31.35 -22.69 16.66
C ILE D 470 32.82 -23.01 16.92
N LYS D 477 29.18 -17.79 18.18
CA LYS D 477 28.23 -18.15 19.23
C LYS D 477 27.12 -19.08 18.72
N ARG D 478 27.21 -19.48 17.45
CA ARG D 478 26.22 -20.36 16.85
C ARG D 478 26.74 -20.87 15.51
N SER D 479 26.47 -22.14 15.21
CA SER D 479 26.85 -22.72 13.94
C SER D 479 25.82 -22.37 12.87
N LYS D 480 26.30 -22.06 11.67
CA LYS D 480 25.42 -21.60 10.60
C LYS D 480 25.89 -22.18 9.27
N ILE D 481 24.93 -22.24 8.32
CA ILE D 481 25.19 -22.66 6.95
C ILE D 481 24.66 -21.59 6.02
N LYS D 482 25.53 -21.04 5.17
CA LYS D 482 25.16 -19.99 4.22
C LYS D 482 25.47 -20.47 2.81
N VAL D 483 24.45 -20.53 1.97
CA VAL D 483 24.58 -20.92 0.57
C VAL D 483 23.83 -19.90 -0.27
N ASN D 484 24.50 -19.34 -1.27
CA ASN D 484 23.91 -18.27 -2.08
C ASN D 484 22.68 -18.78 -2.81
N GLY D 485 21.58 -18.05 -2.68
CA GLY D 485 20.33 -18.40 -3.31
C GLY D 485 19.63 -19.59 -2.70
N MET D 486 20.13 -20.13 -1.60
CA MET D 486 19.56 -21.33 -0.98
C MET D 486 19.31 -21.03 0.49
N VAL D 487 18.04 -21.06 0.89
CA VAL D 487 17.64 -20.70 2.25
C VAL D 487 17.58 -21.98 3.07
N ASN D 488 18.54 -22.15 3.97
CA ASN D 488 18.59 -23.33 4.83
C ASN D 488 17.86 -23.03 6.13
N ILE D 489 16.83 -23.81 6.44
CA ILE D 489 16.07 -23.65 7.67
C ILE D 489 16.17 -24.97 8.42
N ASP D 490 17.03 -25.01 9.45
CA ASP D 490 17.21 -26.21 10.25
C ASP D 490 16.09 -26.32 11.27
N MET D 491 15.15 -27.25 11.03
CA MET D 491 14.01 -27.41 11.93
C MET D 491 14.44 -27.72 13.36
N TYR D 492 15.66 -28.20 13.57
CA TYR D 492 16.16 -28.44 14.92
C TYR D 492 16.08 -27.17 15.76
N GLY D 493 16.75 -26.11 15.31
CA GLY D 493 16.68 -24.85 16.04
C GLY D 493 15.27 -24.32 16.17
N ILE D 494 14.49 -24.41 15.10
CA ILE D 494 13.09 -23.97 15.13
C ILE D 494 12.36 -24.62 16.31
N ILE D 495 12.57 -25.92 16.48
CA ILE D 495 11.88 -26.64 17.55
C ILE D 495 12.46 -26.29 18.91
N THR D 496 13.79 -26.12 19.00
CA THR D 496 14.38 -25.72 20.27
C THR D 496 13.89 -24.35 20.72
N ASP D 497 13.47 -23.50 19.80
CA ASP D 497 12.92 -22.20 20.16
C ASP D 497 11.41 -22.21 20.37
N LYS D 498 10.69 -23.11 19.70
CA LYS D 498 9.24 -23.11 19.76
C LYS D 498 8.66 -24.06 20.81
N ILE D 499 9.36 -25.14 21.14
CA ILE D 499 8.85 -26.18 22.04
C ILE D 499 9.81 -26.37 23.20
N LYS D 500 9.25 -26.74 24.35
CA LYS D 500 9.99 -26.90 25.60
C LYS D 500 10.05 -28.38 25.96
N LEU D 501 11.24 -28.98 25.81
CA LEU D 501 11.43 -30.41 26.07
C LEU D 501 12.72 -30.63 26.83
N SER D 502 12.94 -31.90 27.21
CA SER D 502 14.20 -32.32 27.81
C SER D 502 15.15 -32.92 26.78
N SER D 503 14.63 -33.54 25.73
CA SER D 503 15.45 -34.08 24.65
C SER D 503 14.74 -33.87 23.32
N TYR D 504 15.51 -33.54 22.30
CA TYR D 504 15.00 -33.18 20.98
C TYR D 504 15.38 -34.21 19.92
N LYS D 505 15.31 -35.50 20.26
CA LYS D 505 15.38 -36.53 19.25
C LYS D 505 14.15 -36.44 18.35
N LEU D 506 14.35 -36.64 17.04
CA LEU D 506 13.29 -36.37 16.08
C LEU D 506 12.02 -37.15 16.41
N ASN D 507 12.16 -38.37 16.92
CA ASN D 507 10.98 -39.17 17.23
C ASN D 507 10.26 -38.63 18.47
N ALA D 508 11.00 -38.23 19.50
CA ALA D 508 10.38 -37.64 20.68
C ALA D 508 9.60 -36.37 20.31
N VAL D 509 10.22 -35.50 19.51
CA VAL D 509 9.56 -34.29 19.03
C VAL D 509 8.32 -34.66 18.21
N ALA D 510 8.44 -35.68 17.36
CA ALA D 510 7.30 -36.09 16.53
C ALA D 510 6.12 -36.53 17.39
N GLU D 511 6.38 -37.44 18.34
CA GLU D 511 5.31 -37.90 19.22
C GLU D 511 4.73 -36.75 20.04
N ALA D 512 5.58 -35.80 20.44
CA ALA D 512 5.13 -34.73 21.32
C ALA D 512 4.32 -33.66 20.59
N VAL D 513 4.61 -33.42 19.32
CA VAL D 513 3.98 -32.33 18.57
C VAL D 513 2.86 -32.83 17.66
N LEU D 514 3.12 -33.89 16.90
CA LEU D 514 2.13 -34.42 15.97
C LEU D 514 1.29 -35.53 16.56
N LYS D 515 1.60 -35.99 17.78
CA LYS D 515 0.95 -37.15 18.37
C LYS D 515 1.04 -38.36 17.45
N ASP D 516 2.19 -38.50 16.80
CA ASP D 516 2.46 -39.57 15.84
C ASP D 516 3.82 -40.15 16.17
N LYS D 517 3.84 -41.24 16.94
CA LYS D 517 5.09 -41.91 17.25
C LYS D 517 5.58 -42.70 16.05
N LYS D 518 6.90 -42.69 15.85
CA LYS D 518 7.51 -43.43 14.74
C LYS D 518 8.82 -44.05 15.22
N LYS D 519 9.32 -44.99 14.43
CA LYS D 519 10.43 -45.83 14.85
C LYS D 519 11.77 -45.11 14.78
N ASP D 520 12.61 -45.36 15.78
CA ASP D 520 13.98 -44.89 15.80
C ASP D 520 14.87 -45.84 15.00
N LEU D 521 16.10 -45.39 14.73
CA LEU D 521 17.06 -46.24 14.02
C LEU D 521 18.46 -45.82 14.48
N SER D 522 18.96 -46.49 15.51
CA SER D 522 20.30 -46.20 15.99
C SER D 522 21.34 -46.60 14.94
N TYR D 523 22.54 -46.03 15.08
CA TYR D 523 23.62 -46.34 14.15
C TYR D 523 24.20 -47.73 14.38
N ARG D 524 23.99 -48.31 15.56
CA ARG D 524 24.49 -49.65 15.84
C ARG D 524 23.94 -50.70 14.89
N ASP D 525 22.77 -50.46 14.30
CA ASP D 525 22.10 -51.44 13.45
C ASP D 525 22.39 -51.25 11.96
N ILE D 526 23.20 -50.27 11.59
CA ILE D 526 23.39 -49.94 10.17
C ILE D 526 24.13 -51.03 9.40
N PRO D 527 25.27 -51.56 9.89
CA PRO D 527 25.97 -52.56 9.07
C PRO D 527 25.14 -53.81 8.82
N ALA D 528 24.46 -54.32 9.84
CA ALA D 528 23.63 -55.50 9.69
C ALA D 528 22.51 -55.26 8.68
N TYR D 529 21.77 -54.16 8.84
CA TYR D 529 20.69 -53.84 7.91
C TYR D 529 21.20 -53.63 6.50
N TYR D 530 22.44 -53.16 6.35
CA TYR D 530 22.99 -52.94 5.01
C TYR D 530 23.35 -54.25 4.34
N ALA D 531 24.09 -55.12 5.04
CA ALA D 531 24.65 -56.30 4.39
C ALA D 531 23.58 -57.31 3.98
N ALA D 532 22.43 -57.32 4.66
CA ALA D 532 21.44 -58.36 4.43
C ALA D 532 20.83 -58.31 3.03
N GLY D 533 20.88 -57.17 2.36
CA GLY D 533 20.46 -57.10 0.98
C GLY D 533 19.65 -55.88 0.63
N PRO D 534 18.98 -55.92 -0.53
CA PRO D 534 18.22 -54.74 -0.97
C PRO D 534 16.96 -54.49 -0.16
N ALA D 535 16.36 -55.52 0.44
CA ALA D 535 15.15 -55.32 1.22
C ALA D 535 15.47 -54.82 2.62
N GLN D 536 16.44 -55.45 3.29
CA GLN D 536 16.81 -55.04 4.63
C GLN D 536 17.58 -53.71 4.64
N ARG D 537 18.03 -53.24 3.49
CA ARG D 537 18.54 -51.87 3.37
C ARG D 537 17.45 -50.93 2.90
N GLY D 538 16.51 -51.41 2.09
CA GLY D 538 15.30 -50.66 1.82
C GLY D 538 14.52 -50.33 3.07
N VAL D 539 14.71 -51.11 4.13
CA VAL D 539 14.18 -50.73 5.44
C VAL D 539 14.85 -49.45 5.94
N ILE D 540 16.18 -49.36 5.80
CA ILE D 540 16.88 -48.12 6.15
C ILE D 540 16.35 -46.97 5.30
N GLY D 541 16.09 -47.23 4.01
CA GLY D 541 15.51 -46.20 3.18
C GLY D 541 14.15 -45.75 3.65
N GLU D 542 13.31 -46.70 4.09
CA GLU D 542 12.03 -46.33 4.68
C GLU D 542 12.20 -45.49 5.92
N TYR D 543 13.22 -45.78 6.73
CA TYR D 543 13.43 -45.02 7.95
C TYR D 543 13.89 -43.59 7.64
N CYS D 544 14.75 -43.41 6.65
CA CYS D 544 15.16 -42.07 6.27
C CYS D 544 13.99 -41.29 5.65
N ILE D 545 13.21 -41.94 4.79
CA ILE D 545 12.06 -41.28 4.17
C ILE D 545 11.03 -40.90 5.23
N GLN D 546 10.88 -41.71 6.27
CA GLN D 546 9.96 -41.35 7.35
C GLN D 546 10.49 -40.17 8.15
N ASP D 547 11.80 -40.17 8.45
CA ASP D 547 12.40 -39.00 9.08
C ASP D 547 12.10 -37.73 8.30
N SER D 548 12.32 -37.78 6.98
CA SER D 548 12.15 -36.59 6.16
C SER D 548 10.66 -36.20 6.06
N LEU D 549 9.77 -37.18 6.02
CA LEU D 549 8.35 -36.87 6.03
C LEU D 549 7.94 -36.16 7.31
N LEU D 550 8.44 -36.65 8.45
CA LEU D 550 8.13 -36.02 9.73
C LEU D 550 8.69 -34.61 9.80
N VAL D 551 9.94 -34.43 9.35
CA VAL D 551 10.51 -33.08 9.29
C VAL D 551 9.62 -32.17 8.43
N GLY D 552 9.24 -32.64 7.25
CA GLY D 552 8.36 -31.84 6.40
C GLY D 552 7.06 -31.46 7.09
N GLN D 553 6.44 -32.40 7.79
CA GLN D 553 5.23 -32.11 8.54
C GLN D 553 5.48 -31.02 9.58
N LEU D 554 6.60 -31.11 10.31
CA LEU D 554 6.94 -30.07 11.28
C LEU D 554 7.09 -28.71 10.61
N PHE D 555 7.86 -28.67 9.51
CA PHE D 555 8.08 -27.47 8.74
C PHE D 555 6.76 -26.79 8.39
N PHE D 556 5.87 -27.53 7.73
CA PHE D 556 4.63 -26.89 7.29
C PHE D 556 3.59 -26.77 8.39
N LYS D 557 3.85 -27.29 9.60
CA LYS D 557 3.01 -26.90 10.72
C LYS D 557 3.44 -25.55 11.27
N PHE D 558 4.75 -25.36 11.50
CA PHE D 558 5.22 -24.11 12.10
C PHE D 558 5.46 -23.01 11.07
N LEU D 559 5.59 -23.35 9.79
CA LEU D 559 5.79 -22.38 8.72
C LEU D 559 6.92 -21.38 9.03
N PRO D 560 8.12 -21.86 9.33
CA PRO D 560 9.18 -20.92 9.73
C PRO D 560 9.60 -20.00 8.60
N HIS D 561 9.42 -20.43 7.34
CA HIS D 561 9.78 -19.58 6.22
C HIS D 561 8.94 -18.30 6.21
N LEU D 562 7.64 -18.42 6.47
CA LEU D 562 6.79 -17.22 6.48
C LEU D 562 7.18 -16.29 7.62
N GLU D 563 7.44 -16.85 8.80
CA GLU D 563 7.88 -16.05 9.94
C GLU D 563 9.16 -15.28 9.64
N LEU D 564 10.19 -16.01 9.19
CA LEU D 564 11.49 -15.37 8.97
C LEU D 564 11.42 -14.38 7.81
N SER D 565 10.68 -14.70 6.76
CA SER D 565 10.54 -13.76 5.65
C SER D 565 9.85 -12.49 6.10
N ALA D 566 8.87 -12.61 7.00
CA ALA D 566 8.21 -11.42 7.53
C ALA D 566 9.17 -10.58 8.36
N VAL D 567 10.00 -11.23 9.19
CA VAL D 567 11.00 -10.49 9.96
C VAL D 567 11.95 -9.75 9.02
N ALA D 568 12.46 -10.45 8.01
CA ALA D 568 13.34 -9.82 7.04
C ALA D 568 12.68 -8.62 6.40
N ARG D 569 11.42 -8.78 5.94
CA ARG D 569 10.70 -7.67 5.35
C ARG D 569 10.65 -6.47 6.29
N LEU D 570 10.39 -6.72 7.58
CA LEU D 570 10.29 -5.61 8.52
C LEU D 570 11.63 -4.92 8.74
N ALA D 571 12.72 -5.69 8.83
CA ALA D 571 14.00 -5.15 9.28
C ALA D 571 14.89 -4.65 8.14
N GLY D 572 14.47 -4.75 6.88
CA GLY D 572 15.32 -4.33 5.79
C GLY D 572 16.57 -5.16 5.62
N ILE D 573 16.53 -6.42 6.01
CA ILE D 573 17.67 -7.31 6.02
C ILE D 573 17.32 -8.56 5.22
N ASN D 574 18.33 -9.19 4.63
CA ASN D 574 18.06 -10.33 3.77
C ASN D 574 17.79 -11.58 4.59
N ILE D 575 17.04 -12.51 4.00
CA ILE D 575 16.50 -13.66 4.73
C ILE D 575 17.60 -14.46 5.40
N THR D 576 18.74 -14.62 4.72
CA THR D 576 19.85 -15.38 5.29
C THR D 576 20.33 -14.75 6.59
N ARG D 577 20.66 -13.46 6.56
CA ARG D 577 21.08 -12.77 7.77
C ARG D 577 19.97 -12.71 8.80
N THR D 578 18.72 -12.68 8.36
CA THR D 578 17.60 -12.83 9.30
C THR D 578 17.76 -14.10 10.11
N ILE D 579 18.06 -15.21 9.43
CA ILE D 579 18.11 -16.51 10.10
C ILE D 579 19.37 -16.64 10.96
N TYR D 580 20.54 -16.54 10.33
CA TYR D 580 21.78 -17.00 10.96
C TYR D 580 22.63 -15.91 11.58
N ASP D 581 22.23 -14.64 11.49
CA ASP D 581 22.98 -13.55 12.08
C ASP D 581 22.26 -13.03 13.33
N GLY D 582 22.85 -12.02 13.97
CA GLY D 582 22.37 -11.56 15.24
C GLY D 582 20.98 -10.95 15.16
N GLN D 583 20.47 -10.58 16.34
CA GLN D 583 19.30 -9.72 16.42
C GLN D 583 19.67 -8.26 16.35
N GLN D 584 20.86 -7.91 16.85
CA GLN D 584 21.36 -6.55 16.77
C GLN D 584 21.23 -6.00 15.36
N ILE D 585 21.49 -6.84 14.34
CA ILE D 585 21.51 -6.35 12.96
C ILE D 585 20.17 -5.75 12.55
N ARG D 586 19.07 -6.26 13.10
CA ARG D 586 17.74 -5.78 12.71
C ARG D 586 17.46 -4.40 13.27
N VAL D 587 17.55 -4.26 14.59
CA VAL D 587 17.39 -2.95 15.22
C VAL D 587 18.38 -1.95 14.64
N PHE D 588 19.64 -2.38 14.46
CA PHE D 588 20.64 -1.49 13.87
C PHE D 588 20.21 -1.01 12.49
N THR D 589 19.65 -1.90 11.67
CA THR D 589 19.27 -1.49 10.33
C THR D 589 18.12 -0.48 10.37
N CYS D 590 17.07 -0.76 11.18
CA CYS D 590 15.94 0.17 11.23
C CYS D 590 16.34 1.51 11.84
N LEU D 591 17.14 1.48 12.91
CA LEU D 591 17.67 2.70 13.50
C LEU D 591 18.53 3.46 12.49
N LEU D 592 19.32 2.75 11.71
CA LEU D 592 20.13 3.39 10.67
C LEU D 592 19.26 4.13 9.67
N ARG D 593 18.18 3.49 9.22
CA ARG D 593 17.23 4.16 8.34
C ARG D 593 16.70 5.44 8.98
N LEU D 594 16.19 5.35 10.21
CA LEU D 594 15.55 6.52 10.81
C LEU D 594 16.56 7.64 11.07
N ALA D 595 17.75 7.29 11.55
CA ALA D 595 18.75 8.31 11.85
C ALA D 595 19.23 9.01 10.59
N ASP D 596 19.60 8.25 9.56
CA ASP D 596 19.96 8.87 8.29
C ASP D 596 18.84 9.76 7.78
N GLN D 597 17.58 9.32 7.98
CA GLN D 597 16.45 10.15 7.60
C GLN D 597 16.39 11.45 8.40
N LYS D 598 16.79 11.40 9.67
CA LYS D 598 16.64 12.56 10.56
C LYS D 598 17.94 13.34 10.77
N GLY D 599 18.99 13.01 10.02
CA GLY D 599 20.18 13.84 9.98
C GLY D 599 21.37 13.36 10.78
N PHE D 600 21.33 12.15 11.33
CA PHE D 600 22.43 11.60 12.09
C PHE D 600 23.26 10.67 11.22
N ILE D 601 24.39 10.22 11.77
CA ILE D 601 25.17 9.12 11.21
C ILE D 601 25.65 8.25 12.37
N LEU D 602 25.61 6.94 12.17
CA LEU D 602 25.92 5.99 13.24
C LEU D 602 27.42 5.73 13.27
N PRO D 603 28.11 6.03 14.37
CA PRO D 603 29.55 5.77 14.43
C PRO D 603 29.84 4.28 14.57
N ASP D 604 30.97 3.87 14.01
CA ASP D 604 31.41 2.49 14.12
C ASP D 604 32.29 2.35 15.36
N THR D 605 31.97 1.35 16.19
CA THR D 605 32.85 0.97 17.28
C THR D 605 33.45 -0.39 16.95
N GLN D 606 34.11 -1.00 17.95
CA GLN D 606 34.75 -2.32 17.87
C GLN D 606 36.08 -2.24 17.11
N HIS D 659 30.45 -10.84 34.77
CA HIS D 659 30.71 -9.57 34.13
C HIS D 659 29.41 -8.91 33.69
N VAL D 660 28.67 -8.37 34.67
CA VAL D 660 27.45 -7.63 34.37
C VAL D 660 27.82 -6.18 34.05
N GLY D 661 26.92 -5.50 33.35
CA GLY D 661 27.19 -4.14 32.90
C GLY D 661 26.56 -3.06 33.76
N TYR D 662 25.28 -3.23 34.09
CA TYR D 662 24.52 -2.23 34.84
C TYR D 662 23.53 -2.96 35.73
N GLN D 663 22.96 -2.23 36.69
CA GLN D 663 22.01 -2.83 37.61
C GLN D 663 20.68 -3.09 36.92
N GLY D 664 20.18 -4.31 37.05
CA GLY D 664 18.91 -4.70 36.46
C GLY D 664 17.74 -4.46 37.37
N ALA D 665 16.73 -5.31 37.24
CA ALA D 665 15.53 -5.17 38.06
C ALA D 665 15.79 -5.70 39.47
N ARG D 666 14.83 -5.46 40.36
CA ARG D 666 14.90 -5.92 41.74
C ARG D 666 13.61 -6.66 42.07
N VAL D 667 13.70 -7.96 42.28
CA VAL D 667 12.53 -8.74 42.66
C VAL D 667 12.16 -8.39 44.09
N HIS D 668 10.87 -8.12 44.32
CA HIS D 668 10.41 -7.77 45.66
C HIS D 668 10.61 -8.95 46.60
N ASP D 669 11.35 -8.72 47.68
CA ASP D 669 11.63 -9.70 48.72
C ASP D 669 10.32 -10.28 49.23
N PRO D 670 9.97 -11.50 48.82
CA PRO D 670 8.62 -12.00 49.10
C PRO D 670 8.50 -12.53 50.52
N THR D 671 7.33 -12.30 51.12
CA THR D 671 6.99 -12.98 52.37
C THR D 671 6.29 -14.28 51.97
N SER D 672 6.96 -15.40 52.25
CA SER D 672 6.63 -16.69 51.68
C SER D 672 5.38 -17.28 52.33
N GLY D 673 5.05 -18.50 51.93
CA GLY D 673 3.99 -19.26 52.55
C GLY D 673 2.82 -19.51 51.61
N PHE D 674 1.87 -20.28 52.14
CA PHE D 674 0.64 -20.64 51.43
C PHE D 674 -0.43 -19.61 51.75
N HIS D 675 -1.11 -19.11 50.70
CA HIS D 675 -2.13 -18.07 50.82
C HIS D 675 -3.43 -18.58 50.22
N VAL D 676 -4.49 -18.59 51.03
CA VAL D 676 -5.80 -19.08 50.60
C VAL D 676 -6.73 -17.92 50.27
N ASN D 677 -6.50 -16.77 50.90
CA ASN D 677 -7.24 -15.58 50.55
C ASN D 677 -6.89 -15.16 49.13
N PRO D 678 -7.78 -14.43 48.45
CA PRO D 678 -7.53 -14.07 47.05
C PRO D 678 -6.33 -13.13 46.90
N VAL D 679 -5.54 -13.37 45.87
CA VAL D 679 -4.45 -12.49 45.46
C VAL D 679 -4.67 -12.08 44.01
N VAL D 680 -4.40 -10.81 43.71
CA VAL D 680 -4.60 -10.25 42.38
C VAL D 680 -3.25 -9.93 41.75
N GLY D 681 -3.15 -10.17 40.45
CA GLY D 681 -1.91 -9.92 39.73
C GLY D 681 -2.00 -8.81 38.71
N PHE D 682 -1.44 -7.65 39.05
CA PHE D 682 -1.27 -6.56 38.12
C PHE D 682 0.09 -6.66 37.44
N ASP D 683 0.18 -6.19 36.21
CA ASP D 683 1.48 -6.10 35.54
C ASP D 683 1.39 -5.08 34.41
N PHE D 684 2.54 -4.49 34.10
CA PHE D 684 2.62 -3.49 33.05
C PHE D 684 2.67 -4.15 31.67
N ALA D 685 2.05 -3.49 30.69
CA ALA D 685 2.07 -3.95 29.32
C ALA D 685 3.29 -3.35 28.62
N SER D 686 4.26 -4.19 28.29
CA SER D 686 5.52 -3.77 27.65
C SER D 686 6.16 -2.62 28.43
N LEU D 687 6.56 -2.94 29.66
CA LEU D 687 7.02 -1.91 30.59
C LEU D 687 8.22 -1.16 30.04
N TYR D 688 9.24 -1.88 29.57
CA TYR D 688 10.47 -1.21 29.14
C TYR D 688 10.26 -0.35 27.90
N PRO D 689 9.67 -0.85 26.80
CA PRO D 689 9.44 0.04 25.64
C PRO D 689 8.61 1.25 26.00
N SER D 690 7.61 1.08 26.86
CA SER D 690 6.78 2.21 27.27
C SER D 690 7.55 3.20 28.10
N ILE D 691 8.46 2.73 28.95
CA ILE D 691 9.37 3.64 29.64
C ILE D 691 10.13 4.49 28.63
N ILE D 692 10.68 3.82 27.60
CA ILE D 692 11.47 4.52 26.60
C ILE D 692 10.63 5.56 25.87
N GLN D 693 9.42 5.19 25.45
CA GLN D 693 8.55 6.13 24.77
C GLN D 693 8.19 7.32 25.66
N ALA D 694 7.67 7.03 26.86
CA ALA D 694 7.19 8.09 27.74
C ALA D 694 8.29 9.07 28.09
N HIS D 695 9.48 8.58 28.41
CA HIS D 695 10.56 9.46 28.86
C HIS D 695 11.53 9.82 27.75
N ASN D 696 11.19 9.50 26.50
CA ASN D 696 11.91 10.04 25.34
C ASN D 696 13.39 9.69 25.39
N LEU D 697 13.70 8.51 25.90
CA LEU D 697 15.08 8.05 25.96
C LEU D 697 15.59 7.73 24.58
N CYS D 698 16.83 8.13 24.30
CA CYS D 698 17.47 7.85 23.02
C CYS D 698 18.95 8.14 23.19
N PHE D 699 19.74 7.63 22.24
CA PHE D 699 21.13 8.09 22.14
C PHE D 699 21.17 9.60 22.02
N SER D 700 20.30 10.17 21.17
CA SER D 700 20.34 11.59 20.84
C SER D 700 19.78 12.48 21.95
N THR D 701 18.96 11.94 22.85
CA THR D 701 18.34 12.72 23.90
C THR D 701 19.11 12.71 25.20
N LEU D 702 20.18 11.91 25.28
CA LEU D 702 20.97 11.77 26.50
C LEU D 702 22.01 12.88 26.59
N SER D 703 22.36 13.24 27.82
CA SER D 703 23.54 14.07 28.05
C SER D 703 24.17 13.71 29.37
N LEU D 704 25.49 13.81 29.43
CA LEU D 704 26.26 13.47 30.61
C LEU D 704 26.70 14.68 31.41
N ARG D 705 26.48 15.90 30.92
CA ARG D 705 26.99 17.11 31.54
C ARG D 705 25.88 18.15 31.65
N ALA D 706 25.90 18.87 32.77
CA ALA D 706 24.82 19.83 33.05
C ALA D 706 24.83 21.00 32.07
N ASP D 707 26.03 21.48 31.70
CA ASP D 707 26.12 22.66 30.84
C ASP D 707 25.44 22.44 29.50
N ALA D 708 25.35 21.19 29.04
CA ALA D 708 24.64 20.90 27.80
C ALA D 708 23.16 21.22 27.94
N VAL D 709 22.57 20.88 29.09
CA VAL D 709 21.15 21.09 29.33
C VAL D 709 20.90 22.30 30.24
N ALA D 710 21.95 23.04 30.59
CA ALA D 710 21.85 24.16 31.51
C ALA D 710 21.09 25.35 30.96
N HIS D 711 20.66 25.31 29.69
CA HIS D 711 19.93 26.41 29.09
C HIS D 711 18.44 26.13 28.98
N LEU D 712 17.95 25.06 29.59
CA LEU D 712 16.54 24.73 29.56
C LEU D 712 15.99 24.63 30.98
N GLU D 713 14.67 24.80 31.08
CA GLU D 713 13.98 24.75 32.37
C GLU D 713 13.85 23.29 32.79
N ALA D 714 14.35 22.98 34.00
CA ALA D 714 14.27 21.62 34.53
C ALA D 714 12.84 21.12 34.55
N GLY D 715 12.67 19.81 34.55
CA GLY D 715 11.33 19.22 34.66
C GLY D 715 10.48 19.34 33.42
N LYS D 716 10.29 20.57 32.92
CA LYS D 716 9.46 20.76 31.75
C LYS D 716 10.21 20.57 30.45
N ASP D 717 11.53 20.73 30.45
CA ASP D 717 12.32 20.56 29.23
C ASP D 717 13.23 19.35 29.25
N TYR D 718 13.62 18.85 30.42
CA TYR D 718 14.45 17.67 30.47
C TYR D 718 14.15 16.90 31.75
N LEU D 719 14.68 15.68 31.79
CA LEU D 719 14.54 14.80 32.95
C LEU D 719 15.91 14.56 33.54
N GLU D 720 16.06 14.91 34.80
CA GLU D 720 17.26 14.64 35.56
C GLU D 720 17.04 13.35 36.35
N ILE D 721 17.97 12.41 36.23
CA ILE D 721 17.81 11.14 36.94
C ILE D 721 19.19 10.62 37.32
N GLU D 722 19.28 10.11 38.55
CA GLU D 722 20.48 9.42 38.98
C GLU D 722 20.37 7.96 38.60
N VAL D 723 21.43 7.41 38.01
CA VAL D 723 21.40 6.01 37.63
C VAL D 723 22.63 5.30 38.19
N GLY D 724 23.68 5.19 37.39
CA GLY D 724 24.86 4.46 37.83
C GLY D 724 25.67 5.20 38.88
N GLY D 725 25.00 5.74 39.89
CA GLY D 725 25.68 6.60 40.83
C GLY D 725 26.21 7.87 40.22
N ARG D 726 25.63 8.30 39.11
CA ARG D 726 26.04 9.54 38.46
C ARG D 726 24.81 10.18 37.82
N ARG D 727 24.88 11.50 37.66
CA ARG D 727 23.75 12.23 37.11
C ARG D 727 23.63 12.03 35.61
N LEU D 728 22.41 11.84 35.15
CA LEU D 728 22.11 11.76 33.73
C LEU D 728 20.95 12.70 33.41
N PHE D 729 20.98 13.25 32.20
CA PHE D 729 19.92 14.12 31.70
C PHE D 729 19.36 13.51 30.42
N PHE D 730 18.04 13.51 30.30
CA PHE D 730 17.35 13.07 29.10
C PHE D 730 16.39 14.17 28.68
N VAL D 731 16.77 14.92 27.63
CA VAL D 731 15.94 16.03 27.19
C VAL D 731 14.57 15.53 26.78
N LYS D 732 13.54 16.32 27.10
CA LYS D 732 12.18 15.88 26.87
C LYS D 732 11.86 15.87 25.38
N ALA D 733 10.61 15.54 25.05
CA ALA D 733 10.26 15.19 23.68
C ALA D 733 10.32 16.42 22.77
N HIS D 734 9.63 17.49 23.16
CA HIS D 734 9.51 18.69 22.32
C HIS D 734 10.85 19.37 22.03
N VAL D 735 11.92 18.96 22.69
CA VAL D 735 13.25 19.51 22.43
C VAL D 735 13.86 18.75 21.25
N ARG D 736 14.16 17.48 21.46
CA ARG D 736 14.67 16.60 20.42
C ARG D 736 13.96 15.26 20.58
N GLU D 737 13.28 14.81 19.53
CA GLU D 737 12.50 13.59 19.64
C GLU D 737 13.40 12.36 19.57
N SER D 738 13.11 11.40 20.44
CA SER D 738 13.91 10.19 20.53
C SER D 738 13.73 9.32 19.28
N LEU D 739 14.84 8.80 18.75
CA LEU D 739 14.76 7.86 17.64
C LEU D 739 14.09 6.57 18.08
N LEU D 740 14.55 6.01 19.20
CA LEU D 740 13.96 4.78 19.72
C LEU D 740 12.46 4.94 19.93
N SER D 741 12.04 6.04 20.55
CA SER D 741 10.62 6.27 20.79
C SER D 741 9.84 6.27 19.48
N ILE D 742 10.42 6.83 18.41
CA ILE D 742 9.74 6.85 17.12
C ILE D 742 9.62 5.44 16.56
N LEU D 743 10.73 4.69 16.56
CA LEU D 743 10.68 3.29 16.15
C LEU D 743 9.58 2.54 16.88
N LEU D 744 9.55 2.67 18.21
CA LEU D 744 8.60 1.92 19.02
C LEU D 744 7.16 2.34 18.73
N ARG D 745 6.88 3.64 18.70
CA ARG D 745 5.52 4.08 18.43
C ARG D 745 5.04 3.63 17.05
N ASP D 746 5.90 3.77 16.04
CA ASP D 746 5.50 3.40 14.69
C ASP D 746 5.25 1.89 14.60
N TRP D 747 6.18 1.09 15.12
CA TRP D 747 5.98 -0.36 15.13
C TRP D 747 4.70 -0.73 15.85
N LEU D 748 4.49 -0.18 17.04
CA LEU D 748 3.30 -0.50 17.83
C LEU D 748 2.03 -0.18 17.06
N ALA D 749 1.93 1.03 16.50
CA ALA D 749 0.75 1.39 15.73
C ALA D 749 0.56 0.46 14.54
N MET D 750 1.64 0.04 13.90
CA MET D 750 1.55 -0.91 12.80
C MET D 750 0.97 -2.24 13.26
N ARG D 751 1.48 -2.74 14.39
CA ARG D 751 0.98 -3.99 14.97
C ARG D 751 -0.51 -3.88 15.28
N LYS D 752 -0.91 -2.81 15.96
CA LYS D 752 -2.32 -2.63 16.29
C LYS D 752 -3.19 -2.60 15.03
N GLN D 753 -2.70 -1.95 13.97
CA GLN D 753 -3.47 -1.91 12.72
C GLN D 753 -3.65 -3.30 12.14
N ILE D 754 -2.54 -4.01 11.90
CA ILE D 754 -2.65 -5.30 11.22
C ILE D 754 -3.42 -6.29 12.09
N ARG D 755 -3.31 -6.19 13.42
CA ARG D 755 -4.11 -7.05 14.29
C ARG D 755 -5.59 -6.66 14.23
N SER D 756 -5.88 -5.38 14.00
CA SER D 756 -7.26 -4.98 13.78
C SER D 756 -7.79 -5.45 12.43
N ARG D 757 -6.91 -5.86 11.52
CA ARG D 757 -7.38 -6.41 10.25
C ARG D 757 -7.59 -7.91 10.27
N ILE D 758 -7.28 -8.60 11.38
CA ILE D 758 -7.38 -10.05 11.42
C ILE D 758 -8.80 -10.56 11.21
N PRO D 759 -9.83 -10.07 11.96
CA PRO D 759 -11.18 -10.63 11.82
C PRO D 759 -11.71 -10.71 10.39
N GLN D 760 -11.88 -9.58 9.72
CA GLN D 760 -12.41 -9.55 8.35
C GLN D 760 -11.42 -10.10 7.31
N SER D 761 -10.60 -11.08 7.68
CA SER D 761 -9.60 -11.64 6.78
C SER D 761 -9.77 -13.15 6.71
N SER D 762 -9.62 -13.70 5.51
CA SER D 762 -9.64 -15.14 5.35
C SER D 762 -8.50 -15.75 6.16
N PRO D 763 -8.68 -16.99 6.67
CA PRO D 763 -7.61 -17.60 7.48
C PRO D 763 -6.29 -17.71 6.73
N GLU D 764 -6.34 -17.92 5.42
CA GLU D 764 -5.15 -17.85 4.60
C GLU D 764 -4.39 -16.55 4.83
N GLU D 765 -5.09 -15.41 4.70
CA GLU D 765 -4.47 -14.13 5.00
C GLU D 765 -4.13 -14.01 6.48
N ALA D 766 -4.93 -14.63 7.35
CA ALA D 766 -4.75 -14.47 8.79
C ALA D 766 -3.45 -15.08 9.28
N VAL D 767 -2.97 -16.15 8.64
CA VAL D 767 -1.66 -16.69 9.00
C VAL D 767 -0.58 -15.65 8.76
N LEU D 768 -0.58 -15.05 7.56
CA LEU D 768 0.39 -14.02 7.24
C LEU D 768 0.30 -12.86 8.22
N LEU D 769 -0.91 -12.39 8.51
CA LEU D 769 -1.07 -11.30 9.46
C LEU D 769 -0.49 -11.66 10.82
N ASP D 770 -0.70 -12.90 11.26
CA ASP D 770 -0.15 -13.31 12.56
C ASP D 770 1.38 -13.31 12.53
N LYS D 771 1.98 -13.82 11.45
CA LYS D 771 3.44 -13.76 11.33
C LYS D 771 3.93 -12.31 11.39
N GLN D 772 3.23 -11.40 10.68
CA GLN D 772 3.58 -9.98 10.71
C GLN D 772 3.60 -9.44 12.14
N GLN D 773 2.50 -9.60 12.87
CA GLN D 773 2.44 -9.04 14.22
C GLN D 773 3.47 -9.70 15.14
N ALA D 774 3.76 -10.99 14.93
CA ALA D 774 4.80 -11.64 15.71
C ALA D 774 6.15 -10.99 15.48
N ALA D 775 6.52 -10.77 14.22
CA ALA D 775 7.79 -10.10 13.92
C ALA D 775 7.87 -8.73 14.59
N ILE D 776 6.80 -7.93 14.44
CA ILE D 776 6.79 -6.60 15.05
C ILE D 776 7.04 -6.70 16.56
N LYS D 777 6.33 -7.59 17.24
CA LYS D 777 6.56 -7.75 18.68
C LYS D 777 7.99 -8.15 18.97
N VAL D 778 8.58 -8.97 18.09
CA VAL D 778 9.96 -9.42 18.29
C VAL D 778 10.91 -8.22 18.33
N VAL D 779 10.85 -7.36 17.33
CA VAL D 779 11.82 -6.27 17.27
C VAL D 779 11.52 -5.24 18.36
N CYS D 780 10.22 -4.97 18.61
CA CYS D 780 9.85 -4.05 19.68
C CYS D 780 10.49 -4.46 21.00
N ASN D 781 10.30 -5.72 21.40
CA ASN D 781 10.98 -6.18 22.61
C ASN D 781 12.49 -6.29 22.42
N SER D 782 12.98 -6.21 21.17
CA SER D 782 14.41 -6.29 20.89
C SER D 782 15.15 -4.98 21.14
N VAL D 783 14.42 -3.85 21.19
CA VAL D 783 15.08 -2.54 21.29
C VAL D 783 15.95 -2.43 22.54
N TYR D 784 15.36 -2.60 23.73
CA TYR D 784 16.08 -2.35 24.99
C TYR D 784 17.34 -3.21 25.08
N GLY D 785 17.22 -4.50 24.80
CA GLY D 785 18.37 -5.37 24.81
C GLY D 785 19.45 -4.90 23.87
N PHE D 786 19.06 -4.58 22.61
CA PHE D 786 20.02 -4.00 21.69
C PHE D 786 20.77 -2.84 22.34
N THR D 787 20.07 -2.01 23.11
CA THR D 787 20.72 -0.92 23.81
C THR D 787 21.73 -1.43 24.84
N GLY D 788 21.44 -2.54 25.50
CA GLY D 788 22.30 -2.97 26.60
C GLY D 788 23.46 -3.90 26.31
N VAL D 789 23.85 -4.04 25.04
CA VAL D 789 24.89 -5.01 24.65
C VAL D 789 26.22 -4.27 24.62
N GLN D 790 26.90 -4.28 25.77
CA GLN D 790 28.22 -3.66 25.84
C GLN D 790 29.15 -4.28 24.82
N HIS D 791 29.95 -3.42 24.17
CA HIS D 791 30.89 -3.82 23.12
C HIS D 791 30.22 -4.42 21.90
N GLY D 792 28.92 -4.18 21.72
CA GLY D 792 28.22 -4.52 20.51
C GLY D 792 28.19 -3.33 19.55
N LEU D 793 27.38 -3.46 18.51
CA LEU D 793 27.16 -2.35 17.60
C LEU D 793 26.22 -1.33 18.23
N LEU D 794 26.60 -0.06 18.10
CA LEU D 794 25.89 1.09 18.68
C LEU D 794 25.35 0.79 20.07
N PRO D 795 26.22 0.56 21.06
CA PRO D 795 25.73 0.34 22.42
C PRO D 795 25.62 1.63 23.20
N CYS D 796 24.64 1.66 24.10
CA CYS D 796 24.57 2.74 25.09
C CYS D 796 23.98 2.15 26.36
N LEU D 797 24.85 1.76 27.29
CA LEU D 797 24.38 1.20 28.54
C LEU D 797 23.62 2.22 29.39
N HIS D 798 23.89 3.51 29.21
CA HIS D 798 23.18 4.54 29.98
C HIS D 798 21.67 4.43 29.77
N VAL D 799 21.24 4.16 28.54
CA VAL D 799 19.82 4.06 28.26
C VAL D 799 19.23 2.82 28.94
N ALA D 800 19.92 1.69 28.87
CA ALA D 800 19.42 0.48 29.50
C ALA D 800 19.30 0.65 31.01
N ALA D 801 20.36 1.14 31.65
CA ALA D 801 20.34 1.34 33.09
C ALA D 801 19.28 2.35 33.49
N THR D 802 19.05 3.37 32.66
CA THR D 802 17.96 4.31 32.93
C THR D 802 16.61 3.61 32.84
N VAL D 803 16.44 2.71 31.88
CA VAL D 803 15.19 1.97 31.76
C VAL D 803 14.93 1.14 33.01
N THR D 804 15.93 0.36 33.45
CA THR D 804 15.74 -0.48 34.63
C THR D 804 15.52 0.36 35.88
N THR D 805 16.24 1.48 36.01
CA THR D 805 16.05 2.34 37.17
C THR D 805 14.64 2.92 37.22
N ILE D 806 14.12 3.34 36.06
CA ILE D 806 12.74 3.83 36.01
C ILE D 806 11.77 2.70 36.34
N GLY D 807 12.08 1.48 35.90
CA GLY D 807 11.23 0.34 36.25
C GLY D 807 11.18 0.08 37.75
N ARG D 808 12.34 0.10 38.40
CA ARG D 808 12.37 -0.04 39.85
C ARG D 808 11.56 1.05 40.54
N GLU D 809 11.83 2.31 40.18
CA GLU D 809 11.09 3.42 40.79
C GLU D 809 9.58 3.27 40.58
N MET D 810 9.17 2.81 39.40
CA MET D 810 7.74 2.68 39.09
C MET D 810 7.11 1.57 39.92
N LEU D 811 7.79 0.43 40.04
CA LEU D 811 7.26 -0.64 40.89
C LEU D 811 7.13 -0.18 42.33
N LEU D 812 8.22 0.35 42.90
CA LEU D 812 8.17 0.88 44.27
C LEU D 812 7.01 1.85 44.44
N ALA D 813 6.85 2.79 43.50
CA ALA D 813 5.80 3.79 43.63
C ALA D 813 4.41 3.18 43.54
N THR D 814 4.22 2.18 42.68
CA THR D 814 2.93 1.50 42.60
C THR D 814 2.58 0.84 43.92
N ARG D 815 3.54 0.06 44.45
CA ARG D 815 3.33 -0.58 45.75
C ARG D 815 2.97 0.44 46.83
N GLU D 816 3.81 1.47 47.01
CA GLU D 816 3.56 2.46 48.05
C GLU D 816 2.21 3.16 47.85
N TYR D 817 1.78 3.33 46.59
CA TYR D 817 0.51 4.00 46.34
C TYR D 817 -0.67 3.12 46.75
N VAL D 818 -0.64 1.83 46.40
CA VAL D 818 -1.72 0.95 46.81
C VAL D 818 -1.76 0.85 48.33
N HIS D 819 -0.59 0.68 48.96
CA HIS D 819 -0.50 0.63 50.41
C HIS D 819 -1.14 1.86 51.06
N ALA D 820 -0.71 3.05 50.62
CA ALA D 820 -1.13 4.26 51.31
C ALA D 820 -2.56 4.68 50.99
N ARG D 821 -3.02 4.40 49.77
CA ARG D 821 -4.35 4.86 49.37
C ARG D 821 -5.45 3.87 49.67
N TRP D 822 -5.13 2.57 49.76
CA TRP D 822 -6.18 1.56 49.94
C TRP D 822 -5.90 0.67 51.14
N ALA D 823 -5.23 1.20 52.16
CA ALA D 823 -5.12 0.47 53.42
C ALA D 823 -6.47 0.37 54.11
N ALA D 824 -7.28 1.43 54.02
CA ALA D 824 -8.61 1.47 54.61
C ALA D 824 -9.66 1.13 53.57
N PHE D 825 -10.65 0.32 53.98
CA PHE D 825 -11.75 -0.03 53.09
C PHE D 825 -12.60 1.18 52.72
N GLU D 826 -12.54 2.24 53.52
CA GLU D 826 -13.24 3.49 53.20
C GLU D 826 -12.92 3.94 51.78
N GLN D 827 -11.64 3.98 51.45
CA GLN D 827 -11.22 4.50 50.15
C GLN D 827 -11.64 3.56 49.02
N LEU D 828 -11.52 2.25 49.23
CA LEU D 828 -11.97 1.31 48.22
C LEU D 828 -13.43 1.57 47.90
N LEU D 829 -14.29 1.50 48.92
CA LEU D 829 -15.72 1.75 48.72
C LEU D 829 -15.94 3.10 48.04
N ALA D 830 -15.17 4.10 48.43
CA ALA D 830 -15.35 5.45 47.87
C ALA D 830 -15.08 5.47 46.38
N ASP D 831 -13.92 4.96 45.96
CA ASP D 831 -13.53 5.03 44.55
C ASP D 831 -14.43 4.15 43.68
N PHE D 832 -14.77 2.97 44.17
CA PHE D 832 -15.47 1.97 43.35
C PHE D 832 -16.75 1.52 44.05
N PRO D 833 -17.91 1.82 43.52
CA PRO D 833 -19.18 1.27 44.05
C PRO D 833 -19.34 -0.19 43.65
N GLU D 834 -18.38 -1.02 44.05
CA GLU D 834 -18.42 -2.43 43.75
C GLU D 834 -18.00 -3.32 44.91
N ALA D 835 -17.42 -2.76 45.97
CA ALA D 835 -17.05 -3.54 47.13
C ALA D 835 -18.26 -3.97 47.96
N ALA D 836 -19.45 -3.46 47.63
CA ALA D 836 -20.66 -3.91 48.31
C ALA D 836 -20.85 -5.41 48.14
N ASP D 837 -20.87 -5.88 46.89
CA ASP D 837 -21.07 -7.29 46.61
C ASP D 837 -19.74 -8.03 46.61
N MET D 838 -18.79 -7.59 47.44
CA MET D 838 -17.48 -8.22 47.49
C MET D 838 -16.82 -8.19 48.85
N ARG D 839 -17.47 -7.67 49.88
CA ARG D 839 -16.88 -7.64 51.22
C ARG D 839 -16.88 -9.05 51.81
N ALA D 840 -15.71 -9.50 52.23
CA ALA D 840 -15.56 -10.85 52.78
C ALA D 840 -15.76 -10.83 54.29
N PRO D 841 -15.92 -12.01 54.91
CA PRO D 841 -16.10 -12.06 56.37
C PRO D 841 -15.01 -11.36 57.17
N GLY D 842 -13.75 -11.75 56.94
CA GLY D 842 -12.66 -11.29 57.77
C GLY D 842 -12.43 -9.79 57.68
N PRO D 843 -11.47 -9.31 58.44
CA PRO D 843 -11.12 -7.88 58.40
C PRO D 843 -10.47 -7.53 57.07
N TYR D 844 -10.54 -6.25 56.73
CA TYR D 844 -10.04 -5.78 55.44
C TYR D 844 -8.59 -5.36 55.55
N SER D 845 -7.76 -5.89 54.64
CA SER D 845 -6.40 -5.43 54.48
C SER D 845 -6.03 -5.56 53.01
N MET D 846 -5.15 -4.68 52.55
CA MET D 846 -4.63 -4.76 51.19
C MET D 846 -3.15 -4.45 51.20
N ARG D 847 -2.34 -5.43 50.83
CA ARG D 847 -0.90 -5.33 50.93
C ARG D 847 -0.26 -6.02 49.75
N ILE D 848 0.84 -5.44 49.27
CA ILE D 848 1.62 -6.07 48.22
C ILE D 848 2.37 -7.25 48.83
N ILE D 849 2.11 -8.45 48.30
CA ILE D 849 2.75 -9.65 48.77
C ILE D 849 3.94 -10.03 47.90
N TYR D 850 3.88 -9.79 46.59
CA TYR D 850 5.00 -10.18 45.73
C TYR D 850 5.17 -9.16 44.61
N GLY D 851 6.38 -9.14 44.02
CA GLY D 851 6.68 -8.26 42.90
C GLY D 851 7.93 -8.67 42.16
N ASP D 852 7.90 -8.59 40.82
CA ASP D 852 9.01 -9.04 39.99
C ASP D 852 9.08 -8.16 38.75
N THR D 853 10.11 -7.30 38.69
CA THR D 853 10.41 -6.51 37.50
C THR D 853 9.27 -5.57 37.11
N ASP D 854 8.13 -6.14 36.72
CA ASP D 854 7.00 -5.38 36.21
C ASP D 854 5.68 -5.95 36.69
N SER D 855 5.70 -6.72 37.78
CA SER D 855 4.51 -7.38 38.27
C SER D 855 4.27 -6.97 39.72
N ILE D 856 3.01 -7.00 40.11
CA ILE D 856 2.63 -6.81 41.50
C ILE D 856 1.55 -7.83 41.83
N PHE D 857 1.77 -8.59 42.90
CA PHE D 857 0.78 -9.52 43.44
C PHE D 857 0.34 -8.95 44.77
N VAL D 858 -0.96 -8.66 44.89
CA VAL D 858 -1.54 -7.95 46.02
C VAL D 858 -2.53 -8.87 46.72
N LEU D 859 -2.44 -8.91 48.05
CA LEU D 859 -3.30 -9.75 48.87
C LEU D 859 -4.59 -9.01 49.21
N CYS D 860 -5.72 -9.73 49.15
CA CYS D 860 -7.02 -9.12 49.37
C CYS D 860 -7.73 -9.77 50.55
N ARG D 861 -7.09 -9.75 51.71
CA ARG D 861 -7.71 -10.22 52.95
C ARG D 861 -8.91 -9.34 53.28
N GLY D 862 -10.08 -9.96 53.44
CA GLY D 862 -11.31 -9.21 53.68
C GLY D 862 -12.12 -8.88 52.44
N LEU D 863 -11.71 -9.38 51.27
CA LEU D 863 -12.47 -9.20 50.04
C LEU D 863 -12.70 -10.53 49.37
N THR D 864 -13.84 -10.65 48.71
CA THR D 864 -14.22 -11.88 48.01
C THR D 864 -13.74 -11.84 46.57
N ALA D 865 -13.22 -12.97 46.09
CA ALA D 865 -12.76 -13.06 44.72
C ALA D 865 -13.92 -13.23 43.74
N ALA D 866 -15.06 -12.60 44.03
CA ALA D 866 -16.23 -12.69 43.17
C ALA D 866 -15.95 -12.05 41.82
N GLY D 867 -16.10 -10.73 41.74
CA GLY D 867 -15.71 -10.00 40.55
C GLY D 867 -14.46 -9.19 40.80
N LEU D 868 -13.51 -9.77 41.53
CA LEU D 868 -12.30 -9.05 41.88
C LEU D 868 -11.50 -8.65 40.65
N THR D 869 -11.59 -9.45 39.57
CA THR D 869 -10.93 -9.08 38.33
C THR D 869 -11.48 -7.77 37.77
N ALA D 870 -12.81 -7.69 37.63
CA ALA D 870 -13.44 -6.52 37.03
C ALA D 870 -13.21 -5.25 37.83
N MET D 871 -12.96 -5.36 39.14
CA MET D 871 -12.61 -4.19 39.94
C MET D 871 -11.12 -3.88 39.86
N GLY D 872 -10.27 -4.91 39.79
CA GLY D 872 -8.84 -4.68 39.60
C GLY D 872 -8.54 -4.00 38.28
N ASP D 873 -9.38 -4.21 37.26
CA ASP D 873 -9.23 -3.46 36.02
C ASP D 873 -9.29 -1.96 36.26
N LYS D 874 -10.39 -1.49 36.87
CA LYS D 874 -10.50 -0.09 37.23
C LYS D 874 -9.38 0.33 38.18
N MET D 875 -8.92 -0.58 39.05
CA MET D 875 -7.82 -0.25 39.94
C MET D 875 -6.57 0.12 39.16
N ALA D 876 -6.13 -0.76 38.27
CA ALA D 876 -4.92 -0.49 37.49
C ALA D 876 -5.11 0.73 36.60
N SER D 877 -6.30 0.89 36.02
CA SER D 877 -6.60 2.11 35.27
C SER D 877 -6.35 3.36 36.13
N HIS D 878 -6.89 3.36 37.35
CA HIS D 878 -6.71 4.50 38.25
C HIS D 878 -5.23 4.73 38.56
N ILE D 879 -4.50 3.66 38.90
CA ILE D 879 -3.08 3.81 39.21
C ILE D 879 -2.32 4.39 38.03
N SER D 880 -2.63 3.94 36.82
CA SER D 880 -1.98 4.44 35.62
C SER D 880 -2.25 5.92 35.43
N ARG D 881 -3.52 6.33 35.55
CA ARG D 881 -3.86 7.73 35.37
C ARG D 881 -3.31 8.62 36.46
N ALA D 882 -3.02 8.08 37.65
CA ALA D 882 -2.57 8.90 38.76
C ALA D 882 -1.05 8.96 38.90
N LEU D 883 -0.32 7.97 38.40
CA LEU D 883 1.10 7.90 38.66
C LEU D 883 2.00 8.02 37.45
N PHE D 884 1.55 7.61 36.27
CA PHE D 884 2.45 7.43 35.15
C PHE D 884 1.95 8.13 33.90
N LEU D 885 2.90 8.64 33.13
CA LEU D 885 2.73 9.27 31.84
C LEU D 885 2.54 8.22 30.76
N PRO D 886 1.73 8.52 29.73
CA PRO D 886 1.51 7.56 28.64
C PRO D 886 2.79 7.34 27.84
N PRO D 887 2.91 6.19 27.15
CA PRO D 887 1.88 5.16 27.01
C PRO D 887 1.96 4.06 28.06
N ILE D 888 2.67 4.31 29.16
CA ILE D 888 2.72 3.34 30.26
C ILE D 888 1.31 2.89 30.59
N LYS D 889 1.14 1.59 30.82
CA LYS D 889 -0.18 1.04 31.08
C LYS D 889 -0.05 -0.12 32.05
N LEU D 890 -0.82 -0.08 33.13
CA LEU D 890 -0.87 -1.16 34.11
C LEU D 890 -2.19 -1.90 33.95
N GLU D 891 -2.12 -3.21 33.83
CA GLU D 891 -3.31 -4.01 33.61
C GLU D 891 -3.48 -5.05 34.70
N CYS D 892 -4.73 -5.47 34.90
CA CYS D 892 -5.09 -6.53 35.82
C CYS D 892 -5.17 -7.82 35.02
N GLU D 893 -4.24 -8.73 35.26
CA GLU D 893 -4.10 -9.93 34.44
C GLU D 893 -4.79 -11.15 35.03
N LYS D 894 -4.55 -11.46 36.30
CA LYS D 894 -5.04 -12.72 36.86
C LYS D 894 -5.41 -12.53 38.33
N THR D 895 -6.30 -13.39 38.80
CA THR D 895 -6.70 -13.47 40.20
C THR D 895 -6.60 -14.93 40.63
N PHE D 896 -5.81 -15.20 41.67
CA PHE D 896 -5.63 -16.56 42.16
C PHE D 896 -6.55 -16.82 43.34
N THR D 897 -7.03 -18.07 43.44
CA THR D 897 -7.78 -18.47 44.62
C THR D 897 -6.84 -18.88 45.75
N LYS D 898 -5.82 -19.69 45.44
CA LYS D 898 -4.76 -20.03 46.37
C LYS D 898 -3.43 -19.86 45.65
N LEU D 899 -2.38 -19.53 46.41
CA LEU D 899 -1.07 -19.29 45.81
C LEU D 899 0.02 -19.63 46.82
N LEU D 900 1.09 -20.23 46.33
CA LEU D 900 2.20 -20.68 47.15
C LEU D 900 3.44 -19.83 46.82
N LEU D 901 3.83 -18.97 47.75
CA LEU D 901 5.04 -18.16 47.59
C LEU D 901 6.21 -18.93 48.17
N ILE D 902 7.03 -19.52 47.29
CA ILE D 902 8.13 -20.37 47.73
C ILE D 902 9.37 -19.53 48.03
N ALA D 903 9.95 -18.91 46.99
CA ALA D 903 11.11 -18.06 47.14
C ALA D 903 11.12 -17.05 46.01
N LYS D 904 12.19 -16.26 45.93
CA LYS D 904 12.31 -15.27 44.86
C LYS D 904 12.28 -15.95 43.50
N LYS D 905 11.37 -15.51 42.64
CA LYS D 905 11.23 -16.01 41.27
C LYS D 905 10.84 -17.48 41.22
N LYS D 906 10.16 -17.97 42.26
CA LYS D 906 9.67 -19.34 42.30
C LYS D 906 8.32 -19.37 43.01
N TYR D 907 7.27 -19.73 42.28
CA TYR D 907 5.93 -19.77 42.87
C TYR D 907 5.00 -20.60 41.98
N ILE D 908 3.94 -21.10 42.63
CA ILE D 908 2.89 -21.88 41.99
C ILE D 908 1.55 -21.42 42.55
N GLY D 909 0.53 -21.34 41.69
CA GLY D 909 -0.77 -20.92 42.16
C GLY D 909 -1.86 -21.43 41.25
N VAL D 910 -3.10 -21.30 41.72
CA VAL D 910 -4.28 -21.68 40.95
C VAL D 910 -5.07 -20.42 40.65
N ILE D 911 -5.28 -20.15 39.37
CA ILE D 911 -6.01 -18.98 38.94
C ILE D 911 -7.50 -19.21 39.13
N TYR D 912 -8.22 -18.15 39.50
CA TYR D 912 -9.67 -18.16 39.52
C TYR D 912 -10.18 -18.61 38.16
N GLY D 913 -10.52 -19.89 38.04
CA GLY D 913 -10.94 -20.46 36.78
C GLY D 913 -10.44 -21.88 36.61
N GLY D 914 -9.79 -22.39 37.65
CA GLY D 914 -9.29 -23.74 37.66
C GLY D 914 -7.95 -23.94 36.97
N LYS D 915 -7.42 -22.92 36.30
CA LYS D 915 -6.15 -23.07 35.61
C LYS D 915 -5.00 -22.88 36.57
N MET D 916 -3.98 -23.72 36.42
CA MET D 916 -2.81 -23.71 37.31
C MET D 916 -1.64 -23.00 36.63
N LEU D 917 -0.77 -22.43 37.46
CA LEU D 917 0.39 -21.67 37.01
C LEU D 917 1.61 -22.12 37.82
N ILE D 918 2.67 -22.47 37.11
CA ILE D 918 3.89 -23.04 37.68
C ILE D 918 5.09 -22.28 37.13
N LYS D 919 5.85 -21.62 38.01
CA LYS D 919 7.00 -20.85 37.55
C LYS D 919 8.16 -20.99 38.52
N GLY D 920 9.35 -21.26 37.98
CA GLY D 920 10.60 -21.20 38.73
C GLY D 920 11.03 -22.49 39.39
N VAL D 921 10.08 -23.36 39.74
CA VAL D 921 10.41 -24.57 40.50
C VAL D 921 11.03 -25.62 39.59
N ASP D 922 11.61 -26.65 40.21
CA ASP D 922 12.23 -27.74 39.45
C ASP D 922 11.22 -28.47 38.58
N LEU D 923 9.91 -28.27 38.81
CA LEU D 923 8.90 -28.94 38.00
C LEU D 923 8.94 -28.43 36.55
N VAL D 924 8.96 -27.11 36.37
CA VAL D 924 8.99 -26.57 35.01
C VAL D 924 10.38 -26.67 34.40
N ARG D 925 11.43 -26.72 35.23
CA ARG D 925 12.80 -26.85 34.74
C ARG D 925 12.99 -28.26 34.19
N LYS D 926 12.89 -28.40 32.87
CA LYS D 926 12.87 -29.70 32.23
C LYS D 926 14.26 -30.33 32.08
N ASN D 927 15.12 -30.20 33.10
CA ASN D 927 16.41 -30.86 33.12
C ASN D 927 16.43 -32.08 34.02
N ASN D 928 15.42 -32.26 34.86
CA ASN D 928 15.37 -33.33 35.83
C ASN D 928 14.62 -34.52 35.25
N CYS D 929 14.51 -35.58 36.05
CA CYS D 929 13.96 -36.84 35.54
C CYS D 929 12.44 -36.79 35.56
N ALA D 930 11.83 -37.38 34.53
CA ALA D 930 10.39 -37.24 34.32
C ALA D 930 9.59 -37.86 35.45
N PHE D 931 10.14 -38.88 36.11
CA PHE D 931 9.42 -39.52 37.21
C PHE D 931 9.27 -38.58 38.40
N ILE D 932 10.38 -37.95 38.83
CA ILE D 932 10.27 -36.98 39.92
C ILE D 932 9.37 -35.81 39.52
N ASN D 933 9.33 -35.49 38.23
CA ASN D 933 8.39 -34.47 37.75
C ASN D 933 6.94 -34.89 38.00
N ARG D 934 6.57 -36.08 37.52
CA ARG D 934 5.20 -36.55 37.75
C ARG D 934 4.88 -36.61 39.24
N THR D 935 5.84 -37.06 40.05
CA THR D 935 5.60 -37.16 41.50
C THR D 935 5.35 -35.79 42.13
N SER D 936 6.28 -34.84 41.93
CA SER D 936 6.09 -33.49 42.43
C SER D 936 4.79 -32.89 41.93
N ARG D 937 4.44 -33.18 40.67
CA ARG D 937 3.18 -32.73 40.10
C ARG D 937 2.00 -33.22 40.93
N ALA D 938 1.93 -34.52 41.17
CA ALA D 938 0.83 -35.06 41.97
C ALA D 938 0.81 -34.48 43.37
N LEU D 939 2.00 -34.25 43.95
CA LEU D 939 2.08 -33.61 45.27
C LEU D 939 1.39 -32.25 45.26
N VAL D 940 1.82 -31.37 44.36
CA VAL D 940 1.25 -30.02 44.28
C VAL D 940 -0.24 -30.10 43.95
N ASP D 941 -0.60 -30.92 42.97
CA ASP D 941 -1.98 -31.19 42.62
C ASP D 941 -2.83 -31.46 43.86
N LEU D 942 -2.35 -32.36 44.73
CA LEU D 942 -3.07 -32.64 45.96
C LEU D 942 -3.11 -31.41 46.86
N LEU D 943 -2.03 -30.64 46.91
CA LEU D 943 -2.04 -29.46 47.76
C LEU D 943 -3.08 -28.44 47.30
N PHE D 944 -3.40 -28.41 46.01
CA PHE D 944 -4.32 -27.40 45.49
C PHE D 944 -5.71 -27.92 45.14
N TYR D 945 -5.84 -29.20 44.81
CA TYR D 945 -7.11 -29.77 44.36
C TYR D 945 -7.71 -30.75 45.37
N ASP D 946 -7.36 -30.61 46.65
CA ASP D 946 -7.94 -31.45 47.68
C ASP D 946 -8.17 -30.60 48.92
N ASP D 947 -9.42 -30.55 49.38
CA ASP D 947 -9.77 -29.72 50.52
C ASP D 947 -9.08 -30.17 51.80
N THR D 948 -8.85 -31.47 51.96
CA THR D 948 -8.24 -31.98 53.17
C THR D 948 -6.81 -31.45 53.34
N VAL D 949 -6.01 -31.55 52.29
CA VAL D 949 -4.64 -31.04 52.36
C VAL D 949 -4.65 -29.52 52.42
N SER D 950 -5.67 -28.87 51.87
CA SER D 950 -5.78 -27.42 51.97
C SER D 950 -5.97 -26.99 53.42
N GLY D 951 -7.00 -27.51 54.08
CA GLY D 951 -7.20 -27.20 55.49
C GLY D 951 -6.01 -27.61 56.34
N ALA D 952 -5.36 -28.72 55.98
CA ALA D 952 -4.13 -29.11 56.67
C ALA D 952 -3.08 -28.01 56.55
N ALA D 953 -2.83 -27.53 55.32
CA ALA D 953 -1.90 -26.43 55.11
C ALA D 953 -2.29 -25.21 55.94
N ALA D 954 -3.60 -24.95 56.05
CA ALA D 954 -4.06 -23.89 56.93
C ALA D 954 -3.64 -24.14 58.37
N ALA D 955 -3.65 -25.39 58.80
CA ALA D 955 -3.23 -25.72 60.17
C ALA D 955 -1.73 -25.52 60.35
N LEU D 956 -0.92 -25.92 59.37
CA LEU D 956 0.51 -25.71 59.47
C LEU D 956 0.86 -24.24 59.64
N ALA D 957 0.09 -23.35 59.02
CA ALA D 957 0.42 -21.93 59.02
C ALA D 957 0.18 -21.29 60.38
N GLU D 958 -0.81 -21.76 61.13
CA GLU D 958 -1.24 -21.05 62.32
C GLU D 958 -0.19 -21.06 63.43
N ARG D 959 0.68 -22.06 63.45
CA ARG D 959 1.67 -22.20 64.50
C ARG D 959 3.09 -22.18 63.93
N PRO D 960 4.10 -21.81 64.74
CA PRO D 960 5.48 -21.75 64.23
C PRO D 960 6.05 -23.11 63.86
N ALA D 961 7.27 -23.13 63.33
CA ALA D 961 7.89 -24.37 62.86
C ALA D 961 8.59 -25.16 63.97
N GLU D 962 8.99 -24.50 65.06
CA GLU D 962 9.65 -25.23 66.15
C GLU D 962 8.65 -26.04 66.94
N GLU D 963 7.43 -25.50 67.13
CA GLU D 963 6.40 -26.23 67.87
C GLU D 963 5.99 -27.51 67.14
N TRP D 964 6.08 -27.52 65.81
CA TRP D 964 5.69 -28.69 65.04
C TRP D 964 6.77 -29.74 64.97
N LEU D 965 8.01 -29.39 65.31
CA LEU D 965 9.06 -30.40 65.40
C LEU D 965 8.78 -31.36 66.56
N ALA D 966 8.06 -30.90 67.59
CA ALA D 966 7.71 -31.71 68.74
C ALA D 966 6.26 -32.18 68.70
N ARG D 967 5.48 -31.76 67.72
CA ARG D 967 4.06 -32.07 67.61
C ARG D 967 3.78 -32.86 66.34
N PRO D 968 2.62 -33.51 66.25
CA PRO D 968 2.28 -34.25 65.04
C PRO D 968 1.50 -33.43 64.03
N LEU D 969 1.64 -33.82 62.77
CA LEU D 969 0.93 -33.19 61.67
C LEU D 969 -0.52 -33.66 61.64
N PRO D 970 -1.46 -32.79 61.25
CA PRO D 970 -2.86 -33.19 61.24
C PRO D 970 -3.12 -34.26 60.19
N GLU D 971 -4.26 -34.94 60.35
CA GLU D 971 -4.53 -36.15 59.58
C GLU D 971 -4.56 -35.89 58.07
N GLY D 972 -4.92 -34.69 57.64
CA GLY D 972 -5.05 -34.42 56.23
C GLY D 972 -3.77 -34.68 55.46
N LEU D 973 -2.63 -34.23 56.01
CA LEU D 973 -1.34 -34.44 55.37
C LEU D 973 -1.05 -35.90 55.09
N GLN D 974 -1.75 -36.82 55.76
CA GLN D 974 -1.59 -38.25 55.47
C GLN D 974 -1.73 -38.54 53.99
N ALA D 975 -2.62 -37.80 53.30
CA ALA D 975 -2.83 -38.00 51.87
C ALA D 975 -1.52 -37.96 51.09
N PHE D 976 -0.58 -37.13 51.52
CA PHE D 976 0.75 -37.10 50.89
C PHE D 976 1.39 -38.47 50.89
N GLY D 977 1.54 -39.07 52.07
CA GLY D 977 2.32 -40.27 52.29
C GLY D 977 2.18 -41.33 51.21
N ALA D 978 0.94 -41.64 50.85
CA ALA D 978 0.65 -42.60 49.79
C ALA D 978 1.49 -42.30 48.56
N VAL D 979 1.21 -41.16 47.90
CA VAL D 979 1.99 -40.74 46.74
C VAL D 979 3.47 -40.74 47.06
N LEU D 980 3.82 -40.33 48.28
CA LEU D 980 5.22 -40.28 48.68
C LEU D 980 5.81 -41.68 48.79
N VAL D 981 5.07 -42.62 49.40
CA VAL D 981 5.63 -43.95 49.63
C VAL D 981 5.53 -44.81 48.39
N ASP D 982 4.39 -44.74 47.68
CA ASP D 982 4.23 -45.44 46.41
C ASP D 982 5.40 -45.17 45.48
N ALA D 983 5.97 -43.95 45.54
CA ALA D 983 7.16 -43.63 44.75
C ALA D 983 8.21 -44.72 44.85
N HIS D 984 8.59 -45.09 46.09
CA HIS D 984 9.61 -46.12 46.28
C HIS D 984 9.31 -47.35 45.45
N ARG D 985 8.04 -47.79 45.44
CA ARG D 985 7.59 -48.88 44.58
C ARG D 985 8.12 -48.67 43.16
N ARG D 986 7.61 -47.65 42.48
CA ARG D 986 7.98 -47.39 41.09
C ARG D 986 9.49 -47.26 40.92
N ILE D 987 10.22 -46.90 41.98
CA ILE D 987 11.66 -46.79 41.88
C ILE D 987 12.31 -48.18 41.85
N THR D 988 11.97 -49.01 42.83
CA THR D 988 12.67 -50.27 43.01
C THR D 988 12.09 -51.40 42.20
N ASP D 989 10.78 -51.35 41.93
CA ASP D 989 10.10 -52.33 41.07
C ASP D 989 10.80 -52.40 39.72
N PRO D 990 11.41 -53.54 39.37
CA PRO D 990 11.95 -53.68 38.01
C PRO D 990 10.86 -53.58 36.97
N GLU D 991 11.21 -53.71 35.68
CA GLU D 991 10.34 -53.30 34.58
C GLU D 991 9.97 -51.83 34.66
N ARG D 992 10.76 -51.05 35.40
CA ARG D 992 10.61 -49.60 35.36
C ARG D 992 11.16 -49.07 34.05
N ASP D 993 10.53 -48.02 33.54
CA ASP D 993 11.00 -47.41 32.30
C ASP D 993 12.27 -46.63 32.58
N ILE D 994 13.35 -46.98 31.89
CA ILE D 994 14.59 -46.24 32.08
C ILE D 994 14.48 -44.85 31.49
N GLN D 995 13.66 -44.68 30.44
CA GLN D 995 13.42 -43.35 29.88
C GLN D 995 12.70 -42.46 30.86
N ASP D 996 11.88 -43.04 31.74
CA ASP D 996 11.24 -42.32 32.84
C ASP D 996 12.23 -41.87 33.91
N PHE D 997 13.52 -42.20 33.76
CA PHE D 997 14.51 -41.94 34.81
C PHE D 997 15.72 -41.18 34.27
N VAL D 998 15.60 -40.55 33.11
CA VAL D 998 16.73 -39.91 32.46
C VAL D 998 16.85 -38.47 32.93
N LEU D 999 18.06 -38.05 33.28
CA LEU D 999 18.39 -36.65 33.48
C LEU D 999 18.96 -36.06 32.20
N THR D 1000 18.81 -34.76 32.03
CA THR D 1000 19.29 -34.06 30.84
C THR D 1000 20.09 -32.84 31.24
N ALA D 1001 21.01 -32.45 30.37
CA ALA D 1001 21.83 -31.26 30.61
C ALA D 1001 22.36 -30.73 29.29
N GLU D 1002 22.12 -29.46 29.01
CA GLU D 1002 22.62 -28.84 27.80
C GLU D 1002 24.13 -28.69 27.86
N LEU D 1003 24.79 -28.94 26.73
CA LEU D 1003 26.22 -28.66 26.58
C LEU D 1003 26.35 -27.21 26.14
N SER D 1004 26.64 -26.33 27.10
CA SER D 1004 26.66 -24.89 26.81
C SER D 1004 27.87 -24.52 25.97
N ARG D 1005 29.07 -24.79 26.47
CA ARG D 1005 30.30 -24.38 25.81
C ARG D 1005 30.95 -25.56 25.11
N HIS D 1006 32.03 -25.27 24.39
CA HIS D 1006 33.00 -26.30 24.04
C HIS D 1006 33.65 -26.80 25.32
N PRO D 1007 33.80 -28.11 25.51
CA PRO D 1007 34.24 -28.63 26.81
C PRO D 1007 35.59 -28.08 27.29
N ARG D 1008 36.50 -27.75 26.39
CA ARG D 1008 37.78 -27.20 26.83
C ARG D 1008 37.61 -25.90 27.61
N ALA D 1009 36.50 -25.20 27.41
CA ALA D 1009 36.24 -23.93 28.09
C ALA D 1009 35.48 -24.08 29.40
N TYR D 1010 35.02 -25.28 29.73
CA TYR D 1010 34.48 -25.53 31.06
C TYR D 1010 35.60 -25.39 32.09
N THR D 1011 35.31 -24.72 33.20
CA THR D 1011 36.29 -24.58 34.27
C THR D 1011 36.13 -25.66 35.34
N ASN D 1012 34.90 -26.00 35.72
CA ASN D 1012 34.65 -27.13 36.61
C ASN D 1012 34.69 -28.40 35.78
N LYS D 1013 35.87 -29.03 35.74
CA LYS D 1013 36.06 -30.22 34.90
C LYS D 1013 35.32 -31.44 35.41
N ARG D 1014 34.61 -31.34 36.54
CA ARG D 1014 33.92 -32.48 37.14
C ARG D 1014 32.42 -32.19 37.19
N LEU D 1015 31.76 -32.44 36.05
CA LEU D 1015 30.31 -32.32 35.93
C LEU D 1015 29.77 -33.54 35.21
N ALA D 1016 28.49 -33.85 35.48
CA ALA D 1016 27.89 -35.09 35.02
C ALA D 1016 27.95 -35.23 33.50
N HIS D 1017 27.35 -34.27 32.79
CA HIS D 1017 27.31 -34.33 31.33
C HIS D 1017 28.70 -34.24 30.71
N LEU D 1018 29.68 -33.67 31.43
CA LEU D 1018 31.06 -33.70 30.96
C LEU D 1018 31.61 -35.12 31.00
N THR D 1019 31.38 -35.82 32.11
CA THR D 1019 31.76 -37.22 32.20
C THR D 1019 31.11 -38.05 31.09
N VAL D 1020 29.80 -37.86 30.89
CA VAL D 1020 29.12 -38.64 29.85
C VAL D 1020 29.63 -38.26 28.46
N TYR D 1021 30.00 -37.00 28.25
CA TYR D 1021 30.57 -36.60 26.97
C TYR D 1021 31.89 -37.31 26.71
N TYR D 1022 32.82 -37.23 27.66
CA TYR D 1022 34.13 -37.84 27.47
C TYR D 1022 34.03 -39.36 27.36
N LYS D 1023 33.12 -39.99 28.12
CA LYS D 1023 32.91 -41.42 27.99
C LYS D 1023 32.35 -41.78 26.62
N LEU D 1024 31.36 -41.03 26.14
CA LEU D 1024 30.85 -41.24 24.78
C LEU D 1024 31.95 -41.05 23.75
N MET D 1025 32.91 -40.17 24.01
CA MET D 1025 34.00 -39.93 23.07
C MET D 1025 34.98 -41.10 23.05
N ALA D 1026 35.35 -41.61 24.23
CA ALA D 1026 36.26 -42.75 24.30
C ALA D 1026 35.67 -43.98 23.63
N ARG D 1027 34.34 -44.11 23.64
CA ARG D 1027 33.65 -45.26 23.07
C ARG D 1027 33.47 -45.18 21.56
N ARG D 1028 34.05 -44.17 20.90
CA ARG D 1028 33.88 -43.98 19.46
C ARG D 1028 32.40 -43.93 19.08
N ALA D 1029 31.61 -43.25 19.89
CA ALA D 1029 30.18 -43.15 19.69
C ALA D 1029 29.85 -41.86 18.93
N GLN D 1030 28.61 -41.40 19.02
CA GLN D 1030 28.16 -40.18 18.36
C GLN D 1030 28.41 -39.01 19.30
N VAL D 1031 29.47 -38.26 19.04
CA VAL D 1031 29.82 -37.08 19.85
C VAL D 1031 28.70 -36.05 19.72
N PRO D 1032 28.10 -35.61 20.82
CA PRO D 1032 26.96 -34.69 20.72
C PRO D 1032 27.39 -33.32 20.22
N SER D 1033 26.49 -32.67 19.49
CA SER D 1033 26.77 -31.36 18.92
C SER D 1033 27.06 -30.35 20.02
N ILE D 1034 27.80 -29.30 19.66
CA ILE D 1034 28.39 -28.38 20.62
C ILE D 1034 27.35 -27.69 21.50
N LYS D 1035 26.06 -27.73 21.14
CA LYS D 1035 25.04 -27.10 21.95
C LYS D 1035 23.76 -27.92 21.98
N ASP D 1036 23.87 -29.25 21.95
CA ASP D 1036 22.72 -30.11 22.08
C ASP D 1036 22.55 -30.54 23.54
N ARG D 1037 21.54 -31.37 23.78
CA ARG D 1037 21.25 -31.86 25.12
C ARG D 1037 21.89 -33.23 25.32
N ILE D 1038 22.59 -33.40 26.43
CA ILE D 1038 23.23 -34.67 26.79
C ILE D 1038 22.34 -35.36 27.82
N PRO D 1039 21.88 -36.58 27.56
CA PRO D 1039 21.14 -37.35 28.57
C PRO D 1039 22.06 -38.29 29.33
N TYR D 1040 21.71 -38.51 30.60
CA TYR D 1040 22.50 -39.41 31.44
C TYR D 1040 21.62 -39.98 32.55
N VAL D 1041 22.12 -41.06 33.16
CA VAL D 1041 21.49 -41.69 34.31
C VAL D 1041 22.58 -42.02 35.32
N ILE D 1042 22.15 -42.35 36.54
CA ILE D 1042 23.06 -42.56 37.67
C ILE D 1042 23.05 -44.04 38.03
N VAL D 1043 24.22 -44.67 37.94
CA VAL D 1043 24.39 -46.05 38.36
C VAL D 1043 24.56 -46.11 39.87
N ALA D 1044 24.32 -47.29 40.45
CA ALA D 1044 24.62 -47.53 41.85
C ALA D 1044 26.06 -48.04 42.00
N GLN D 1045 26.66 -47.76 43.16
CA GLN D 1045 28.04 -48.12 43.40
C GLN D 1045 28.22 -49.64 43.48
N THR D 1046 29.12 -50.17 42.65
CA THR D 1046 29.50 -51.58 42.73
C THR D 1046 31.02 -51.69 42.77
N ARG D 1047 31.50 -52.93 42.87
CA ARG D 1047 32.93 -53.17 42.81
C ARG D 1047 33.47 -52.90 41.41
N GLU D 1048 32.79 -53.40 40.38
CA GLU D 1048 33.23 -53.17 39.01
C GLU D 1048 33.17 -51.68 38.66
N VAL D 1049 32.12 -50.99 39.12
CA VAL D 1049 32.00 -49.55 38.86
C VAL D 1049 33.15 -48.79 39.50
N GLU D 1050 33.39 -49.02 40.80
CA GLU D 1050 34.47 -48.32 41.49
C GLU D 1050 35.83 -48.69 40.91
N GLU D 1051 35.97 -49.91 40.39
CA GLU D 1051 37.25 -50.34 39.83
C GLU D 1051 37.52 -49.67 38.49
N THR D 1052 36.51 -49.57 37.63
CA THR D 1052 36.69 -48.85 36.38
C THR D 1052 36.87 -47.35 36.61
N VAL D 1053 36.24 -46.83 37.67
CA VAL D 1053 36.44 -45.42 38.02
C VAL D 1053 37.89 -45.17 38.44
N ALA D 1054 38.41 -46.02 39.33
CA ALA D 1054 39.81 -45.90 39.72
C ALA D 1054 40.73 -46.15 38.52
N ARG D 1055 40.29 -46.96 37.55
CA ARG D 1055 41.10 -47.22 36.37
C ARG D 1055 41.19 -45.98 35.49
N LEU D 1056 40.08 -45.28 35.29
CA LEU D 1056 40.13 -44.03 34.55
C LEU D 1056 40.95 -42.98 35.31
N ALA D 1057 40.85 -42.99 36.64
CA ALA D 1057 41.64 -42.06 37.44
C ALA D 1057 43.13 -42.30 37.25
N ALA D 1058 43.55 -43.57 37.26
CA ALA D 1058 44.96 -43.88 37.02
C ALA D 1058 45.36 -43.55 35.60
N LEU D 1059 44.44 -43.72 34.64
CA LEU D 1059 44.74 -43.37 33.26
C LEU D 1059 45.00 -41.88 33.11
N ARG D 1060 44.28 -41.05 33.86
CA ARG D 1060 44.51 -39.61 33.80
C ARG D 1060 45.89 -39.24 34.31
N GLU D 1061 46.32 -39.86 35.42
CA GLU D 1061 47.59 -39.53 36.05
C GLU D 1061 48.80 -39.81 35.16
N SER D 1106 29.01 -37.19 39.73
CA SER D 1106 29.61 -37.03 38.41
C SER D 1106 30.38 -38.28 38.02
N GLU D 1107 30.85 -39.03 39.01
CA GLU D 1107 31.47 -40.32 38.73
C GLU D 1107 30.43 -41.34 38.27
N LEU D 1108 29.25 -41.31 38.90
CA LEU D 1108 28.16 -42.24 38.58
C LEU D 1108 27.22 -41.62 37.56
N ALA D 1109 27.74 -41.45 36.34
CA ALA D 1109 26.98 -40.89 35.23
C ALA D 1109 27.23 -41.75 34.01
N GLU D 1110 26.16 -42.17 33.34
CA GLU D 1110 26.33 -43.06 32.21
C GLU D 1110 25.23 -42.83 31.18
N ASP D 1111 25.59 -43.03 29.92
CA ASP D 1111 24.64 -42.97 28.82
C ASP D 1111 23.50 -43.94 29.06
N PRO D 1112 22.24 -43.53 28.88
CA PRO D 1112 21.14 -44.50 28.94
C PRO D 1112 21.30 -45.69 28.00
N ALA D 1113 21.83 -45.49 26.79
CA ALA D 1113 21.99 -46.60 25.86
C ALA D 1113 22.98 -47.63 26.39
N TYR D 1114 24.17 -47.16 26.78
CA TYR D 1114 25.18 -48.08 27.30
C TYR D 1114 24.71 -48.76 28.58
N ALA D 1115 24.01 -48.02 29.44
CA ALA D 1115 23.56 -48.58 30.70
C ALA D 1115 22.31 -49.43 30.57
N ILE D 1116 21.69 -49.46 29.38
CA ILE D 1116 20.54 -50.35 29.17
C ILE D 1116 21.00 -51.60 28.43
N ALA D 1117 22.03 -51.46 27.59
CA ALA D 1117 22.53 -52.62 26.85
C ALA D 1117 23.46 -53.48 27.70
N HIS D 1118 24.09 -52.89 28.71
CA HIS D 1118 24.87 -53.64 29.69
C HIS D 1118 24.04 -54.04 30.90
N GLY D 1119 22.75 -53.75 30.89
CA GLY D 1119 21.88 -54.14 31.99
C GLY D 1119 22.27 -53.53 33.32
N VAL D 1120 22.87 -52.35 33.33
CA VAL D 1120 23.33 -51.76 34.58
C VAL D 1120 22.13 -51.27 35.39
N ALA D 1121 22.28 -51.34 36.71
CA ALA D 1121 21.21 -50.96 37.62
C ALA D 1121 21.44 -49.55 38.15
N LEU D 1122 20.35 -48.90 38.53
CA LEU D 1122 20.37 -47.49 38.90
C LEU D 1122 20.64 -47.33 40.39
N ASN D 1123 21.09 -46.13 40.76
CA ASN D 1123 21.24 -45.77 42.17
C ASN D 1123 19.87 -45.32 42.66
N THR D 1124 19.09 -46.27 43.16
CA THR D 1124 17.76 -45.96 43.68
C THR D 1124 17.84 -44.90 44.79
N ASP D 1125 18.87 -44.97 45.62
CA ASP D 1125 19.02 -44.02 46.73
C ASP D 1125 19.14 -42.59 46.22
N TYR D 1126 19.84 -42.39 45.10
CA TYR D 1126 19.99 -41.04 44.55
C TYR D 1126 18.65 -40.46 44.14
N TYR D 1127 17.90 -41.21 43.33
CA TYR D 1127 16.64 -40.71 42.81
C TYR D 1127 15.63 -40.47 43.93
N PHE D 1128 15.63 -41.32 44.95
CA PHE D 1128 14.71 -41.08 46.05
C PHE D 1128 15.14 -39.88 46.89
N SER D 1129 16.44 -39.74 47.13
CA SER D 1129 16.92 -38.61 47.92
C SER D 1129 16.70 -37.28 47.19
N HIS D 1130 16.67 -37.31 45.85
CA HIS D 1130 16.40 -36.09 45.10
C HIS D 1130 14.92 -35.83 44.94
N LEU D 1131 14.09 -36.87 44.95
CA LEU D 1131 12.66 -36.66 45.09
C LEU D 1131 12.36 -35.98 46.42
N LEU D 1132 13.01 -36.44 47.50
CA LEU D 1132 12.85 -35.79 48.79
C LEU D 1132 13.41 -34.37 48.77
N GLY D 1133 14.51 -34.15 48.05
CA GLY D 1133 15.04 -32.80 47.92
C GLY D 1133 14.05 -31.87 47.24
N ALA D 1134 13.46 -32.32 46.14
CA ALA D 1134 12.47 -31.51 45.44
C ALA D 1134 11.27 -31.21 46.32
N ALA D 1135 10.77 -32.22 47.05
CA ALA D 1135 9.66 -31.99 47.96
C ALA D 1135 10.03 -30.96 49.02
N CYS D 1136 11.24 -31.06 49.59
CA CYS D 1136 11.67 -30.09 50.58
C CYS D 1136 11.73 -28.67 50.02
N VAL D 1137 12.28 -28.53 48.81
CA VAL D 1137 12.40 -27.21 48.20
C VAL D 1137 11.02 -26.61 47.92
N THR D 1138 10.10 -27.43 47.42
CA THR D 1138 8.79 -26.90 47.05
C THR D 1138 7.94 -26.58 48.27
N PHE D 1139 8.08 -27.35 49.35
CA PHE D 1139 7.15 -27.23 50.47
C PHE D 1139 7.78 -26.62 51.72
N LYS D 1140 9.03 -26.15 51.65
CA LYS D 1140 9.60 -25.45 52.79
C LYS D 1140 8.79 -24.21 53.17
N ALA D 1141 7.98 -23.70 52.23
CA ALA D 1141 7.17 -22.51 52.51
C ALA D 1141 6.25 -22.73 53.71
N LEU D 1142 5.62 -23.90 53.79
CA LEU D 1142 4.66 -24.18 54.86
C LEU D 1142 5.30 -24.36 56.22
N PHE D 1143 6.64 -24.33 56.31
CA PHE D 1143 7.32 -24.48 57.59
C PHE D 1143 8.22 -23.28 57.89
N GLY D 1144 7.71 -22.08 57.68
CA GLY D 1144 8.53 -20.90 57.90
C GLY D 1144 9.78 -20.83 57.05
N ASN D 1145 9.81 -21.56 55.94
CA ASN D 1145 10.96 -21.61 55.03
C ASN D 1145 12.24 -22.03 55.76
N ASN D 1146 12.13 -23.09 56.54
CA ASN D 1146 13.29 -23.77 57.12
C ASN D 1146 13.48 -25.09 56.39
N ALA D 1147 14.72 -25.36 55.97
CA ALA D 1147 15.00 -26.57 55.21
C ALA D 1147 15.14 -27.78 56.12
N LYS D 1148 15.86 -27.63 57.23
CA LYS D 1148 16.06 -28.77 58.14
C LYS D 1148 14.74 -29.18 58.79
N ILE D 1149 13.92 -28.20 59.18
CA ILE D 1149 12.61 -28.52 59.78
C ILE D 1149 11.73 -29.22 58.76
N THR D 1150 11.82 -28.82 57.48
CA THR D 1150 10.99 -29.43 56.46
C THR D 1150 11.44 -30.85 56.15
N GLU D 1151 12.75 -31.06 56.03
CA GLU D 1151 13.27 -32.41 55.83
C GLU D 1151 12.85 -33.32 56.98
N SER D 1152 12.97 -32.83 58.22
CA SER D 1152 12.53 -33.62 59.37
C SER D 1152 11.04 -33.93 59.28
N LEU D 1153 10.20 -32.91 59.10
CA LEU D 1153 8.76 -33.11 59.06
C LEU D 1153 8.30 -33.92 57.86
N LEU D 1154 9.17 -34.14 56.87
CA LEU D 1154 8.87 -35.07 55.79
C LEU D 1154 9.34 -36.48 56.10
N LYS D 1155 10.43 -36.62 56.88
CA LYS D 1155 10.88 -37.94 57.30
C LYS D 1155 9.78 -38.75 57.97
N ARG D 1156 8.75 -38.09 58.52
CA ARG D 1156 7.59 -38.68 59.16
C ARG D 1156 6.62 -39.35 58.16
N PHE D 1157 6.99 -39.52 56.89
CA PHE D 1157 6.14 -40.23 55.94
C PHE D 1157 6.87 -41.39 55.28
N ILE D 1158 8.10 -41.67 55.67
CA ILE D 1158 8.85 -42.78 55.09
C ILE D 1158 9.42 -43.61 56.22
N PRO D 1159 9.47 -44.93 56.07
CA PRO D 1159 10.23 -45.77 57.02
C PRO D 1159 11.66 -45.25 57.18
N GLU D 1160 12.10 -45.18 58.43
CA GLU D 1160 13.42 -44.65 58.80
C GLU D 1160 14.56 -45.43 58.13
N VAL D 1161 14.29 -46.63 57.58
CA VAL D 1161 15.32 -47.35 56.84
C VAL D 1161 15.58 -46.76 55.47
N TRP D 1162 14.87 -45.69 55.09
CA TRP D 1162 15.06 -45.00 53.81
C TRP D 1162 15.77 -43.66 53.93
N HIS D 1163 15.80 -43.07 55.12
CA HIS D 1163 16.43 -41.77 55.34
C HIS D 1163 17.89 -41.77 54.88
#